data_7S11
#
_entry.id   7S11
#
_cell.length_a   124.930
_cell.length_b   154.890
_cell.length_c   306.000
_cell.angle_alpha   90.000
_cell.angle_beta   90.000
_cell.angle_gamma   90.000
#
_symmetry.space_group_name_H-M   'C 2 2 21'
#
loop_
_entity.id
_entity.type
_entity.pdbx_description
1 polymer 'T-cell surface protein tactile'
2 polymer 'Fab heavy chain'
3 polymer 'Fab light chain'
4 non-polymer 2-acetamido-2-deoxy-beta-D-glucopyranose
5 non-polymer 'SULFATE ION'
#
loop_
_entity_poly.entity_id
_entity_poly.type
_entity_poly.pdbx_seq_one_letter_code
_entity_poly.pdbx_strand_id
1 'polypeptide(L)'
;EELFNVGDDVYALPGSDINLTCQTKEKNFLVQMQWSKVTDKNDMIALYHPQYGLYCGQEHACESQVAATETEKGVTNWTL
YLRNISSALGGKYECIFTLYPEGIKTTVYNLIVEPGHHHHHH
;
C,D,E,F
2 'polypeptide(L)'
;(PCA)VQLKESGPGLVQPSQTLSLTCTVSGLSLTTNSVSWIRQPPGKGLEWMGVIWSNGGTDYNSDIKSRLSISRDTSKS
QVFLKMNSLQTEDTAMYFCARNFPYPGINFDWGQGVMVTVSSASTKGPSVFPLAPSSKSTSGGTAALGCLVKDYFPEPVT
VSWNSGALTSGVHTFPAVLQSSGLYSLSSVVTVPSSSLGTQTYICNVNHKPSNTKVDKRVEPKSCGGHHHHHH
;
H,I,J,K
3 'polypeptide(L)'
;(PCA)AVVTQESALTTLPGGTVTLTCHSSTGAVTTSNYANWIQEKADHSFTAILGGTSNRAPGTPARFSGSLLEGKAALT
ITGAQVEDEATYFCSLWYSGHLIFGGGTKLTVKRTVAAPSVFIFPPSDEQLKSGTASVVCLLNNFYPREAKVQWKVDNAL
QSGNSQESVTEQDSKDSTYSLSSTLTLSKADYEKHKVYACEVTHQGLSSPVTKSFNRGEC
;
L,M,N,O
#
# COMPACT_ATOMS: atom_id res chain seq x y z
N GLU A 2 51.28 -31.70 -4.23
CA GLU A 2 51.75 -33.08 -4.20
C GLU A 2 52.30 -33.52 -5.57
N LEU A 3 51.41 -33.71 -6.55
CA LEU A 3 51.79 -34.27 -7.85
C LEU A 3 51.64 -33.24 -8.96
N PHE A 4 52.52 -33.33 -9.97
CA PHE A 4 52.57 -32.36 -11.06
C PHE A 4 52.33 -33.04 -12.40
N ASN A 5 52.01 -32.25 -13.44
CA ASN A 5 51.29 -32.75 -14.62
C ASN A 5 51.62 -31.90 -15.87
N VAL A 6 52.88 -31.95 -16.32
CA VAL A 6 53.48 -31.05 -17.32
C VAL A 6 53.05 -29.59 -17.11
N GLY A 7 52.67 -28.91 -18.18
CA GLY A 7 52.26 -27.52 -18.13
C GLY A 7 53.38 -26.65 -18.64
N ASP A 8 53.08 -25.62 -19.45
CA ASP A 8 54.16 -25.02 -20.19
C ASP A 8 54.42 -23.58 -19.78
N ASP A 9 55.05 -22.84 -20.69
CA ASP A 9 55.22 -21.40 -20.62
C ASP A 9 54.49 -20.85 -21.84
N VAL A 10 53.45 -20.07 -21.60
CA VAL A 10 52.77 -19.37 -22.66
C VAL A 10 53.47 -18.03 -22.84
N TYR A 11 53.93 -17.74 -24.06
CA TYR A 11 54.61 -16.48 -24.34
C TYR A 11 53.59 -15.62 -25.09
N ALA A 12 53.07 -14.61 -24.43
CA ALA A 12 51.99 -13.82 -25.00
C ALA A 12 52.41 -12.37 -25.10
N LEU A 13 51.71 -11.67 -25.95
CA LEU A 13 51.75 -10.29 -26.35
C LEU A 13 50.58 -9.58 -25.73
N PRO A 14 50.81 -8.39 -25.20
CA PRO A 14 49.74 -7.62 -24.57
C PRO A 14 48.53 -7.59 -25.49
N GLY A 15 47.35 -7.76 -24.92
CA GLY A 15 46.17 -7.75 -25.75
C GLY A 15 45.74 -9.10 -26.26
N SER A 16 46.53 -10.15 -26.02
CA SER A 16 46.18 -11.47 -26.50
C SER A 16 45.06 -12.06 -25.66
N ASP A 17 44.59 -13.22 -26.07
CA ASP A 17 43.63 -14.01 -25.32
C ASP A 17 44.33 -15.30 -24.93
N ILE A 18 44.20 -15.71 -23.68
CA ILE A 18 44.83 -16.93 -23.20
C ILE A 18 43.74 -17.90 -22.77
N ASN A 19 43.87 -19.16 -23.21
CA ASN A 19 42.89 -20.18 -22.90
C ASN A 19 43.64 -21.35 -22.28
N LEU A 20 43.75 -21.35 -20.94
CA LEU A 20 44.45 -22.41 -20.22
C LEU A 20 43.48 -23.54 -19.89
N THR A 21 43.75 -24.74 -20.39
CA THR A 21 42.93 -25.89 -20.08
C THR A 21 43.74 -26.91 -19.29
N CYS A 22 43.03 -27.80 -18.61
CA CYS A 22 43.63 -28.68 -17.62
C CYS A 22 42.68 -29.86 -17.44
N GLN A 23 43.11 -31.09 -17.74
CA GLN A 23 42.20 -32.22 -17.61
C GLN A 23 42.60 -33.23 -16.54
N THR A 24 41.60 -33.86 -15.94
CA THR A 24 41.83 -35.04 -15.14
C THR A 24 40.82 -36.11 -15.49
N LYS A 25 41.24 -37.35 -15.33
CA LYS A 25 40.40 -38.51 -15.58
C LYS A 25 39.56 -38.83 -14.36
N GLU A 26 39.89 -38.27 -13.20
CA GLU A 26 39.27 -38.69 -11.96
C GLU A 26 37.80 -38.28 -11.96
N LYS A 27 36.95 -39.15 -11.44
CA LYS A 27 35.57 -38.78 -11.16
C LYS A 27 35.29 -39.23 -9.75
N ASN A 28 35.51 -40.52 -9.52
CA ASN A 28 35.09 -41.11 -8.27
C ASN A 28 35.78 -40.44 -7.11
N PHE A 29 36.99 -39.96 -7.33
CA PHE A 29 37.79 -39.45 -6.23
C PHE A 29 38.11 -37.97 -6.41
N LEU A 30 37.42 -37.29 -7.32
CA LEU A 30 37.63 -35.86 -7.58
C LEU A 30 36.79 -35.04 -6.60
N VAL A 31 37.45 -34.26 -5.75
CA VAL A 31 36.74 -33.44 -4.78
C VAL A 31 36.48 -32.04 -5.30
N GLN A 32 37.47 -31.36 -5.88
CA GLN A 32 37.24 -30.01 -6.38
C GLN A 32 38.29 -29.66 -7.40
N MET A 33 38.00 -28.69 -8.24
CA MET A 33 38.99 -28.16 -9.15
C MET A 33 39.18 -26.69 -8.82
N GLN A 34 40.37 -26.18 -9.08
CA GLN A 34 40.64 -24.82 -8.65
C GLN A 34 41.57 -24.13 -9.63
N TRP A 35 41.36 -22.84 -9.84
CA TRP A 35 42.31 -22.02 -10.58
C TRP A 35 42.87 -20.99 -9.64
N SER A 36 44.20 -20.87 -9.62
CA SER A 36 44.93 -20.00 -8.71
C SER A 36 45.95 -19.23 -9.51
N LYS A 37 46.18 -17.98 -9.13
CA LYS A 37 47.29 -17.23 -9.69
C LYS A 37 48.23 -16.94 -8.56
N VAL A 38 49.42 -17.54 -8.59
CA VAL A 38 50.44 -17.24 -7.58
C VAL A 38 51.49 -16.33 -8.20
N THR A 39 51.61 -15.11 -7.71
CA THR A 39 52.65 -14.21 -8.22
C THR A 39 53.61 -13.77 -7.12
N ASP A 40 53.15 -12.93 -6.21
CA ASP A 40 53.72 -12.75 -4.89
C ASP A 40 52.65 -13.03 -3.87
N LYS A 41 51.43 -13.23 -4.33
CA LYS A 41 50.32 -13.82 -3.63
C LYS A 41 50.11 -15.22 -4.18
N ASN A 42 49.53 -16.08 -3.35
CA ASN A 42 48.68 -17.17 -3.83
C ASN A 42 47.24 -16.66 -3.88
N ASP A 43 46.71 -16.43 -5.08
CA ASP A 43 45.39 -15.83 -5.28
C ASP A 43 44.42 -16.85 -5.88
N MET A 44 43.42 -17.28 -5.12
CA MET A 44 42.43 -18.20 -5.65
C MET A 44 41.46 -17.47 -6.56
N ILE A 45 41.33 -17.94 -7.79
CA ILE A 45 40.45 -17.34 -8.78
C ILE A 45 39.11 -18.02 -8.81
N ALA A 46 39.09 -19.34 -8.98
CA ALA A 46 37.83 -20.03 -9.17
C ALA A 46 37.93 -21.42 -8.57
N LEU A 47 36.90 -21.81 -7.84
CA LEU A 47 36.85 -23.10 -7.18
C LEU A 47 35.53 -23.75 -7.56
N TYR A 48 35.60 -24.96 -8.12
CA TYR A 48 34.42 -25.68 -8.59
C TYR A 48 34.32 -27.00 -7.84
N HIS A 49 33.14 -27.30 -7.31
CA HIS A 49 32.90 -28.56 -6.62
C HIS A 49 31.83 -29.34 -7.36
N PRO A 50 32.08 -30.61 -7.71
CA PRO A 50 31.17 -31.30 -8.65
C PRO A 50 29.75 -31.45 -8.14
N GLN A 51 29.49 -31.23 -6.85
CA GLN A 51 28.14 -31.26 -6.34
C GLN A 51 27.67 -29.93 -5.79
N TYR A 52 28.57 -29.07 -5.40
CA TYR A 52 28.14 -27.84 -4.76
C TYR A 52 28.32 -26.63 -5.65
N GLY A 53 28.92 -26.77 -6.83
CA GLY A 53 28.88 -25.70 -7.78
C GLY A 53 30.13 -24.86 -7.78
N LEU A 54 30.02 -23.73 -8.47
CA LEU A 54 31.14 -22.83 -8.69
C LEU A 54 31.19 -21.74 -7.64
N TYR A 55 32.39 -21.43 -7.18
CA TYR A 55 32.59 -20.38 -6.21
C TYR A 55 33.78 -19.55 -6.65
N CYS A 56 33.64 -18.23 -6.57
CA CYS A 56 34.68 -17.32 -7.01
C CYS A 56 35.50 -16.89 -5.81
N GLY A 57 36.81 -16.83 -6.01
CA GLY A 57 37.67 -16.29 -4.98
C GLY A 57 37.44 -14.81 -4.84
N GLN A 58 37.90 -14.28 -3.71
CA GLN A 58 37.71 -12.86 -3.42
C GLN A 58 38.28 -12.01 -4.55
N GLU A 59 37.66 -10.83 -4.75
CA GLU A 59 38.05 -9.90 -5.79
C GLU A 59 37.87 -10.50 -7.21
N HIS A 60 37.07 -11.53 -7.45
CA HIS A 60 37.15 -11.96 -8.84
C HIS A 60 35.79 -12.17 -9.48
N ALA A 61 35.78 -11.91 -10.77
CA ALA A 61 34.65 -12.12 -11.65
C ALA A 61 34.88 -13.41 -12.44
N CYS A 62 34.99 -14.52 -11.69
CA CYS A 62 35.42 -15.76 -12.33
C CYS A 62 34.32 -16.47 -13.07
N GLU A 63 33.05 -16.19 -12.76
CA GLU A 63 31.95 -16.91 -13.39
C GLU A 63 32.01 -16.82 -14.90
N SER A 64 32.36 -15.66 -15.42
CA SER A 64 32.39 -15.48 -16.86
C SER A 64 33.63 -16.05 -17.52
N GLN A 65 34.68 -16.31 -16.76
CA GLN A 65 35.94 -16.72 -17.37
C GLN A 65 36.31 -18.20 -17.19
N VAL A 66 35.47 -19.01 -16.54
CA VAL A 66 35.87 -20.38 -16.21
C VAL A 66 34.80 -21.35 -16.69
N ALA A 67 35.20 -22.60 -16.88
CA ALA A 67 34.25 -23.61 -17.31
C ALA A 67 34.78 -24.99 -16.98
N ALA A 68 33.83 -25.87 -16.69
CA ALA A 68 34.11 -27.25 -16.33
C ALA A 68 33.13 -28.07 -17.13
N THR A 69 33.66 -28.94 -17.97
CA THR A 69 32.81 -29.75 -18.83
C THR A 69 33.38 -31.15 -18.81
N GLU A 70 32.58 -32.12 -19.22
CA GLU A 70 33.05 -33.48 -19.19
C GLU A 70 33.09 -34.08 -20.58
N THR A 71 34.22 -34.72 -20.90
CA THR A 71 34.31 -35.52 -22.11
C THR A 71 33.67 -36.87 -21.84
N GLU A 72 32.98 -37.38 -22.84
CA GLU A 72 32.30 -38.66 -22.66
C GLU A 72 33.29 -39.83 -22.59
N LYS A 73 34.58 -39.63 -23.02
CA LYS A 73 35.61 -40.58 -22.58
C LYS A 73 35.93 -40.45 -21.08
N GLY A 74 35.15 -39.62 -20.38
CA GLY A 74 35.15 -39.58 -18.93
C GLY A 74 36.04 -38.54 -18.30
N VAL A 75 36.77 -37.78 -19.07
CA VAL A 75 37.70 -36.81 -18.52
C VAL A 75 36.98 -35.51 -18.23
N THR A 76 37.37 -34.86 -17.15
CA THR A 76 36.84 -33.56 -16.82
C THR A 76 37.79 -32.49 -17.35
N ASN A 77 37.26 -31.55 -18.12
CA ASN A 77 38.05 -30.41 -18.59
C ASN A 77 37.79 -29.22 -17.69
N TRP A 78 38.86 -28.66 -17.13
CA TRP A 78 38.80 -27.49 -16.29
C TRP A 78 39.57 -26.38 -16.99
N THR A 79 38.89 -25.27 -17.27
CA THR A 79 39.42 -24.28 -18.18
C THR A 79 39.27 -22.87 -17.65
N LEU A 80 40.32 -22.05 -17.83
CA LEU A 80 40.31 -20.64 -17.45
C LEU A 80 40.62 -19.78 -18.68
N TYR A 81 39.78 -18.79 -18.97
CA TYR A 81 39.98 -17.91 -20.12
C TYR A 81 40.30 -16.49 -19.65
N LEU A 82 41.48 -15.97 -20.02
CA LEU A 82 41.86 -14.59 -19.74
C LEU A 82 41.77 -13.77 -21.03
N ARG A 83 40.96 -12.70 -21.03
CA ARG A 83 40.77 -11.87 -22.23
C ARG A 83 41.69 -10.67 -22.25
N ASN A 84 42.13 -10.31 -23.45
CA ASN A 84 42.79 -9.03 -23.74
C ASN A 84 43.87 -8.73 -22.69
N ILE A 85 44.79 -9.69 -22.51
CA ILE A 85 45.65 -9.69 -21.32
C ILE A 85 46.52 -8.46 -21.30
N SER A 86 46.58 -7.82 -20.14
CA SER A 86 47.45 -6.68 -19.96
C SER A 86 48.82 -7.13 -19.46
N SER A 87 49.75 -6.18 -19.39
CA SER A 87 51.11 -6.48 -18.93
C SER A 87 51.07 -7.09 -17.54
N ALA A 88 50.06 -6.72 -16.75
CA ALA A 88 49.97 -7.12 -15.36
C ALA A 88 49.43 -8.53 -15.18
N LEU A 89 48.83 -9.13 -16.21
CA LEU A 89 48.20 -10.42 -15.98
C LEU A 89 49.19 -11.57 -15.96
N GLY A 90 50.46 -11.29 -16.21
CA GLY A 90 51.50 -12.31 -16.20
C GLY A 90 51.64 -12.95 -14.84
N GLY A 91 52.50 -13.95 -14.75
CA GLY A 91 52.71 -14.65 -13.51
C GLY A 91 52.22 -16.09 -13.60
N LYS A 92 52.38 -16.80 -12.48
CA LYS A 92 52.22 -18.24 -12.47
C LYS A 92 50.76 -18.58 -12.19
N TYR A 93 50.08 -19.17 -13.17
CA TYR A 93 48.73 -19.68 -12.99
C TYR A 93 48.85 -21.16 -12.72
N GLU A 94 48.01 -21.69 -11.84
CA GLU A 94 48.03 -23.13 -11.71
C GLU A 94 46.65 -23.68 -11.47
N CYS A 95 46.49 -24.94 -11.84
CA CYS A 95 45.23 -25.66 -11.78
C CYS A 95 45.42 -26.81 -10.80
N ILE A 96 44.64 -26.81 -9.73
CA ILE A 96 44.82 -27.79 -8.67
C ILE A 96 43.57 -28.63 -8.58
N PHE A 97 43.73 -29.94 -8.77
CA PHE A 97 42.69 -30.91 -8.48
C PHE A 97 42.94 -31.49 -7.10
N THR A 98 41.90 -31.52 -6.27
CA THR A 98 41.93 -32.20 -4.99
C THR A 98 41.27 -33.56 -5.16
N LEU A 99 42.00 -34.61 -4.81
CA LEU A 99 41.48 -35.96 -4.82
C LEU A 99 41.22 -36.51 -3.41
N TYR A 100 40.30 -37.47 -3.36
CA TYR A 100 39.86 -38.16 -2.16
C TYR A 100 40.66 -39.44 -2.01
N PRO A 101 41.14 -39.77 -0.81
CA PRO A 101 40.94 -38.95 0.40
C PRO A 101 41.97 -37.90 0.69
N GLU A 102 42.95 -37.73 -0.19
CA GLU A 102 44.05 -36.93 0.30
C GLU A 102 44.72 -36.12 -0.78
N GLY A 103 45.19 -36.76 -1.85
CA GLY A 103 46.24 -36.13 -2.61
C GLY A 103 45.75 -34.99 -3.48
N ILE A 104 46.72 -34.35 -4.10
CA ILE A 104 46.51 -33.16 -4.92
C ILE A 104 47.26 -33.39 -6.21
N LYS A 105 46.68 -32.98 -7.32
CA LYS A 105 47.36 -33.01 -8.61
C LYS A 105 47.30 -31.59 -9.19
N THR A 106 48.43 -30.90 -9.24
CA THR A 106 48.48 -29.56 -9.80
C THR A 106 49.18 -29.56 -11.17
N THR A 107 48.82 -28.59 -12.00
CA THR A 107 49.42 -28.35 -13.30
C THR A 107 49.72 -26.87 -13.37
N VAL A 108 50.96 -26.48 -13.60
CA VAL A 108 51.37 -25.09 -13.47
C VAL A 108 51.61 -24.46 -14.85
N TYR A 109 51.02 -23.28 -15.08
CA TYR A 109 51.17 -22.52 -16.32
C TYR A 109 51.80 -21.17 -16.03
N ASN A 110 52.87 -20.87 -16.75
CA ASN A 110 53.60 -19.63 -16.61
C ASN A 110 53.24 -18.74 -17.78
N LEU A 111 52.49 -17.64 -17.53
CA LEU A 111 52.12 -16.72 -18.59
C LEU A 111 53.09 -15.55 -18.59
N ILE A 112 53.91 -15.43 -19.63
CA ILE A 112 54.91 -14.37 -19.74
C ILE A 112 54.45 -13.42 -20.83
N VAL A 113 54.17 -12.17 -20.47
CA VAL A 113 53.69 -11.20 -21.47
C VAL A 113 54.87 -10.36 -21.93
N GLU A 114 55.01 -10.20 -23.25
CA GLU A 114 55.98 -9.26 -23.80
C GLU A 114 55.76 -7.92 -23.15
N VAL B 2 29.55 -7.69 -0.54
CA VAL B 2 29.97 -8.22 0.76
C VAL B 2 29.39 -7.49 1.97
N GLN B 3 28.09 -7.61 2.21
CA GLN B 3 27.58 -7.50 3.58
C GLN B 3 26.36 -8.41 3.68
N LEU B 4 26.16 -9.03 4.84
CA LEU B 4 25.05 -9.95 5.02
C LEU B 4 24.11 -9.40 6.07
N LYS B 5 22.85 -9.23 5.70
CA LYS B 5 21.87 -8.74 6.65
C LYS B 5 20.71 -9.71 6.71
N GLU B 6 20.43 -10.21 7.90
CA GLU B 6 19.26 -11.03 8.13
C GLU B 6 18.10 -10.14 8.54
N SER B 7 16.90 -10.48 8.07
CA SER B 7 15.69 -9.74 8.43
C SER B 7 14.53 -10.72 8.52
N GLY B 8 13.59 -10.43 9.42
CA GLY B 8 12.45 -11.29 9.63
C GLY B 8 11.63 -10.87 10.83
N PRO B 9 10.51 -11.55 11.07
CA PRO B 9 9.63 -11.12 12.15
C PRO B 9 10.34 -11.27 13.49
N GLY B 10 10.06 -10.33 14.40
CA GLY B 10 10.68 -10.39 15.71
C GLY B 10 9.97 -11.34 16.64
N LEU B 11 8.65 -11.46 16.53
CA LEU B 11 7.87 -12.32 17.41
C LEU B 11 6.79 -12.98 16.59
N VAL B 12 6.72 -14.30 16.66
CA VAL B 12 5.79 -15.05 15.83
C VAL B 12 5.19 -16.15 16.68
N GLN B 13 3.90 -16.38 16.54
CA GLN B 13 3.29 -17.25 17.53
C GLN B 13 3.40 -18.71 17.15
N PRO B 14 3.31 -19.64 18.15
CA PRO B 14 3.48 -21.08 17.89
C PRO B 14 2.54 -21.61 16.82
N SER B 15 1.72 -20.71 16.27
CA SER B 15 0.81 -21.05 15.18
C SER B 15 1.54 -21.04 13.84
N GLN B 16 2.12 -19.89 13.48
CA GLN B 16 2.73 -19.62 12.19
C GLN B 16 3.88 -20.49 11.75
N THR B 17 4.40 -20.04 10.61
CA THR B 17 5.55 -20.51 9.90
C THR B 17 6.49 -19.32 9.91
N LEU B 18 7.73 -19.54 10.33
CA LEU B 18 8.70 -18.47 10.40
C LEU B 18 9.31 -18.27 9.02
N SER B 19 9.39 -17.02 8.59
CA SER B 19 10.07 -16.72 7.34
C SER B 19 11.01 -15.54 7.56
N LEU B 20 12.32 -15.83 7.52
CA LEU B 20 13.37 -14.83 7.49
C LEU B 20 13.99 -14.82 6.10
N THR B 21 14.57 -13.69 5.72
CA THR B 21 15.30 -13.65 4.46
C THR B 21 16.68 -13.03 4.68
N CYS B 22 17.69 -13.67 4.10
CA CYS B 22 19.07 -13.20 4.14
C CYS B 22 19.36 -12.51 2.81
N THR B 23 19.82 -11.26 2.88
CA THR B 23 20.09 -10.44 1.70
C THR B 23 21.56 -10.11 1.61
N VAL B 24 22.21 -10.51 0.52
CA VAL B 24 23.63 -10.27 0.38
C VAL B 24 23.91 -9.16 -0.65
N SER B 25 24.50 -8.05 -0.20
CA SER B 25 25.07 -7.09 -1.16
C SER B 25 26.13 -7.65 -2.01
N GLY B 26 26.07 -7.26 -3.29
CA GLY B 26 27.34 -7.09 -3.94
C GLY B 26 27.96 -8.43 -4.22
N LEU B 27 27.14 -9.45 -4.38
CA LEU B 27 27.66 -10.76 -4.74
C LEU B 27 26.49 -11.45 -5.37
N SER B 28 26.80 -12.30 -6.33
CA SER B 28 25.75 -13.06 -6.98
C SER B 28 25.62 -14.37 -6.24
N LEU B 29 24.40 -14.78 -5.94
CA LEU B 29 24.22 -16.05 -5.27
C LEU B 29 24.59 -17.24 -6.13
N THR B 30 24.98 -16.99 -7.39
CA THR B 30 25.33 -18.09 -8.29
C THR B 30 26.75 -18.57 -8.08
N THR B 31 27.60 -17.77 -7.45
CA THR B 31 28.95 -18.15 -7.08
C THR B 31 29.17 -18.05 -5.58
N ASN B 32 28.09 -17.96 -4.81
CA ASN B 32 28.15 -18.01 -3.36
C ASN B 32 27.04 -18.92 -2.84
N SER B 33 27.32 -19.56 -1.72
CA SER B 33 26.37 -20.39 -1.00
C SER B 33 26.02 -19.69 0.29
N VAL B 34 24.84 -19.97 0.81
CA VAL B 34 24.38 -19.32 2.03
C VAL B 34 23.77 -20.39 2.93
N SER B 35 24.18 -20.38 4.18
CA SER B 35 23.73 -21.34 5.16
C SER B 35 22.98 -20.62 6.27
N TRP B 36 22.09 -21.33 6.95
CA TRP B 36 21.37 -20.79 8.09
C TRP B 36 21.76 -21.55 9.35
N ILE B 37 22.26 -20.82 10.35
CA ILE B 37 22.60 -21.40 11.64
C ILE B 37 21.83 -20.61 12.70
N ARG B 38 21.29 -21.32 13.68
CA ARG B 38 20.53 -20.69 14.74
C ARG B 38 21.07 -21.14 16.06
N GLN B 39 20.86 -20.32 17.08
CA GLN B 39 21.33 -20.63 18.43
C GLN B 39 20.32 -20.13 19.44
N PRO B 40 19.49 -21.02 19.99
CA PRO B 40 18.60 -20.63 21.05
C PRO B 40 19.43 -20.21 22.27
N PRO B 41 18.93 -19.28 23.07
CA PRO B 41 19.79 -18.77 24.15
C PRO B 41 20.10 -19.88 25.14
N GLY B 42 21.35 -19.95 25.55
CA GLY B 42 21.76 -20.97 26.48
C GLY B 42 22.14 -22.29 25.83
N LYS B 43 21.51 -22.63 24.72
CA LYS B 43 21.81 -23.87 24.04
C LYS B 43 22.91 -23.63 23.01
N GLY B 44 23.35 -24.69 22.34
CA GLY B 44 24.47 -24.61 21.43
C GLY B 44 24.01 -24.23 20.04
N LEU B 45 24.99 -24.07 19.16
CA LEU B 45 24.66 -23.79 17.77
C LEU B 45 24.02 -25.01 17.12
N GLU B 46 23.11 -24.75 16.19
CA GLU B 46 22.51 -25.79 15.38
C GLU B 46 22.50 -25.30 13.94
N TRP B 47 23.15 -26.02 13.06
CA TRP B 47 23.07 -25.73 11.64
C TRP B 47 21.72 -26.27 11.16
N MET B 48 21.10 -25.54 10.23
CA MET B 48 19.74 -25.86 9.77
C MET B 48 19.69 -26.24 8.31
N GLY B 49 20.47 -25.59 7.45
CA GLY B 49 20.48 -25.95 6.04
C GLY B 49 21.35 -25.00 5.22
N VAL B 50 21.54 -25.38 3.96
CA VAL B 50 22.39 -24.60 3.08
C VAL B 50 21.78 -24.59 1.69
N ILE B 51 21.93 -23.47 1.00
CA ILE B 51 21.57 -23.32 -0.40
C ILE B 51 22.88 -23.03 -1.13
N TRP B 52 23.28 -23.93 -2.02
CA TRP B 52 24.60 -23.80 -2.63
C TRP B 52 24.58 -22.75 -3.73
N SER B 53 25.78 -22.43 -4.23
CA SER B 53 25.86 -21.52 -5.37
C SER B 53 25.01 -22.02 -6.52
N ASN B 54 24.86 -23.33 -6.67
CA ASN B 54 24.20 -23.84 -7.85
C ASN B 54 22.71 -24.09 -7.64
N GLY B 55 22.15 -23.68 -6.50
CA GLY B 55 20.75 -23.87 -6.21
C GLY B 55 20.38 -25.15 -5.46
N GLY B 56 21.23 -26.16 -5.46
CA GLY B 56 20.94 -27.33 -4.65
C GLY B 56 20.83 -26.96 -3.19
N THR B 57 20.29 -27.88 -2.38
CA THR B 57 20.15 -27.64 -0.96
C THR B 57 20.45 -28.92 -0.18
N ASP B 58 20.85 -28.74 1.08
CA ASP B 58 21.01 -29.80 2.07
C ASP B 58 20.46 -29.30 3.40
N TYR B 59 19.76 -30.15 4.15
CA TYR B 59 19.15 -29.71 5.39
C TYR B 59 19.60 -30.56 6.56
N ASN B 60 19.51 -29.96 7.73
CA ASN B 60 19.70 -30.68 8.97
C ASN B 60 18.62 -31.75 9.11
N SER B 61 19.04 -32.99 9.39
CA SER B 61 18.06 -34.06 9.35
C SER B 61 17.00 -33.93 10.43
N ASP B 62 17.24 -33.17 11.50
CA ASP B 62 16.21 -33.01 12.52
C ASP B 62 15.16 -31.96 12.19
N ILE B 63 15.33 -31.19 11.11
CA ILE B 63 14.40 -30.13 10.75
C ILE B 63 13.99 -30.23 9.30
N LYS B 64 14.49 -31.24 8.57
CA LYS B 64 14.27 -31.36 7.12
C LYS B 64 12.79 -31.21 6.76
N SER B 65 11.91 -31.86 7.54
CA SER B 65 10.48 -31.91 7.26
C SER B 65 9.75 -30.57 7.38
N ARG B 66 10.30 -29.60 8.12
CA ARG B 66 9.65 -28.33 8.38
C ARG B 66 10.31 -27.17 7.65
N LEU B 67 11.51 -27.40 7.09
CA LEU B 67 12.38 -26.35 6.64
C LEU B 67 12.46 -26.29 5.12
N SER B 68 12.43 -25.07 4.57
CA SER B 68 12.58 -24.87 3.12
C SER B 68 13.51 -23.69 2.86
N ILE B 69 14.63 -23.92 2.19
CA ILE B 69 15.56 -22.86 1.82
C ILE B 69 15.51 -22.67 0.32
N SER B 70 15.34 -21.42 -0.09
CA SER B 70 15.22 -21.07 -1.50
C SER B 70 15.88 -19.72 -1.71
N ARG B 71 16.06 -19.34 -2.97
CA ARG B 71 16.76 -18.10 -3.26
C ARG B 71 16.14 -17.39 -4.45
N ASP B 72 16.44 -16.11 -4.58
CA ASP B 72 16.05 -15.30 -5.74
C ASP B 72 17.32 -14.62 -6.26
N THR B 73 17.94 -15.22 -7.28
CA THR B 73 19.20 -14.69 -7.77
C THR B 73 19.05 -13.28 -8.33
N SER B 74 17.84 -12.85 -8.67
CA SER B 74 17.72 -11.51 -9.24
C SER B 74 17.75 -10.44 -8.16
N LYS B 75 17.18 -10.69 -6.99
CA LYS B 75 17.35 -9.80 -5.84
C LYS B 75 18.55 -10.13 -4.94
N SER B 76 19.32 -11.17 -5.22
CA SER B 76 20.42 -11.61 -4.34
C SER B 76 19.93 -11.82 -2.91
N GLN B 77 19.03 -12.79 -2.75
CA GLN B 77 18.44 -13.10 -1.46
C GLN B 77 18.19 -14.59 -1.30
N VAL B 78 18.37 -15.08 -0.08
CA VAL B 78 18.04 -16.46 0.29
C VAL B 78 16.93 -16.42 1.33
N PHE B 79 15.95 -17.30 1.20
CA PHE B 79 14.82 -17.31 2.13
C PHE B 79 14.82 -18.58 2.95
N LEU B 80 14.36 -18.47 4.19
CA LEU B 80 14.06 -19.62 5.03
C LEU B 80 12.63 -19.54 5.54
N LYS B 81 11.87 -20.60 5.31
CA LYS B 81 10.53 -20.71 5.83
C LYS B 81 10.46 -21.99 6.65
N MET B 82 9.94 -21.88 7.88
CA MET B 82 9.86 -23.03 8.76
C MET B 82 8.44 -23.14 9.29
N ASN B 83 7.77 -24.23 8.97
CA ASN B 83 6.42 -24.45 9.45
C ASN B 83 6.45 -25.17 10.79
N SER B 84 5.27 -25.23 11.42
CA SER B 84 5.07 -25.91 12.70
C SER B 84 6.00 -25.31 13.75
N LEU B 85 5.85 -24.00 13.94
CA LEU B 85 6.72 -23.30 14.86
C LEU B 85 6.47 -23.84 16.24
N GLN B 86 7.53 -24.12 16.92
CA GLN B 86 7.44 -24.51 18.31
C GLN B 86 7.98 -23.37 19.16
N THR B 87 7.77 -23.46 20.45
CA THR B 87 8.31 -22.43 21.32
C THR B 87 9.83 -22.47 21.50
N GLU B 88 10.53 -23.62 21.31
CA GLU B 88 12.03 -23.63 21.44
C GLU B 88 12.66 -22.89 20.31
N ASP B 89 11.95 -22.90 19.21
CA ASP B 89 12.44 -22.40 17.95
C ASP B 89 12.77 -20.93 18.04
N THR B 90 12.46 -20.32 19.17
CA THR B 90 12.95 -18.98 19.43
C THR B 90 14.45 -19.11 19.65
N ALA B 91 15.20 -18.28 18.95
CA ALA B 91 16.64 -18.44 18.89
C ALA B 91 17.19 -17.21 18.18
N MET B 92 18.51 -17.12 18.16
CA MET B 92 19.19 -16.19 17.30
C MET B 92 19.41 -16.85 15.94
N TYR B 93 19.06 -16.15 14.86
CA TYR B 93 19.15 -16.71 13.51
C TYR B 93 20.20 -15.98 12.70
N PHE B 94 21.26 -16.72 12.32
CA PHE B 94 22.39 -16.21 11.54
C PHE B 94 22.40 -16.83 10.15
N CYS B 95 22.87 -16.05 9.18
CA CYS B 95 23.22 -16.63 7.91
C CYS B 95 24.71 -16.41 7.69
N ALA B 96 25.34 -17.38 7.03
CA ALA B 96 26.77 -17.36 6.79
C ALA B 96 26.99 -17.74 5.35
N ARG B 97 27.80 -16.99 4.64
CA ARG B 97 27.99 -17.27 3.23
C ARG B 97 29.22 -18.13 3.02
N ASN B 98 29.14 -19.04 2.04
CA ASN B 98 30.21 -19.97 1.74
C ASN B 98 30.55 -20.81 2.96
N PHE B 99 29.54 -21.18 3.72
CA PHE B 99 29.71 -22.02 4.88
C PHE B 99 28.73 -23.19 4.85
N PRO B 100 29.19 -24.42 5.14
CA PRO B 100 30.56 -24.85 5.39
C PRO B 100 31.36 -24.84 4.12
N TYR B 101 30.72 -24.94 2.96
CA TYR B 101 31.50 -25.04 1.73
C TYR B 101 31.30 -23.79 0.90
N PRO B 102 32.36 -23.21 0.34
CA PRO B 102 33.74 -23.69 0.32
C PRO B 102 34.60 -23.28 1.51
N GLY B 103 34.05 -22.56 2.47
CA GLY B 103 34.85 -22.18 3.61
C GLY B 103 35.96 -21.20 3.30
N ILE B 104 36.05 -20.75 2.05
CA ILE B 104 36.93 -19.67 1.61
C ILE B 104 36.02 -18.52 1.17
N ASN B 105 36.30 -17.30 1.62
CA ASN B 105 35.40 -16.15 1.57
C ASN B 105 34.34 -16.31 2.63
N PHE B 106 34.67 -17.14 3.59
CA PHE B 106 33.80 -17.44 4.69
C PHE B 106 33.42 -16.14 5.36
N ASP B 107 32.13 -15.95 5.61
CA ASP B 107 31.71 -14.79 6.38
C ASP B 107 30.35 -15.10 7.03
N TRP B 108 30.15 -14.60 8.26
CA TRP B 108 29.02 -14.97 9.09
C TRP B 108 28.27 -13.70 9.47
N GLY B 109 26.97 -13.64 9.15
CA GLY B 109 26.22 -12.41 9.29
C GLY B 109 26.08 -12.00 10.74
N GLN B 110 25.20 -11.04 10.97
CA GLN B 110 25.09 -10.58 12.35
C GLN B 110 24.05 -11.31 13.16
N GLY B 111 23.00 -11.78 12.53
CA GLY B 111 21.96 -12.50 13.24
C GLY B 111 20.73 -11.64 13.47
N VAL B 112 19.58 -12.30 13.55
CA VAL B 112 18.33 -11.63 13.87
C VAL B 112 17.60 -12.45 14.93
N MET B 113 17.11 -11.77 15.97
CA MET B 113 16.41 -12.45 17.04
C MET B 113 14.97 -12.74 16.62
N VAL B 114 14.54 -13.98 16.81
CA VAL B 114 13.18 -14.39 16.49
C VAL B 114 12.62 -15.16 17.67
N THR B 115 11.62 -14.60 18.33
CA THR B 115 11.06 -15.16 19.55
C THR B 115 9.69 -15.74 19.26
N VAL B 116 9.50 -17.04 19.56
CA VAL B 116 8.25 -17.74 19.26
C VAL B 116 7.46 -17.96 20.54
N SER B 117 6.47 -17.11 20.79
CA SER B 117 5.57 -17.39 21.91
C SER B 117 4.27 -16.64 21.69
N SER B 118 3.21 -17.25 22.22
CA SER B 118 1.84 -16.75 22.20
C SER B 118 1.66 -15.43 22.96
N ALA B 119 2.72 -14.93 23.60
CA ALA B 119 2.68 -13.75 24.43
C ALA B 119 2.49 -12.47 23.61
N SER B 120 2.30 -11.39 24.34
CA SER B 120 2.02 -10.06 23.79
C SER B 120 3.27 -9.20 23.72
N THR B 121 3.29 -8.29 22.75
CA THR B 121 4.36 -7.30 22.70
C THR B 121 4.30 -6.46 23.97
N LYS B 122 5.45 -5.94 24.39
CA LYS B 122 5.52 -5.19 25.64
C LYS B 122 6.66 -4.18 25.54
N GLY B 123 6.37 -2.91 25.78
CA GLY B 123 7.38 -1.88 25.68
C GLY B 123 8.20 -1.77 26.96
N PRO B 124 9.40 -1.19 26.87
CA PRO B 124 10.25 -1.04 28.05
C PRO B 124 9.83 0.13 28.93
N SER B 125 10.36 0.14 30.16
CA SER B 125 10.42 1.34 30.99
C SER B 125 11.87 1.76 31.19
N VAL B 126 12.20 3.00 30.86
CA VAL B 126 13.58 3.47 30.84
C VAL B 126 13.80 4.47 31.96
N PHE B 127 14.55 4.04 33.06
CA PHE B 127 14.93 4.85 34.21
C PHE B 127 16.39 5.28 34.13
N PRO B 128 16.75 6.39 34.73
CA PRO B 128 18.13 6.85 34.71
C PRO B 128 18.91 6.19 35.83
N LEU B 129 20.13 5.85 35.48
CA LEU B 129 21.13 5.43 36.45
C LEU B 129 21.98 6.69 36.67
N ALA B 130 21.60 7.49 37.66
CA ALA B 130 22.13 8.85 37.75
C ALA B 130 23.59 8.85 38.20
N PRO B 131 24.41 9.73 37.65
CA PRO B 131 25.78 9.86 38.13
C PRO B 131 25.79 10.62 39.44
N SER B 132 26.75 10.30 40.30
CA SER B 132 26.72 10.90 41.62
C SER B 132 28.08 10.76 42.28
N SER B 133 28.13 11.12 43.57
CA SER B 133 29.34 10.96 44.37
C SER B 133 29.74 9.49 44.45
N LYS B 134 28.76 8.59 44.55
CA LYS B 134 28.96 7.15 44.60
C LYS B 134 29.33 6.58 43.24
N SER B 135 29.40 7.44 42.22
CA SER B 135 29.63 7.08 40.84
C SER B 135 30.96 7.60 40.32
N THR B 136 31.82 8.16 41.18
CA THR B 136 33.13 8.65 40.75
C THR B 136 34.26 7.82 41.37
N SER B 137 35.11 7.27 40.50
CA SER B 137 36.46 6.71 40.79
C SER B 137 37.53 7.39 39.96
N GLY B 138 38.35 8.19 40.62
CA GLY B 138 39.54 8.66 39.95
C GLY B 138 39.36 9.88 39.10
N GLY B 139 38.21 10.58 39.20
CA GLY B 139 37.99 11.75 38.38
C GLY B 139 37.02 11.55 37.24
N THR B 140 36.55 10.33 37.05
CA THR B 140 35.61 9.98 36.01
C THR B 140 34.36 9.40 36.67
N ALA B 141 33.19 9.95 36.33
CA ALA B 141 31.92 9.49 36.85
C ALA B 141 31.23 8.58 35.84
N ALA B 142 30.38 7.70 36.38
CA ALA B 142 29.63 6.73 35.59
C ALA B 142 28.17 7.13 35.53
N LEU B 143 27.55 6.93 34.37
CA LEU B 143 26.13 7.20 34.25
C LEU B 143 25.54 6.19 33.29
N GLY B 144 24.21 6.07 33.31
CA GLY B 144 23.60 5.08 32.46
C GLY B 144 22.10 5.07 32.55
N CYS B 145 21.51 4.12 31.82
CA CYS B 145 20.07 3.90 31.72
C CYS B 145 19.75 2.46 32.07
N LEU B 146 18.63 2.26 32.75
CA LEU B 146 18.12 0.93 33.09
C LEU B 146 16.88 0.67 32.26
N VAL B 147 16.99 -0.19 31.26
CA VAL B 147 15.90 -0.45 30.34
C VAL B 147 15.18 -1.70 30.82
N LYS B 148 13.97 -1.54 31.36
CA LYS B 148 13.35 -2.57 32.18
C LYS B 148 11.99 -3.02 31.64
N ASP B 149 11.78 -4.34 31.68
CA ASP B 149 10.48 -5.00 31.47
C ASP B 149 9.93 -4.77 30.06
N TYR B 150 10.66 -5.31 29.09
CA TYR B 150 10.23 -5.34 27.71
C TYR B 150 10.17 -6.78 27.22
N PHE B 151 9.55 -6.97 26.07
CA PHE B 151 9.45 -8.28 25.45
C PHE B 151 9.02 -8.09 23.99
N PRO B 152 9.55 -8.87 23.06
CA PRO B 152 10.61 -9.86 23.17
C PRO B 152 11.95 -9.20 22.94
N GLU B 153 13.01 -9.99 22.75
CA GLU B 153 14.32 -9.55 23.20
C GLU B 153 14.96 -8.38 22.43
N PRO B 154 14.64 -8.09 21.18
CA PRO B 154 15.51 -7.11 20.49
C PRO B 154 15.27 -5.66 20.94
N VAL B 155 16.12 -5.14 21.84
CA VAL B 155 16.17 -3.70 22.13
C VAL B 155 17.56 -3.14 21.81
N THR B 156 17.60 -1.85 21.44
CA THR B 156 18.84 -1.15 21.10
C THR B 156 18.93 0.19 21.85
N VAL B 157 20.16 0.58 22.19
CA VAL B 157 20.43 1.76 22.99
C VAL B 157 21.59 2.53 22.37
N SER B 158 21.44 3.84 22.21
CA SER B 158 22.56 4.69 21.85
C SER B 158 22.51 5.94 22.71
N TRP B 159 23.66 6.60 22.82
CA TRP B 159 23.79 7.78 23.67
C TRP B 159 24.04 9.00 22.80
N ASN B 160 23.24 10.05 23.02
CA ASN B 160 23.35 11.31 22.28
C ASN B 160 23.31 11.03 20.78
N SER B 161 22.46 10.06 20.45
CA SER B 161 22.09 9.60 19.12
C SER B 161 23.33 9.57 18.22
N GLY B 162 24.34 8.85 18.69
CA GLY B 162 25.60 8.61 18.00
C GLY B 162 26.78 9.39 18.49
N ALA B 163 26.58 10.54 19.16
CA ALA B 163 27.74 11.33 19.59
C ALA B 163 28.58 10.59 20.62
N LEU B 164 27.93 9.84 21.51
CA LEU B 164 28.61 9.18 22.62
C LEU B 164 28.93 7.74 22.24
N THR B 165 30.24 7.45 22.10
CA THR B 165 30.70 6.09 21.84
C THR B 165 31.81 5.62 22.79
N SER B 166 32.87 6.40 23.02
CA SER B 166 33.84 6.03 24.06
C SER B 166 33.27 5.89 25.42
N GLY B 167 33.54 4.74 25.97
CA GLY B 167 33.18 4.51 27.31
C GLY B 167 31.78 4.05 27.45
N VAL B 168 31.11 3.72 26.36
CA VAL B 168 29.77 3.21 26.44
C VAL B 168 29.83 1.70 26.36
N HIS B 169 29.45 0.98 27.42
CA HIS B 169 29.15 -0.47 27.19
C HIS B 169 27.72 -0.78 27.63
N THR B 170 26.93 -1.25 26.66
CA THR B 170 25.55 -1.69 26.85
C THR B 170 25.53 -3.20 27.05
N PHE B 171 25.18 -3.64 28.26
CA PHE B 171 25.30 -5.03 28.64
C PHE B 171 24.21 -5.88 27.99
N PRO B 172 24.43 -7.19 27.87
CA PRO B 172 23.38 -8.05 27.32
C PRO B 172 22.22 -8.09 28.29
N ALA B 173 21.02 -8.16 27.73
CA ALA B 173 19.83 -8.19 28.57
C ALA B 173 19.82 -9.45 29.42
N VAL B 174 19.04 -9.41 30.47
CA VAL B 174 18.84 -10.57 31.31
C VAL B 174 17.35 -10.88 31.35
N LEU B 175 17.00 -12.16 31.54
CA LEU B 175 15.59 -12.59 31.54
C LEU B 175 15.14 -12.84 32.97
N GLN B 176 14.30 -11.95 33.48
CA GLN B 176 13.77 -12.05 34.83
C GLN B 176 12.66 -13.11 34.89
N SER B 177 12.35 -13.53 36.12
CA SER B 177 11.32 -14.57 36.28
C SER B 177 9.98 -14.08 35.80
N SER B 178 9.79 -12.76 35.75
CA SER B 178 8.60 -12.21 35.16
C SER B 178 8.48 -12.59 33.70
N GLY B 179 9.54 -13.13 33.12
CA GLY B 179 9.57 -13.37 31.70
C GLY B 179 9.95 -12.16 30.89
N LEU B 180 10.17 -11.01 31.53
CA LEU B 180 10.56 -9.79 30.85
C LEU B 180 12.06 -9.54 30.98
N TYR B 181 12.61 -8.95 29.93
CA TYR B 181 14.02 -8.62 29.92
C TYR B 181 14.26 -7.28 30.63
N SER B 182 15.50 -7.12 31.06
CA SER B 182 15.98 -5.85 31.58
C SER B 182 17.43 -5.74 31.15
N LEU B 183 17.89 -4.50 30.99
CA LEU B 183 19.18 -4.28 30.36
C LEU B 183 19.75 -2.95 30.87
N SER B 184 21.07 -2.86 30.92
CA SER B 184 21.70 -1.66 31.45
C SER B 184 22.68 -1.16 30.42
N SER B 185 22.72 0.15 30.25
CA SER B 185 23.68 0.77 29.35
C SER B 185 24.38 1.83 30.14
N VAL B 186 25.71 1.80 30.14
CA VAL B 186 26.46 2.72 30.95
C VAL B 186 27.48 3.47 30.12
N VAL B 187 27.79 4.68 30.57
CA VAL B 187 28.87 5.48 30.02
C VAL B 187 29.71 6.00 31.17
N THR B 188 31.00 5.89 30.99
CA THR B 188 32.01 6.59 31.75
C THR B 188 32.45 7.84 31.05
N VAL B 189 32.54 8.91 31.83
CA VAL B 189 32.83 10.26 31.33
C VAL B 189 33.78 10.93 32.29
N PRO B 190 34.56 11.88 31.80
CA PRO B 190 35.33 12.70 32.73
C PRO B 190 34.31 13.39 33.62
N SER B 191 34.37 13.10 34.92
CA SER B 191 33.33 13.68 35.77
C SER B 191 33.53 15.17 35.89
N SER B 192 34.76 15.64 35.61
CA SER B 192 35.03 17.08 35.60
C SER B 192 34.20 17.82 34.62
N SER B 193 33.54 17.05 33.78
CA SER B 193 32.72 17.54 32.70
C SER B 193 31.23 17.39 32.97
N LEU B 194 30.86 16.74 34.07
CA LEU B 194 29.48 16.30 34.24
C LEU B 194 28.50 17.48 34.29
N GLY B 195 28.94 18.63 34.78
CA GLY B 195 28.03 19.77 34.86
C GLY B 195 27.77 20.45 33.53
N THR B 196 28.78 20.46 32.64
CA THR B 196 28.62 21.20 31.41
C THR B 196 27.95 20.29 30.36
N GLN B 197 28.37 19.01 30.26
CA GLN B 197 27.59 18.15 29.38
C GLN B 197 26.24 17.74 29.86
N THR B 198 25.35 17.62 28.90
CA THR B 198 24.17 16.83 29.05
C THR B 198 24.36 15.52 28.31
N TYR B 199 23.92 14.44 28.95
CA TYR B 199 24.01 13.08 28.40
C TYR B 199 22.64 12.42 28.42
N ILE B 200 22.22 11.81 27.32
CA ILE B 200 20.86 11.28 27.36
C ILE B 200 20.90 9.99 26.54
N CYS B 201 20.33 8.95 27.05
CA CYS B 201 20.28 7.75 26.26
C CYS B 201 19.00 7.66 25.41
N ASN B 202 19.20 7.19 24.20
CA ASN B 202 18.20 6.94 23.16
C ASN B 202 17.97 5.45 23.06
N VAL B 203 16.83 5.02 23.60
CA VAL B 203 16.40 3.64 23.63
C VAL B 203 15.39 3.42 22.53
N ASN B 204 15.46 2.27 21.88
CA ASN B 204 14.53 1.93 20.80
C ASN B 204 14.15 0.46 20.83
N HIS B 205 12.87 0.15 21.03
CA HIS B 205 12.41 -1.25 21.03
C HIS B 205 11.37 -1.38 19.91
N LYS B 206 11.79 -1.66 18.70
CA LYS B 206 10.86 -1.77 17.58
C LYS B 206 9.75 -2.84 17.64
N PRO B 207 9.92 -4.02 18.25
CA PRO B 207 8.73 -4.90 18.39
C PRO B 207 7.53 -4.28 19.13
N SER B 208 7.70 -3.14 19.80
CA SER B 208 6.61 -2.45 20.48
C SER B 208 6.45 -1.01 19.98
N ASN B 209 7.13 -0.66 18.90
CA ASN B 209 7.16 0.70 18.34
C ASN B 209 7.31 1.76 19.43
N THR B 210 8.26 1.51 20.34
CA THR B 210 8.64 2.43 21.39
C THR B 210 9.97 3.05 21.06
N LYS B 211 10.04 4.37 21.03
CA LYS B 211 11.31 5.07 21.14
C LYS B 211 11.17 6.01 22.34
N VAL B 212 12.20 6.05 23.18
CA VAL B 212 12.19 6.81 24.43
C VAL B 212 13.58 7.39 24.66
N ASP B 213 13.65 8.61 25.19
CA ASP B 213 14.91 9.20 25.62
C ASP B 213 14.75 9.72 27.05
N LYS B 214 15.63 9.30 27.99
CA LYS B 214 15.64 9.78 29.38
C LYS B 214 16.90 10.49 29.70
N ARG B 215 16.74 11.67 30.23
CA ARG B 215 17.95 12.51 30.64
C ARG B 215 18.59 12.04 31.90
N VAL B 216 19.84 11.62 31.85
CA VAL B 216 20.52 11.18 32.99
C VAL B 216 21.18 12.40 33.58
N GLU B 217 20.60 12.93 34.66
CA GLU B 217 21.18 14.13 35.17
C GLU B 217 21.63 13.83 36.59
N PRO B 218 22.73 14.44 37.02
CA PRO B 218 23.36 14.01 38.26
C PRO B 218 22.46 14.17 39.47
N LYS B 219 22.83 13.49 40.56
CA LYS B 219 22.07 13.52 41.79
C LYS B 219 22.90 14.10 42.94
N ALA C 2 28.00 -38.28 13.63
CA ALA C 2 29.25 -38.33 14.38
C ALA C 2 29.17 -37.26 15.47
N VAL C 3 30.10 -37.30 16.42
CA VAL C 3 30.15 -36.30 17.48
C VAL C 3 31.47 -35.56 17.36
N VAL C 4 31.41 -34.24 17.37
CA VAL C 4 32.61 -33.43 17.25
C VAL C 4 32.93 -32.87 18.62
N THR C 5 34.13 -33.16 19.11
CA THR C 5 34.57 -32.70 20.42
C THR C 5 35.82 -31.85 20.30
N GLN C 6 35.87 -30.77 21.07
CA GLN C 6 37.06 -29.95 21.18
C GLN C 6 37.49 -29.87 22.64
N GLU C 7 38.74 -29.44 22.84
CA GLU C 7 39.27 -29.22 24.17
C GLU C 7 38.34 -28.29 24.94
N SER C 8 38.08 -28.64 26.19
CA SER C 8 37.13 -27.85 26.95
C SER C 8 37.66 -26.46 27.26
N ALA C 9 38.92 -26.36 27.73
CA ALA C 9 39.52 -25.05 27.99
C ALA C 9 41.03 -25.09 27.84
N LEU C 10 41.61 -23.95 27.43
CA LEU C 10 43.05 -23.79 27.19
C LEU C 10 43.50 -22.41 27.64
N THR C 11 44.78 -22.30 28.03
CA THR C 11 45.34 -21.04 28.54
C THR C 11 46.72 -20.75 27.97
N THR C 12 47.01 -19.48 27.71
CA THR C 12 48.40 -19.13 27.42
C THR C 12 48.76 -17.74 27.89
N LEU C 13 50.01 -17.50 27.83
CA LEU C 13 50.48 -16.15 27.99
C LEU C 13 50.42 -15.47 26.64
N PRO C 14 50.35 -14.16 26.62
CA PRO C 14 50.52 -13.45 25.36
C PRO C 14 51.84 -13.83 24.73
N GLY C 15 51.88 -13.87 23.40
CA GLY C 15 53.05 -14.34 22.70
C GLY C 15 53.22 -15.83 22.68
N GLY C 16 52.46 -16.58 23.47
CA GLY C 16 52.51 -18.02 23.38
C GLY C 16 51.91 -18.50 22.07
N THR C 17 51.94 -19.82 21.90
CA THR C 17 51.18 -20.44 20.83
C THR C 17 50.40 -21.61 21.41
N VAL C 18 49.14 -21.72 21.01
CA VAL C 18 48.25 -22.78 21.43
C VAL C 18 47.73 -23.41 20.16
N THR C 19 47.36 -24.67 20.29
CA THR C 19 46.68 -25.35 19.21
C THR C 19 45.38 -25.91 19.78
N LEU C 20 44.27 -25.47 19.21
CA LEU C 20 42.99 -26.07 19.51
C LEU C 20 42.81 -27.14 18.46
N THR C 21 42.18 -28.25 18.84
CA THR C 21 41.89 -29.27 17.84
C THR C 21 40.40 -29.59 17.92
N CYS C 22 39.98 -30.45 17.00
CA CYS C 22 38.58 -30.65 16.67
C CYS C 22 38.49 -32.09 16.17
N HIS C 23 37.97 -32.97 17.01
CA HIS C 23 38.07 -34.41 16.82
C HIS C 23 36.78 -34.96 16.25
N SER C 24 36.90 -35.81 15.24
CA SER C 24 35.74 -36.41 14.63
C SER C 24 35.56 -37.82 15.18
N SER C 25 34.36 -38.09 15.70
CA SER C 25 34.07 -39.40 16.28
C SER C 25 34.17 -40.51 15.24
N THR C 26 34.19 -40.15 13.97
CA THR C 26 34.00 -41.09 12.89
C THR C 26 35.29 -41.45 12.17
N GLY C 27 36.45 -41.05 12.70
CA GLY C 27 37.72 -41.36 12.09
C GLY C 27 38.55 -40.12 11.85
N ALA C 28 39.70 -40.33 11.22
CA ALA C 28 40.56 -39.22 10.85
C ALA C 28 39.81 -38.24 9.97
N VAL C 29 40.04 -36.94 10.20
CA VAL C 29 39.41 -35.88 9.43
C VAL C 29 40.13 -35.68 8.09
N THR C 30 39.38 -35.77 7.01
CA THR C 30 39.91 -35.43 5.69
C THR C 30 39.61 -33.98 5.38
N THR C 31 40.25 -33.45 4.33
CA THR C 31 39.88 -32.11 3.92
C THR C 31 38.42 -32.06 3.55
N SER C 32 37.85 -33.21 3.16
CA SER C 32 36.46 -33.25 2.73
C SER C 32 35.48 -33.02 3.87
N ASN C 33 35.95 -32.95 5.13
CA ASN C 33 35.08 -32.49 6.22
C ASN C 33 35.06 -30.97 6.38
N TYR C 34 35.84 -30.24 5.56
CA TYR C 34 35.83 -28.78 5.48
C TYR C 34 35.80 -28.09 6.84
N ALA C 35 36.62 -28.60 7.77
CA ALA C 35 36.62 -28.07 9.14
C ALA C 35 36.71 -26.56 9.16
N ASN C 36 36.04 -25.94 10.11
CA ASN C 36 36.05 -24.49 10.17
C ASN C 36 35.93 -24.05 11.61
N TRP C 37 36.26 -22.80 11.84
CA TRP C 37 36.33 -22.29 13.20
C TRP C 37 35.69 -20.93 13.24
N ILE C 38 34.76 -20.75 14.14
CA ILE C 38 34.24 -19.41 14.36
C ILE C 38 34.50 -19.06 15.81
N GLN C 39 34.64 -17.78 16.07
CA GLN C 39 35.03 -17.29 17.37
C GLN C 39 33.85 -16.57 17.97
N GLU C 40 33.51 -16.90 19.21
CA GLU C 40 32.41 -16.25 19.91
C GLU C 40 32.97 -15.37 21.01
N LYS C 41 32.48 -14.13 21.07
CA LYS C 41 32.81 -13.31 22.23
C LYS C 41 31.52 -13.02 22.99
N ALA C 42 31.32 -11.81 23.46
CA ALA C 42 30.08 -11.57 24.17
C ALA C 42 28.93 -11.51 23.16
N ASP C 43 27.71 -11.41 23.67
CA ASP C 43 26.65 -10.70 22.97
C ASP C 43 26.16 -11.38 21.68
N HIS C 44 26.25 -12.72 21.58
CA HIS C 44 25.87 -13.44 20.36
C HIS C 44 26.72 -12.94 19.19
N SER C 45 28.02 -12.79 19.44
CA SER C 45 28.93 -12.28 18.43
C SER C 45 29.76 -13.43 17.89
N PHE C 46 29.58 -13.71 16.61
CA PHE C 46 30.37 -14.74 15.96
C PHE C 46 31.20 -14.10 14.85
N THR C 47 32.48 -14.44 14.80
CA THR C 47 33.37 -13.99 13.76
C THR C 47 33.89 -15.22 13.06
N ALA C 48 33.86 -15.23 11.74
CA ALA C 48 34.44 -16.39 11.08
C ALA C 48 35.95 -16.28 11.20
N ILE C 49 36.59 -17.28 11.78
CA ILE C 49 38.04 -17.20 11.88
C ILE C 49 38.69 -17.85 10.68
N LEU C 50 38.34 -19.10 10.40
CA LEU C 50 39.04 -19.86 9.38
C LEU C 50 38.12 -20.98 8.90
N GLY C 51 38.16 -21.27 7.60
CA GLY C 51 37.27 -22.25 7.04
C GLY C 51 37.99 -23.10 6.00
N GLY C 52 37.30 -24.16 5.57
CA GLY C 52 37.92 -25.08 4.63
C GLY C 52 39.26 -25.59 5.10
N THR C 53 39.38 -25.94 6.38
CA THR C 53 40.55 -26.52 7.03
C THR C 53 41.69 -25.52 7.23
N SER C 54 42.11 -24.77 6.19
CA SER C 54 43.31 -23.95 6.34
C SER C 54 43.20 -22.53 5.79
N ASN C 55 42.04 -22.13 5.28
CA ASN C 55 41.85 -20.82 4.68
C ASN C 55 41.44 -19.80 5.73
N ARG C 56 42.29 -18.82 6.00
CA ARG C 56 41.87 -17.72 6.86
C ARG C 56 40.70 -16.97 6.23
N ALA C 57 39.72 -16.62 7.03
CA ALA C 57 38.57 -15.83 6.58
C ALA C 57 38.97 -14.37 6.38
N PRO C 58 38.19 -13.59 5.55
CA PRO C 58 38.54 -12.18 5.36
C PRO C 58 38.68 -11.47 6.72
N GLY C 59 39.84 -10.87 6.97
CA GLY C 59 40.09 -10.15 8.20
C GLY C 59 40.78 -10.93 9.28
N THR C 60 41.00 -12.21 9.11
CA THR C 60 41.54 -12.94 10.25
C THR C 60 43.06 -12.78 10.32
N PRO C 61 43.61 -12.38 11.46
CA PRO C 61 45.04 -12.07 11.54
C PRO C 61 45.91 -13.25 11.13
N ALA C 62 47.18 -12.95 10.87
CA ALA C 62 48.07 -13.97 10.34
C ALA C 62 48.49 -14.96 11.39
N ARG C 63 48.30 -14.65 12.66
CA ARG C 63 48.63 -15.62 13.69
C ARG C 63 47.73 -16.83 13.64
N PHE C 64 46.56 -16.72 12.98
CA PHE C 64 45.64 -17.84 12.89
C PHE C 64 46.03 -18.75 11.73
N SER C 65 46.24 -20.02 12.03
CA SER C 65 46.53 -20.98 11.01
C SER C 65 45.75 -22.24 11.36
N GLY C 66 45.43 -23.00 10.33
CA GLY C 66 44.68 -24.23 10.49
C GLY C 66 45.40 -25.34 9.77
N SER C 67 45.18 -26.57 10.24
CA SER C 67 45.88 -27.71 9.68
C SER C 67 45.13 -28.97 10.03
N LEU C 68 45.55 -30.08 9.44
CA LEU C 68 45.15 -31.41 9.90
C LEU C 68 46.35 -32.00 10.64
N LEU C 69 46.19 -32.23 11.95
CA LEU C 69 47.22 -32.91 12.73
C LEU C 69 46.57 -34.00 13.55
N GLU C 70 47.24 -35.15 13.66
CA GLU C 70 46.71 -36.29 14.40
C GLU C 70 45.36 -36.63 13.79
N GLY C 71 44.48 -37.29 14.51
CA GLY C 71 43.30 -37.63 13.72
C GLY C 71 42.29 -36.52 13.53
N LYS C 72 42.67 -35.30 13.90
CA LYS C 72 41.73 -34.19 13.97
C LYS C 72 42.20 -33.00 13.15
N ALA C 73 41.30 -32.03 13.03
CA ALA C 73 41.60 -30.72 12.47
C ALA C 73 42.03 -29.79 13.59
N ALA C 74 42.91 -28.86 13.26
CA ALA C 74 43.55 -28.08 14.29
C ALA C 74 43.62 -26.62 13.86
N LEU C 75 43.18 -25.74 14.75
CA LEU C 75 43.43 -24.30 14.64
C LEU C 75 44.58 -23.98 15.57
N THR C 76 45.57 -23.27 15.04
CA THR C 76 46.76 -22.90 15.80
C THR C 76 46.95 -21.40 15.72
N ILE C 77 46.86 -20.74 16.87
CA ILE C 77 47.26 -19.35 17.03
C ILE C 77 48.74 -19.31 17.36
N THR C 78 49.49 -18.47 16.67
CA THR C 78 50.94 -18.38 16.88
C THR C 78 51.27 -16.96 17.31
N GLY C 79 51.55 -16.79 18.60
CA GLY C 79 51.70 -15.45 19.16
C GLY C 79 50.36 -14.96 19.67
N ALA C 80 49.74 -15.69 20.59
CA ALA C 80 48.41 -15.32 21.03
C ALA C 80 48.45 -13.90 21.56
N GLN C 81 47.38 -13.17 21.33
CA GLN C 81 47.29 -11.79 21.80
C GLN C 81 46.12 -11.74 22.77
N VAL C 82 46.10 -10.70 23.62
CA VAL C 82 45.05 -10.70 24.63
C VAL C 82 43.67 -10.63 23.98
N GLU C 83 43.58 -10.03 22.78
CA GLU C 83 42.30 -9.96 22.09
C GLU C 83 41.76 -11.32 21.68
N ASP C 84 42.59 -12.35 21.71
CA ASP C 84 42.16 -13.66 21.23
C ASP C 84 41.48 -14.48 22.31
N GLU C 85 41.35 -13.93 23.52
CA GLU C 85 40.63 -14.62 24.58
C GLU C 85 39.17 -14.69 24.21
N ALA C 86 38.69 -15.89 23.95
CA ALA C 86 37.34 -16.07 23.45
C ALA C 86 36.97 -17.54 23.60
N THR C 87 35.78 -17.87 23.12
CA THR C 87 35.37 -19.24 22.93
C THR C 87 35.40 -19.54 21.43
N TYR C 88 36.05 -20.65 21.06
CA TYR C 88 36.17 -21.01 19.67
C TYR C 88 35.39 -22.28 19.39
N PHE C 89 34.48 -22.22 18.41
CA PHE C 89 33.72 -23.38 17.99
C PHE C 89 34.27 -23.88 16.67
N CYS C 90 34.43 -25.19 16.57
CA CYS C 90 34.77 -25.79 15.30
C CYS C 90 33.53 -26.50 14.82
N SER C 91 33.48 -26.78 13.53
CA SER C 91 32.37 -27.56 13.00
C SER C 91 32.90 -28.42 11.87
N LEU C 92 32.29 -29.59 11.70
CA LEU C 92 32.70 -30.53 10.68
C LEU C 92 31.52 -30.86 9.77
N TRP C 93 31.83 -31.22 8.52
CA TRP C 93 30.87 -31.51 7.47
C TRP C 93 30.88 -32.98 7.14
N TYR C 94 29.73 -33.62 7.24
CA TYR C 94 29.59 -35.05 6.98
C TYR C 94 28.62 -35.23 5.83
N SER C 95 29.05 -34.84 4.63
CA SER C 95 28.27 -35.02 3.41
C SER C 95 26.78 -34.83 3.65
N GLY C 96 26.38 -33.59 3.94
CA GLY C 96 25.00 -33.22 4.12
C GLY C 96 24.62 -32.71 5.50
N HIS C 97 25.34 -33.08 6.56
CA HIS C 97 25.00 -32.56 7.87
C HIS C 97 26.22 -31.93 8.48
N LEU C 98 26.03 -30.75 9.05
CA LEU C 98 27.11 -30.00 9.66
C LEU C 98 26.95 -30.14 11.16
N ILE C 99 27.96 -30.64 11.83
CA ILE C 99 27.93 -30.84 13.27
C ILE C 99 29.01 -29.98 13.90
N PHE C 100 28.62 -29.20 14.92
CA PHE C 100 29.54 -28.34 15.65
C PHE C 100 30.13 -29.09 16.84
N GLY C 101 31.35 -28.72 17.22
CA GLY C 101 31.89 -29.16 18.48
C GLY C 101 31.34 -28.32 19.59
N GLY C 102 31.79 -28.60 20.80
CA GLY C 102 31.23 -27.86 21.92
C GLY C 102 31.87 -26.51 22.18
N GLY C 103 32.99 -26.21 21.54
CA GLY C 103 33.62 -24.94 21.75
C GLY C 103 34.68 -25.02 22.81
N THR C 104 35.85 -24.49 22.52
CA THR C 104 36.96 -24.37 23.45
C THR C 104 36.97 -22.98 24.05
N LYS C 105 37.36 -22.89 25.30
CA LYS C 105 37.39 -21.63 26.03
C LYS C 105 38.86 -21.27 26.15
N LEU C 106 39.34 -20.44 25.23
CA LEU C 106 40.74 -20.02 25.26
C LEU C 106 40.85 -18.81 26.17
N THR C 107 41.63 -18.93 27.22
CA THR C 107 41.95 -17.77 28.05
C THR C 107 43.39 -17.40 27.77
N VAL C 108 43.63 -16.10 27.63
CA VAL C 108 44.96 -15.56 27.38
C VAL C 108 45.25 -14.57 28.50
N LYS C 109 46.15 -14.95 29.40
CA LYS C 109 46.32 -14.26 30.67
C LYS C 109 46.90 -12.87 30.40
N ARG C 110 46.06 -11.85 30.36
CA ARG C 110 46.64 -10.52 30.37
C ARG C 110 47.01 -10.20 31.81
N THR C 111 47.43 -8.97 32.07
CA THR C 111 47.81 -8.57 33.42
C THR C 111 46.58 -8.31 34.29
N VAL C 112 46.70 -8.66 35.58
CA VAL C 112 45.59 -8.61 36.52
C VAL C 112 45.15 -7.17 36.76
N ALA C 113 43.84 -6.94 36.68
CA ALA C 113 43.33 -5.59 36.89
C ALA C 113 42.05 -5.62 37.71
N ALA C 114 42.04 -4.84 38.79
CA ALA C 114 40.92 -4.84 39.69
C ALA C 114 39.81 -3.96 39.13
N PRO C 115 38.55 -4.31 39.38
CA PRO C 115 37.46 -3.51 38.82
C PRO C 115 37.33 -2.23 39.61
N SER C 116 37.04 -1.13 38.92
CA SER C 116 36.48 0.04 39.60
C SER C 116 34.99 -0.21 39.76
N VAL C 117 34.45 0.16 40.94
CA VAL C 117 33.10 -0.23 41.37
C VAL C 117 32.24 1.01 41.59
N PHE C 118 31.05 1.02 41.00
CA PHE C 118 30.11 2.11 41.16
C PHE C 118 28.73 1.54 41.49
N ILE C 119 27.96 2.29 42.30
CA ILE C 119 26.64 1.86 42.73
C ILE C 119 25.59 2.91 42.37
N PHE C 120 24.44 2.44 41.91
CA PHE C 120 23.37 3.30 41.39
C PHE C 120 22.08 3.09 42.15
N PRO C 121 21.61 4.10 42.89
CA PRO C 121 20.34 3.97 43.63
C PRO C 121 19.14 3.96 42.70
N PRO C 122 17.99 3.48 43.16
CA PRO C 122 16.81 3.46 42.30
C PRO C 122 16.42 4.89 41.97
N SER C 123 15.91 5.07 40.76
CA SER C 123 15.53 6.44 40.40
C SER C 123 14.22 6.82 41.07
N ASP C 124 13.95 8.13 41.21
CA ASP C 124 12.62 8.47 41.66
C ASP C 124 11.64 8.06 40.67
N GLU C 125 12.05 8.25 39.51
CA GLU C 125 11.26 7.89 38.34
C GLU C 125 10.96 6.40 38.18
N GLN C 126 11.36 5.57 39.17
CA GLN C 126 11.04 4.11 39.24
C GLN C 126 10.29 3.76 40.51
N LEU C 127 10.59 4.40 41.67
CA LEU C 127 10.03 4.00 42.96
C LEU C 127 8.51 4.07 42.94
N LYS C 128 8.04 5.25 42.55
CA LYS C 128 6.83 5.56 41.86
C LYS C 128 5.90 4.44 41.37
N SER C 129 6.48 3.45 40.69
CA SER C 129 5.75 2.30 40.18
C SER C 129 5.73 1.15 41.17
N GLY C 130 6.31 1.32 42.36
CA GLY C 130 6.29 0.29 43.38
C GLY C 130 7.49 -0.62 43.39
N THR C 131 8.33 -0.57 42.37
CA THR C 131 9.57 -1.34 42.35
C THR C 131 10.75 -0.40 42.56
N ALA C 132 11.85 -1.01 43.00
CA ALA C 132 13.10 -0.31 43.22
C ALA C 132 14.20 -1.19 42.65
N SER C 133 15.02 -0.65 41.76
CA SER C 133 16.17 -1.39 41.26
C SER C 133 17.44 -0.67 41.69
N VAL C 134 18.31 -1.39 42.39
CA VAL C 134 19.64 -0.93 42.73
C VAL C 134 20.59 -1.53 41.71
N VAL C 135 21.54 -0.73 41.25
CA VAL C 135 22.45 -1.17 40.20
C VAL C 135 23.86 -1.03 40.70
N CYS C 136 24.68 -2.04 40.41
CA CYS C 136 26.07 -2.07 40.80
C CYS C 136 26.90 -2.44 39.59
N LEU C 137 27.92 -1.64 39.28
CA LEU C 137 28.70 -1.82 38.08
C LEU C 137 30.17 -2.04 38.44
N LEU C 138 30.77 -3.09 37.88
CA LEU C 138 32.20 -3.35 38.01
C LEU C 138 32.83 -3.03 36.66
N ASN C 139 33.80 -2.14 36.64
CA ASN C 139 34.29 -1.56 35.39
C ASN C 139 35.72 -2.02 35.11
N ASN C 140 35.93 -2.67 33.96
CA ASN C 140 37.26 -2.96 33.43
C ASN C 140 38.12 -3.80 34.36
N PHE C 141 37.93 -5.12 34.37
CA PHE C 141 38.75 -5.94 35.24
C PHE C 141 39.29 -7.15 34.48
N TYR C 142 40.28 -7.80 35.07
CA TYR C 142 40.76 -9.06 34.51
C TYR C 142 41.38 -9.79 35.68
N PRO C 143 41.13 -11.10 35.83
CA PRO C 143 40.33 -11.97 34.98
C PRO C 143 38.84 -11.78 35.16
N ARG C 144 38.08 -12.45 34.30
CA ARG C 144 36.65 -12.25 34.18
C ARG C 144 35.89 -12.73 35.41
N GLU C 145 36.51 -13.56 36.24
CA GLU C 145 35.86 -14.11 37.43
C GLU C 145 35.74 -13.05 38.49
N ALA C 146 34.52 -12.63 38.75
CA ALA C 146 34.32 -11.82 39.92
C ALA C 146 33.07 -12.28 40.64
N LYS C 147 33.17 -12.14 41.96
CA LYS C 147 32.09 -12.19 42.91
C LYS C 147 31.32 -10.91 42.92
N VAL C 148 29.97 -10.91 42.96
CA VAL C 148 29.17 -9.76 43.42
C VAL C 148 28.07 -10.16 44.42
N GLN C 149 28.11 -9.62 45.65
CA GLN C 149 27.10 -9.92 46.69
C GLN C 149 26.35 -8.66 47.10
N TRP C 150 25.03 -8.76 47.18
CA TRP C 150 24.21 -7.65 47.66
C TRP C 150 23.95 -7.83 49.15
N LYS C 151 24.22 -6.79 49.91
CA LYS C 151 23.91 -6.79 51.33
C LYS C 151 22.92 -5.67 51.57
N VAL C 152 21.78 -6.03 52.15
CA VAL C 152 20.77 -5.09 52.59
C VAL C 152 20.90 -5.08 54.10
N ASP C 153 21.45 -4.01 54.64
CA ASP C 153 21.73 -3.92 56.06
C ASP C 153 22.55 -5.15 56.47
N ASN C 154 23.59 -5.40 55.69
CA ASN C 154 24.51 -6.51 55.94
C ASN C 154 23.84 -7.88 55.87
N ALA C 155 22.65 -7.96 55.26
CA ALA C 155 21.92 -9.21 55.10
C ALA C 155 21.99 -9.61 53.65
N LEU C 156 22.53 -10.78 53.39
CA LEU C 156 22.62 -11.30 52.04
C LEU C 156 21.24 -11.45 51.41
N GLN C 157 21.17 -11.17 50.12
CA GLN C 157 19.96 -11.32 49.32
C GLN C 157 20.12 -12.57 48.47
N SER C 158 18.99 -13.14 48.05
CA SER C 158 19.02 -14.33 47.20
C SER C 158 17.80 -14.35 46.29
N GLY C 159 18.02 -14.47 44.99
CA GLY C 159 16.93 -14.62 44.06
C GLY C 159 16.30 -13.34 43.55
N ASN C 160 16.78 -12.19 44.01
CA ASN C 160 16.37 -10.91 43.48
C ASN C 160 17.51 -10.20 42.76
N SER C 161 18.56 -10.92 42.39
CA SER C 161 19.68 -10.34 41.69
C SER C 161 19.77 -10.95 40.31
N GLN C 162 20.28 -10.16 39.37
CA GLN C 162 20.65 -10.63 38.05
C GLN C 162 21.92 -9.90 37.64
N GLU C 163 22.88 -10.63 37.05
CA GLU C 163 24.05 -9.94 36.51
C GLU C 163 24.35 -10.42 35.09
N SER C 164 25.31 -9.74 34.46
CA SER C 164 25.78 -10.09 33.14
C SER C 164 27.13 -9.43 32.91
N VAL C 165 28.04 -10.11 32.21
CA VAL C 165 29.37 -9.60 31.95
C VAL C 165 29.50 -9.35 30.46
N THR C 166 30.30 -8.34 30.10
CA THR C 166 30.68 -8.18 28.70
C THR C 166 32.17 -7.86 28.61
N GLU C 167 32.77 -8.23 27.49
CA GLU C 167 34.13 -7.87 27.16
C GLU C 167 34.14 -6.67 26.21
N GLN C 168 35.19 -5.87 26.26
CA GLN C 168 35.36 -4.88 25.20
C GLN C 168 36.54 -5.31 24.37
N ASP C 172 40.93 -2.57 25.39
CA ASP C 172 41.28 -3.03 26.75
C ASP C 172 41.27 -4.56 26.85
N SER C 173 40.30 -5.18 26.15
CA SER C 173 40.03 -6.61 26.26
C SER C 173 39.90 -7.02 27.74
N THR C 174 39.24 -6.16 28.49
CA THR C 174 38.91 -6.38 29.88
C THR C 174 37.41 -6.56 29.97
N TYR C 175 36.98 -7.05 31.12
CA TYR C 175 35.57 -7.30 31.32
C TYR C 175 34.92 -6.20 32.13
N SER C 176 33.62 -6.02 31.92
CA SER C 176 32.80 -5.14 32.71
C SER C 176 31.58 -5.92 33.15
N LEU C 177 30.97 -5.49 34.25
CA LEU C 177 29.89 -6.26 34.85
C LEU C 177 28.85 -5.34 35.47
N SER C 178 27.57 -5.70 35.30
CA SER C 178 26.44 -4.97 35.84
C SER C 178 25.51 -5.94 36.55
N SER C 179 25.27 -5.72 37.85
CA SER C 179 24.36 -6.53 38.65
C SER C 179 23.22 -5.65 39.12
N THR C 180 21.99 -6.15 39.02
CA THR C 180 20.80 -5.38 39.36
C THR C 180 20.04 -6.08 40.45
N LEU C 181 19.77 -5.34 41.51
CA LEU C 181 18.92 -5.77 42.63
C LEU C 181 17.58 -5.08 42.50
N THR C 182 16.48 -5.84 42.57
CA THR C 182 15.14 -5.26 42.47
C THR C 182 14.27 -5.70 43.64
N LEU C 183 13.67 -4.74 44.35
CA LEU C 183 12.74 -5.03 45.42
C LEU C 183 11.45 -4.24 45.24
N SER C 184 10.40 -4.70 45.92
CA SER C 184 9.17 -3.92 45.98
C SER C 184 9.44 -2.67 46.79
N LYS C 185 8.85 -1.54 46.37
CA LYS C 185 9.08 -0.29 47.11
C LYS C 185 8.68 -0.45 48.56
N ALA C 186 7.70 -1.31 48.83
CA ALA C 186 7.39 -1.64 50.21
C ALA C 186 8.62 -2.18 50.94
N ASP C 187 9.21 -3.24 50.39
CA ASP C 187 10.37 -3.85 51.05
C ASP C 187 11.57 -2.93 51.06
N TYR C 188 11.71 -2.09 50.03
CA TYR C 188 12.85 -1.21 49.89
C TYR C 188 12.96 -0.24 51.05
N GLU C 189 11.83 -0.01 51.73
CA GLU C 189 11.71 1.08 52.67
C GLU C 189 11.88 0.69 54.14
N LYS C 190 11.81 -0.59 54.54
CA LYS C 190 12.33 -0.89 55.90
C LYS C 190 13.85 -0.94 55.99
N HIS C 191 14.59 -0.90 54.90
CA HIS C 191 16.01 -1.05 55.13
C HIS C 191 16.73 0.18 54.62
N LYS C 192 17.95 0.32 55.04
CA LYS C 192 18.52 1.64 54.84
C LYS C 192 19.92 1.65 54.25
N VAL C 193 20.76 0.67 54.58
CA VAL C 193 22.08 0.58 53.96
C VAL C 193 21.95 -0.39 52.80
N TYR C 194 22.25 0.07 51.60
CA TYR C 194 22.18 -0.78 50.42
C TYR C 194 23.60 -0.91 49.88
N ALA C 195 24.12 -2.14 49.90
CA ALA C 195 25.54 -2.36 49.70
C ALA C 195 25.79 -3.39 48.62
N CYS C 196 26.80 -3.11 47.82
CA CYS C 196 27.29 -3.96 46.74
C CYS C 196 28.72 -4.35 47.09
N GLU C 197 29.00 -5.65 47.19
CA GLU C 197 30.30 -6.11 47.69
C GLU C 197 31.08 -6.90 46.65
N VAL C 198 32.25 -6.39 46.28
CA VAL C 198 33.06 -6.94 45.17
C VAL C 198 34.34 -7.59 45.72
N THR C 199 34.63 -8.83 45.27
CA THR C 199 35.91 -9.55 45.40
C THR C 199 36.41 -9.92 44.04
N HIS C 200 37.68 -9.72 43.84
CA HIS C 200 38.29 -9.97 42.57
C HIS C 200 39.77 -10.15 42.83
N GLN C 201 40.48 -10.83 41.92
CA GLN C 201 41.90 -11.02 42.16
C GLN C 201 42.65 -9.70 42.28
N GLY C 202 42.14 -8.66 41.63
CA GLY C 202 42.79 -7.38 41.73
C GLY C 202 42.56 -6.62 43.01
N LEU C 203 41.71 -7.11 43.91
CA LEU C 203 41.45 -6.46 45.19
C LEU C 203 42.17 -7.19 46.32
N SER C 204 42.88 -6.43 47.16
CA SER C 204 43.49 -7.05 48.33
C SER C 204 42.42 -7.59 49.27
N SER C 205 41.42 -6.77 49.58
CA SER C 205 40.24 -7.14 50.36
C SER C 205 38.98 -6.78 49.59
N PRO C 206 37.88 -7.51 49.79
CA PRO C 206 36.66 -7.22 49.05
C PRO C 206 36.28 -5.78 49.26
N VAL C 207 35.83 -5.17 48.21
CA VAL C 207 35.43 -3.78 48.23
C VAL C 207 33.92 -3.71 48.40
N THR C 208 33.47 -2.71 49.15
CA THR C 208 32.05 -2.48 49.32
C THR C 208 31.78 -1.05 48.88
N LYS C 209 30.89 -0.88 47.92
CA LYS C 209 30.28 0.40 47.63
C LYS C 209 28.84 0.28 48.10
N SER C 210 28.41 1.23 48.92
CA SER C 210 27.10 1.16 49.55
C SER C 210 26.45 2.53 49.47
N PHE C 211 25.20 2.58 49.90
CA PHE C 211 24.56 3.88 50.06
C PHE C 211 23.44 3.76 51.10
N ASN C 212 23.00 4.93 51.55
CA ASN C 212 22.00 5.09 52.58
C ASN C 212 20.81 5.76 51.90
N ARG C 213 19.62 5.20 52.09
CA ARG C 213 18.42 5.60 51.35
C ARG C 213 18.34 7.10 51.08
N GLY C 214 18.04 7.89 52.12
CA GLY C 214 18.02 9.33 51.95
C GLY C 214 19.45 9.81 51.75
N GLU C 215 20.22 9.79 52.84
CA GLU C 215 21.63 10.18 52.85
C GLU C 215 22.44 9.58 51.70
N GLU D 2 11.17 -10.90 -59.85
CA GLU D 2 11.01 -9.59 -60.46
C GLU D 2 12.03 -9.46 -61.59
N LEU D 3 13.31 -9.43 -61.21
CA LEU D 3 14.43 -9.39 -62.14
C LEU D 3 14.60 -10.77 -62.77
N PHE D 4 14.30 -10.89 -64.07
CA PHE D 4 14.42 -12.15 -64.79
C PHE D 4 15.73 -12.15 -65.58
N ASN D 5 16.68 -13.00 -65.17
CA ASN D 5 17.81 -13.35 -66.02
C ASN D 5 17.30 -14.21 -67.21
N VAL D 6 18.17 -14.43 -68.19
CA VAL D 6 17.77 -14.99 -69.48
C VAL D 6 17.53 -16.49 -69.34
N GLY D 7 16.37 -16.96 -69.84
CA GLY D 7 15.99 -18.38 -69.75
C GLY D 7 15.21 -18.96 -70.92
N ASP D 8 15.49 -20.22 -71.29
CA ASP D 8 15.03 -20.70 -72.58
C ASP D 8 13.98 -21.82 -72.49
N ASP D 9 13.83 -22.59 -73.57
CA ASP D 9 13.01 -23.80 -73.69
C ASP D 9 13.88 -24.98 -74.12
N VAL D 10 13.95 -26.01 -73.30
CA VAL D 10 14.74 -27.19 -73.63
C VAL D 10 13.80 -28.27 -74.15
N TYR D 11 14.04 -28.79 -75.34
CA TYR D 11 13.19 -29.83 -75.92
C TYR D 11 13.89 -31.16 -75.77
N ALA D 12 13.38 -32.04 -74.94
CA ALA D 12 14.04 -33.31 -74.70
C ALA D 12 13.12 -34.48 -74.99
N LEU D 13 13.73 -35.60 -75.29
CA LEU D 13 12.99 -36.83 -75.46
C LEU D 13 13.28 -37.77 -74.29
N PRO D 14 12.26 -38.44 -73.78
CA PRO D 14 12.40 -39.26 -72.57
C PRO D 14 13.61 -40.17 -72.59
N GLY D 15 14.21 -40.33 -71.39
CA GLY D 15 15.39 -41.14 -71.18
C GLY D 15 16.68 -40.36 -71.31
N SER D 16 16.62 -39.15 -71.83
CA SER D 16 17.75 -38.28 -71.98
C SER D 16 18.06 -37.60 -70.65
N ASP D 17 19.17 -36.87 -70.57
CA ASP D 17 19.56 -36.19 -69.34
C ASP D 17 19.62 -34.69 -69.50
N ILE D 18 19.08 -33.99 -68.52
CA ILE D 18 19.01 -32.54 -68.54
C ILE D 18 19.91 -32.03 -67.43
N ASN D 19 20.73 -31.03 -67.74
CA ASN D 19 21.66 -30.40 -66.80
C ASN D 19 21.38 -28.90 -66.85
N LEU D 20 20.60 -28.36 -65.92
CA LEU D 20 20.30 -26.93 -65.84
C LEU D 20 21.34 -26.20 -65.01
N THR D 21 22.05 -25.24 -65.62
CA THR D 21 23.02 -24.42 -64.92
C THR D 21 22.52 -22.98 -64.89
N CYS D 22 22.98 -22.25 -63.88
CA CYS D 22 22.46 -20.93 -63.59
C CYS D 22 23.52 -20.22 -62.76
N GLN D 23 24.09 -19.13 -63.26
CA GLN D 23 25.12 -18.45 -62.51
C GLN D 23 24.61 -17.09 -62.08
N THR D 24 25.18 -16.62 -60.98
CA THR D 24 25.02 -15.24 -60.58
C THR D 24 26.39 -14.64 -60.40
N LYS D 25 26.38 -13.33 -60.53
CA LYS D 25 27.57 -12.51 -60.55
C LYS D 25 28.17 -12.31 -59.17
N GLU D 26 27.44 -12.61 -58.10
CA GLU D 26 27.73 -12.01 -56.80
C GLU D 26 27.75 -12.93 -55.59
N LYS D 27 28.92 -12.98 -54.94
CA LYS D 27 29.04 -13.49 -53.58
C LYS D 27 28.68 -12.42 -52.52
N ASN D 28 28.96 -11.13 -52.78
CA ASN D 28 28.86 -10.11 -51.72
C ASN D 28 27.48 -10.10 -51.06
N PHE D 29 26.42 -10.31 -51.85
CA PHE D 29 25.07 -10.15 -51.33
C PHE D 29 24.20 -11.37 -51.55
N LEU D 30 24.80 -12.53 -51.85
CA LEU D 30 24.04 -13.73 -52.15
C LEU D 30 23.52 -14.37 -50.87
N VAL D 31 22.20 -14.42 -50.72
CA VAL D 31 21.65 -15.01 -49.51
C VAL D 31 21.48 -16.51 -49.69
N GLN D 32 20.84 -16.94 -50.78
CA GLN D 32 20.55 -18.35 -50.98
C GLN D 32 20.25 -18.60 -52.45
N MET D 33 20.40 -19.86 -52.86
CA MET D 33 20.03 -20.32 -54.19
C MET D 33 18.88 -21.30 -54.08
N GLN D 34 18.07 -21.40 -55.13
CA GLN D 34 16.91 -22.26 -55.02
C GLN D 34 16.58 -22.86 -56.37
N TRP D 35 16.15 -24.10 -56.38
CA TRP D 35 15.59 -24.72 -57.58
C TRP D 35 14.15 -25.06 -57.25
N SER D 36 13.24 -24.69 -58.13
CA SER D 36 11.82 -24.94 -57.93
C SER D 36 11.25 -25.45 -59.23
N LYS D 37 10.29 -26.36 -59.13
CA LYS D 37 9.56 -26.80 -60.31
C LYS D 37 8.10 -26.43 -60.17
N VAL D 38 7.62 -25.54 -61.05
CA VAL D 38 6.21 -25.17 -61.06
C VAL D 38 5.56 -26.04 -62.14
N THR D 39 4.66 -26.94 -61.73
CA THR D 39 4.11 -27.91 -62.68
C THR D 39 2.65 -27.59 -62.92
N ASP D 40 1.82 -27.90 -61.95
CA ASP D 40 0.60 -27.15 -61.80
C ASP D 40 0.67 -26.39 -60.47
N LYS D 41 1.60 -26.77 -59.61
CA LYS D 41 1.86 -26.05 -58.38
C LYS D 41 3.36 -25.81 -58.20
N ASN D 42 3.68 -24.90 -57.28
CA ASN D 42 5.07 -24.52 -57.01
C ASN D 42 5.75 -25.49 -56.04
N ASP D 43 6.72 -26.23 -56.56
CA ASP D 43 7.45 -27.27 -55.84
C ASP D 43 8.89 -26.84 -55.56
N MET D 44 9.23 -26.62 -54.29
CA MET D 44 10.62 -26.30 -53.95
C MET D 44 11.45 -27.58 -53.99
N ILE D 45 12.53 -27.58 -54.76
CA ILE D 45 13.38 -28.75 -54.93
C ILE D 45 14.60 -28.72 -54.03
N ALA D 46 15.37 -27.64 -54.08
CA ALA D 46 16.59 -27.61 -53.30
C ALA D 46 16.87 -26.18 -52.91
N LEU D 47 17.30 -25.99 -51.67
CA LEU D 47 17.62 -24.68 -51.14
C LEU D 47 19.04 -24.73 -50.61
N TYR D 48 19.89 -23.87 -51.11
CA TYR D 48 21.26 -23.86 -50.64
C TYR D 48 21.61 -22.51 -50.05
N HIS D 49 22.15 -22.53 -48.85
CA HIS D 49 22.56 -21.31 -48.22
C HIS D 49 24.05 -21.39 -48.00
N PRO D 50 24.82 -20.39 -48.41
CA PRO D 50 26.28 -20.56 -48.47
C PRO D 50 26.92 -20.82 -47.14
N GLN D 51 26.23 -20.53 -46.04
CA GLN D 51 26.77 -20.79 -44.72
C GLN D 51 26.02 -21.83 -43.92
N TYR D 52 24.75 -22.08 -44.24
CA TYR D 52 23.94 -22.99 -43.45
C TYR D 52 23.63 -24.31 -44.15
N GLY D 53 24.06 -24.48 -45.38
CA GLY D 53 23.99 -25.77 -46.00
C GLY D 53 22.85 -25.89 -46.99
N LEU D 54 22.64 -27.13 -47.41
CA LEU D 54 21.69 -27.50 -48.43
C LEU D 54 20.39 -27.94 -47.76
N TYR D 55 19.26 -27.56 -48.33
CA TYR D 55 17.99 -27.95 -47.73
C TYR D 55 17.07 -28.48 -48.82
N CYS D 56 16.44 -29.62 -48.55
CA CYS D 56 15.63 -30.26 -49.56
C CYS D 56 14.18 -29.90 -49.40
N GLY D 57 13.55 -29.58 -50.52
CA GLY D 57 12.13 -29.40 -50.50
C GLY D 57 11.46 -30.73 -50.30
N GLN D 58 10.46 -30.72 -49.43
CA GLN D 58 9.53 -31.80 -49.12
C GLN D 58 9.80 -33.11 -49.86
N GLU D 59 10.80 -33.85 -49.36
CA GLU D 59 11.22 -35.14 -49.88
C GLU D 59 11.63 -35.05 -51.36
N HIS D 60 12.92 -34.74 -51.55
CA HIS D 60 13.63 -34.68 -52.83
C HIS D 60 15.03 -35.25 -52.61
N ALA D 61 15.77 -35.47 -53.68
CA ALA D 61 17.11 -36.01 -53.50
C ALA D 61 18.18 -34.94 -53.33
N CYS D 62 17.94 -33.72 -53.84
CA CYS D 62 18.90 -32.63 -53.85
C CYS D 62 20.33 -33.08 -53.97
N GLU D 63 20.92 -33.49 -52.84
CA GLU D 63 22.36 -33.70 -52.78
C GLU D 63 22.88 -34.51 -53.95
N SER D 64 22.11 -35.47 -54.45
CA SER D 64 22.54 -36.15 -55.66
C SER D 64 22.24 -35.36 -56.93
N GLN D 65 21.31 -34.40 -56.88
CA GLN D 65 20.88 -33.68 -58.07
C GLN D 65 21.34 -32.23 -58.18
N VAL D 66 21.96 -31.64 -57.16
CA VAL D 66 22.31 -30.22 -57.27
C VAL D 66 23.74 -30.04 -56.82
N ALA D 67 24.32 -28.92 -57.24
CA ALA D 67 25.70 -28.62 -56.93
C ALA D 67 25.91 -27.12 -57.09
N ALA D 68 26.82 -26.60 -56.29
CA ALA D 68 27.12 -25.18 -56.22
C ALA D 68 28.63 -25.08 -56.26
N THR D 69 29.14 -24.30 -57.20
CA THR D 69 30.57 -24.30 -57.42
C THR D 69 31.19 -22.90 -57.56
N GLU D 70 32.51 -23.00 -57.48
CA GLU D 70 33.56 -22.01 -57.59
C GLU D 70 34.14 -21.99 -58.99
N THR D 71 33.87 -20.97 -59.78
CA THR D 71 34.61 -20.84 -61.03
C THR D 71 35.14 -19.42 -61.18
N GLU D 72 36.39 -19.35 -61.64
CA GLU D 72 37.14 -18.11 -61.82
C GLU D 72 37.15 -17.46 -60.44
N LYS D 73 36.69 -16.22 -60.28
CA LYS D 73 36.41 -15.69 -58.95
C LYS D 73 35.18 -14.81 -59.06
N GLY D 74 34.21 -15.05 -58.18
CA GLY D 74 32.99 -14.27 -58.18
C GLY D 74 31.81 -15.07 -58.71
N VAL D 75 32.03 -15.67 -59.89
CA VAL D 75 31.00 -16.47 -60.52
C VAL D 75 30.62 -17.61 -59.59
N THR D 76 29.34 -17.69 -59.26
CA THR D 76 28.80 -18.88 -58.61
C THR D 76 28.04 -19.71 -59.63
N ASN D 77 28.25 -21.03 -59.61
CA ASN D 77 27.57 -21.95 -60.51
C ASN D 77 26.50 -22.70 -59.71
N TRP D 78 25.25 -22.52 -60.06
CA TRP D 78 24.14 -23.21 -59.42
C TRP D 78 23.49 -24.11 -60.45
N THR D 79 23.54 -25.43 -60.22
CA THR D 79 23.18 -26.35 -61.28
C THR D 79 22.25 -27.46 -60.78
N LEU D 80 21.28 -27.84 -61.61
CA LEU D 80 20.35 -28.92 -61.30
C LEU D 80 20.49 -29.99 -62.39
N TYR D 81 20.73 -31.24 -61.98
CA TYR D 81 20.93 -32.35 -62.91
C TYR D 81 19.77 -33.35 -62.83
N LEU D 82 19.07 -33.55 -63.94
CA LEU D 82 17.99 -34.54 -63.98
C LEU D 82 18.42 -35.76 -64.76
N ARG D 83 18.36 -36.94 -64.13
CA ARG D 83 18.64 -38.10 -64.97
C ARG D 83 17.45 -38.74 -65.62
N ASN D 84 17.72 -39.33 -66.77
CA ASN D 84 16.83 -40.30 -67.40
C ASN D 84 15.36 -39.82 -67.35
N ILE D 85 15.14 -38.62 -67.89
CA ILE D 85 13.88 -37.91 -67.68
C ILE D 85 12.73 -38.67 -68.32
N SER D 86 11.63 -38.80 -67.57
CA SER D 86 10.37 -39.31 -68.07
C SER D 86 9.47 -38.14 -68.48
N SER D 87 8.33 -38.47 -69.07
CA SER D 87 7.37 -37.43 -69.41
C SER D 87 6.96 -36.64 -68.19
N ALA D 88 6.94 -37.28 -67.03
CA ALA D 88 6.37 -36.63 -65.87
C ALA D 88 7.29 -35.55 -65.32
N LEU D 89 8.57 -35.58 -65.70
CA LEU D 89 9.52 -34.58 -65.22
C LEU D 89 9.47 -33.27 -66.01
N GLY D 90 8.64 -33.17 -67.06
CA GLY D 90 8.50 -31.95 -67.82
C GLY D 90 7.96 -30.82 -66.97
N GLY D 91 7.84 -29.63 -67.52
CA GLY D 91 7.30 -28.51 -66.79
C GLY D 91 8.35 -27.45 -66.53
N LYS D 92 7.92 -26.39 -65.84
CA LYS D 92 8.68 -25.15 -65.71
C LYS D 92 9.59 -25.19 -64.49
N TYR D 93 10.90 -25.11 -64.72
CA TYR D 93 11.87 -25.01 -63.64
C TYR D 93 12.37 -23.57 -63.50
N GLU D 94 12.72 -23.20 -62.26
CA GLU D 94 13.32 -21.90 -62.04
C GLU D 94 14.49 -22.04 -61.10
N CYS D 95 15.42 -21.11 -61.24
CA CYS D 95 16.60 -20.96 -60.39
C CYS D 95 16.51 -19.57 -59.78
N ILE D 96 16.42 -19.50 -58.45
CA ILE D 96 16.17 -18.24 -57.74
C ILE D 96 17.34 -17.92 -56.81
N PHE D 97 18.01 -16.80 -57.07
CA PHE D 97 19.00 -16.20 -56.18
C PHE D 97 18.33 -15.11 -55.35
N THR D 98 18.63 -15.02 -54.06
CA THR D 98 18.10 -13.95 -53.21
C THR D 98 19.09 -12.82 -52.91
N LEU D 99 18.67 -11.58 -53.15
CA LEU D 99 19.35 -10.32 -52.79
C LEU D 99 19.47 -10.09 -51.28
N TYR D 100 20.57 -9.34 -50.86
CA TYR D 100 20.37 -8.40 -49.74
C TYR D 100 20.18 -6.99 -50.29
N PRO D 101 19.20 -6.25 -49.75
CA PRO D 101 18.25 -6.96 -48.90
C PRO D 101 16.88 -7.43 -49.50
N GLU D 102 16.57 -7.24 -50.79
CA GLU D 102 15.17 -7.42 -51.22
C GLU D 102 14.98 -8.41 -52.36
N GLY D 103 15.35 -8.07 -53.60
CA GLY D 103 14.76 -8.70 -54.76
C GLY D 103 15.34 -10.07 -55.09
N ILE D 104 14.89 -10.60 -56.22
CA ILE D 104 15.33 -11.92 -56.64
C ILE D 104 15.72 -11.89 -58.10
N LYS D 105 16.68 -12.74 -58.46
CA LYS D 105 17.08 -12.95 -59.84
C LYS D 105 16.58 -14.35 -60.18
N THR D 106 15.58 -14.41 -61.03
CA THR D 106 14.99 -15.68 -61.45
C THR D 106 15.47 -16.04 -62.85
N THR D 107 15.56 -17.35 -63.11
CA THR D 107 15.91 -17.85 -64.43
C THR D 107 14.98 -19.01 -64.74
N VAL D 108 14.21 -18.92 -65.81
CA VAL D 108 13.15 -19.87 -66.06
C VAL D 108 13.57 -20.82 -67.17
N TYR D 109 13.45 -22.13 -66.92
CA TYR D 109 13.74 -23.17 -67.90
C TYR D 109 12.51 -24.03 -68.11
N ASN D 110 12.07 -24.16 -69.36
CA ASN D 110 10.91 -24.96 -69.70
C ASN D 110 11.40 -26.28 -70.26
N LEU D 111 11.19 -27.36 -69.51
CA LEU D 111 11.56 -28.69 -69.99
C LEU D 111 10.33 -29.28 -70.67
N ILE D 112 10.43 -29.51 -71.97
CA ILE D 112 9.36 -30.09 -72.79
C ILE D 112 9.80 -31.48 -73.27
N VAL D 113 9.08 -32.52 -72.86
CA VAL D 113 9.40 -33.92 -73.17
C VAL D 113 8.42 -34.44 -74.23
N GLU D 114 8.90 -34.68 -75.47
CA GLU D 114 8.10 -35.34 -76.54
C GLU D 114 6.88 -36.14 -76.10
N VAL E 2 6.79 -36.64 -40.37
CA VAL E 2 7.93 -36.19 -39.58
C VAL E 2 7.61 -36.35 -38.13
N GLN E 3 8.53 -36.89 -37.36
CA GLN E 3 8.39 -36.78 -35.91
C GLN E 3 9.74 -36.44 -35.33
N LEU E 4 9.74 -35.50 -34.40
CA LEU E 4 10.92 -35.09 -33.66
C LEU E 4 10.60 -35.36 -32.21
N LYS E 5 11.40 -36.14 -31.52
CA LYS E 5 11.16 -36.36 -30.11
C LYS E 5 12.36 -36.11 -29.25
N GLU E 6 12.16 -35.24 -28.25
CA GLU E 6 13.15 -34.97 -27.23
C GLU E 6 13.06 -36.01 -26.14
N SER E 7 14.22 -36.40 -25.62
CA SER E 7 14.35 -37.37 -24.57
C SER E 7 15.46 -36.96 -23.63
N GLY E 8 15.31 -37.26 -22.36
CA GLY E 8 16.30 -36.93 -21.35
C GLY E 8 15.79 -37.16 -19.94
N PRO E 9 16.65 -36.99 -18.93
CA PRO E 9 16.21 -37.23 -17.54
C PRO E 9 15.15 -36.22 -17.12
N GLY E 10 14.20 -36.69 -16.32
CA GLY E 10 13.17 -35.81 -15.84
C GLY E 10 13.61 -35.00 -14.65
N LEU E 11 14.53 -35.55 -13.85
CA LEU E 11 14.98 -34.92 -12.62
C LEU E 11 16.47 -35.12 -12.52
N VAL E 12 17.23 -34.04 -12.40
CA VAL E 12 18.69 -34.09 -12.47
C VAL E 12 19.26 -33.20 -11.38
N GLN E 13 20.40 -33.57 -10.90
CA GLN E 13 20.87 -32.85 -9.75
C GLN E 13 21.75 -31.67 -10.11
N PRO E 14 21.74 -30.64 -9.28
CA PRO E 14 22.48 -29.43 -9.60
C PRO E 14 23.95 -29.74 -9.84
N SER E 15 24.54 -29.00 -10.78
CA SER E 15 25.94 -29.10 -11.19
C SER E 15 26.27 -30.40 -11.94
N GLN E 16 25.31 -31.30 -12.13
CA GLN E 16 25.58 -32.38 -13.05
C GLN E 16 25.51 -31.81 -14.47
N THR E 17 25.70 -32.63 -15.49
CA THR E 17 25.67 -32.10 -16.85
C THR E 17 24.51 -32.77 -17.55
N LEU E 18 23.62 -31.95 -18.10
CA LEU E 18 22.41 -32.43 -18.76
C LEU E 18 22.76 -32.82 -20.17
N SER E 19 22.28 -33.97 -20.60
CA SER E 19 22.38 -34.35 -22.00
C SER E 19 21.03 -34.85 -22.46
N LEU E 20 20.39 -34.09 -23.36
CA LEU E 20 19.17 -34.50 -24.01
C LEU E 20 19.53 -34.92 -25.43
N THR E 21 18.71 -35.81 -25.98
CA THR E 21 18.89 -36.18 -27.35
C THR E 21 17.54 -36.07 -28.04
N CYS E 22 17.52 -35.38 -29.18
CA CYS E 22 16.34 -35.21 -30.01
C CYS E 22 16.46 -36.18 -31.18
N THR E 23 15.48 -37.06 -31.32
CA THR E 23 15.52 -38.13 -32.30
C THR E 23 14.54 -37.83 -33.40
N VAL E 24 15.06 -37.68 -34.61
CA VAL E 24 14.29 -37.20 -35.74
C VAL E 24 13.92 -38.37 -36.63
N SER E 25 12.63 -38.54 -36.85
CA SER E 25 12.10 -39.55 -37.72
C SER E 25 11.59 -38.89 -38.99
N GLY E 26 11.79 -39.55 -40.12
CA GLY E 26 11.18 -39.16 -41.37
C GLY E 26 11.94 -38.12 -42.16
N LEU E 27 13.23 -37.92 -41.88
CA LEU E 27 14.07 -37.02 -42.65
C LEU E 27 15.50 -37.23 -42.20
N SER E 28 16.45 -36.98 -43.09
CA SER E 28 17.85 -37.12 -42.76
C SER E 28 18.42 -35.79 -42.30
N LEU E 29 19.24 -35.84 -41.25
CA LEU E 29 19.90 -34.64 -40.75
C LEU E 29 20.93 -34.07 -41.72
N THR E 30 21.15 -34.64 -42.90
CA THR E 30 22.09 -34.01 -43.81
C THR E 30 21.43 -32.94 -44.67
N THR E 31 20.11 -32.90 -44.74
CA THR E 31 19.40 -31.85 -45.47
C THR E 31 18.36 -31.13 -44.59
N ASN E 32 18.47 -31.25 -43.27
CA ASN E 32 17.65 -30.47 -42.35
C ASN E 32 18.51 -30.03 -41.19
N SER E 33 18.08 -28.95 -40.53
CA SER E 33 18.73 -28.44 -39.33
C SER E 33 17.80 -28.63 -38.16
N VAL E 34 18.37 -28.67 -36.95
CA VAL E 34 17.63 -28.89 -35.72
C VAL E 34 18.12 -27.88 -34.68
N SER E 35 17.18 -27.24 -34.00
CA SER E 35 17.47 -26.23 -32.98
C SER E 35 16.99 -26.73 -31.64
N TRP E 36 17.59 -26.21 -30.59
CA TRP E 36 17.15 -26.49 -29.24
C TRP E 36 16.63 -25.19 -28.64
N ILE E 37 15.41 -25.21 -28.15
CA ILE E 37 14.81 -24.04 -27.53
C ILE E 37 14.30 -24.45 -26.16
N ARG E 38 14.41 -23.57 -25.19
CA ARG E 38 14.00 -23.94 -23.84
C ARG E 38 13.03 -22.90 -23.27
N GLN E 39 12.22 -23.33 -22.31
CA GLN E 39 11.27 -22.43 -21.66
C GLN E 39 11.09 -22.85 -20.22
N PRO E 40 11.75 -22.18 -19.29
CA PRO E 40 11.53 -22.41 -17.85
C PRO E 40 10.14 -21.96 -17.45
N PRO E 41 9.58 -22.47 -16.35
CA PRO E 41 8.20 -22.12 -16.03
C PRO E 41 8.10 -20.63 -15.77
N GLY E 42 7.08 -20.01 -16.34
CA GLY E 42 6.91 -18.55 -16.24
C GLY E 42 7.64 -17.70 -17.28
N LYS E 43 8.94 -17.89 -17.46
CA LYS E 43 9.70 -17.03 -18.36
C LYS E 43 9.44 -17.42 -19.83
N GLY E 44 10.07 -16.68 -20.74
CA GLY E 44 9.79 -16.81 -22.16
C GLY E 44 10.65 -17.87 -22.79
N LEU E 45 10.48 -18.04 -24.09
CA LEU E 45 11.33 -18.98 -24.79
C LEU E 45 12.74 -18.44 -24.90
N GLU E 46 13.72 -19.35 -24.91
CA GLU E 46 15.12 -18.99 -25.10
C GLU E 46 15.72 -19.95 -26.09
N TRP E 47 16.20 -19.42 -27.21
CA TRP E 47 16.87 -20.26 -28.19
C TRP E 47 18.23 -20.65 -27.67
N MET E 48 18.65 -21.84 -27.97
CA MET E 48 19.85 -22.35 -27.34
C MET E 48 20.96 -22.68 -28.30
N GLY E 49 20.63 -23.22 -29.46
CA GLY E 49 21.62 -23.52 -30.47
C GLY E 49 20.95 -24.25 -31.59
N VAL E 50 21.70 -24.39 -32.68
CA VAL E 50 21.20 -25.01 -33.90
C VAL E 50 22.36 -25.78 -34.49
N ILE E 51 22.07 -26.95 -35.05
CA ILE E 51 23.08 -27.63 -35.83
C ILE E 51 22.57 -27.69 -37.26
N TRP E 52 23.34 -27.10 -38.17
CA TRP E 52 22.85 -26.90 -39.51
C TRP E 52 22.89 -28.16 -40.34
N SER E 53 22.29 -28.05 -41.52
CA SER E 53 22.29 -29.15 -42.45
C SER E 53 23.69 -29.72 -42.64
N ASN E 54 24.69 -28.85 -42.62
CA ASN E 54 26.05 -29.19 -42.92
C ASN E 54 26.87 -29.42 -41.67
N GLY E 55 26.25 -29.52 -40.51
CA GLY E 55 27.00 -29.83 -39.31
C GLY E 55 27.55 -28.63 -38.57
N GLY E 56 27.63 -27.48 -39.20
CA GLY E 56 28.01 -26.29 -38.47
C GLY E 56 27.04 -25.99 -37.33
N THR E 57 27.47 -25.14 -36.42
CA THR E 57 26.63 -24.83 -35.28
C THR E 57 26.62 -23.34 -35.06
N ASP E 58 25.60 -22.88 -34.34
CA ASP E 58 25.56 -21.53 -33.80
C ASP E 58 24.90 -21.61 -32.45
N TYR E 59 25.42 -20.86 -31.50
CA TYR E 59 24.86 -20.94 -30.15
C TYR E 59 24.38 -19.57 -29.69
N ASN E 60 23.45 -19.59 -28.76
CA ASN E 60 23.09 -18.38 -28.06
C ASN E 60 24.31 -17.91 -27.32
N SER E 61 24.77 -16.69 -27.60
CA SER E 61 26.03 -16.24 -27.03
C SER E 61 25.96 -16.11 -25.52
N ASP E 62 24.76 -16.10 -24.94
CA ASP E 62 24.63 -16.03 -23.50
C ASP E 62 24.91 -17.36 -22.80
N ILE E 63 25.03 -18.46 -23.55
CA ILE E 63 25.24 -19.75 -22.90
C ILE E 63 26.22 -20.59 -23.70
N LYS E 64 26.78 -20.02 -24.77
CA LYS E 64 27.67 -20.79 -25.63
C LYS E 64 28.70 -21.53 -24.79
N SER E 65 29.22 -20.87 -23.76
CA SER E 65 30.28 -21.45 -22.94
C SER E 65 29.84 -22.72 -22.23
N ARG E 66 28.53 -22.99 -22.13
CA ARG E 66 28.01 -24.14 -21.40
C ARG E 66 27.46 -25.25 -22.30
N LEU E 67 27.18 -24.94 -23.58
CA LEU E 67 26.46 -25.83 -24.47
C LEU E 67 27.39 -26.47 -25.47
N SER E 68 27.15 -27.73 -25.77
CA SER E 68 27.81 -28.38 -26.90
C SER E 68 26.73 -29.14 -27.66
N ILE E 69 26.48 -28.73 -28.91
CA ILE E 69 25.45 -29.35 -29.73
C ILE E 69 26.12 -30.13 -30.85
N SER E 70 25.75 -31.39 -30.97
CA SER E 70 26.36 -32.22 -31.99
C SER E 70 25.27 -33.15 -32.47
N ARG E 71 25.57 -33.89 -33.52
CA ARG E 71 24.58 -34.76 -34.13
C ARG E 71 25.26 -36.06 -34.51
N ASP E 72 24.41 -37.04 -34.76
CA ASP E 72 24.82 -38.34 -35.28
C ASP E 72 23.88 -38.69 -36.44
N THR E 73 24.28 -38.32 -37.65
CA THR E 73 23.39 -38.57 -38.77
C THR E 73 23.17 -40.05 -38.97
N SER E 74 23.94 -40.91 -38.31
CA SER E 74 23.75 -42.34 -38.51
C SER E 74 22.46 -42.75 -37.86
N LYS E 75 22.21 -42.24 -36.65
CA LYS E 75 20.88 -42.46 -36.08
C LYS E 75 19.93 -41.32 -36.08
N SER E 76 20.11 -40.33 -36.97
CA SER E 76 19.17 -39.22 -37.01
C SER E 76 18.90 -38.74 -35.59
N GLN E 77 19.98 -38.26 -35.01
CA GLN E 77 19.96 -37.86 -33.64
C GLN E 77 20.71 -36.55 -33.50
N VAL E 78 20.14 -35.66 -32.74
CA VAL E 78 20.76 -34.42 -32.35
C VAL E 78 20.93 -34.48 -30.85
N PHE E 79 22.08 -34.04 -30.35
CA PHE E 79 22.33 -34.10 -28.92
C PHE E 79 22.49 -32.69 -28.38
N LEU E 80 22.10 -32.51 -27.13
CA LEU E 80 22.42 -31.29 -26.39
C LEU E 80 23.10 -31.70 -25.11
N LYS E 81 24.25 -31.08 -24.83
CA LYS E 81 25.00 -31.28 -23.60
C LYS E 81 25.21 -29.92 -22.94
N MET E 82 24.86 -29.82 -21.66
CA MET E 82 24.97 -28.57 -20.91
C MET E 82 25.70 -28.82 -19.59
N ASN E 83 26.81 -28.13 -19.34
CA ASN E 83 27.55 -28.39 -18.12
C ASN E 83 27.02 -27.59 -16.95
N SER E 84 27.43 -28.01 -15.75
CA SER E 84 27.26 -27.22 -14.53
C SER E 84 25.84 -26.71 -14.41
N LEU E 85 24.92 -27.67 -14.34
CA LEU E 85 23.50 -27.38 -14.29
C LEU E 85 23.16 -26.73 -12.96
N GLN E 86 22.42 -25.63 -13.00
CA GLN E 86 21.87 -25.11 -11.75
C GLN E 86 20.37 -25.33 -11.73
N THR E 87 19.76 -25.08 -10.58
CA THR E 87 18.32 -25.29 -10.46
C THR E 87 17.54 -24.29 -11.28
N GLU E 88 18.07 -23.12 -11.58
CA GLU E 88 17.28 -22.26 -12.44
C GLU E 88 17.24 -22.77 -13.88
N ASP E 89 17.98 -23.81 -14.21
CA ASP E 89 17.92 -24.32 -15.56
C ASP E 89 16.71 -25.19 -15.83
N THR E 90 15.87 -25.48 -14.82
CA THR E 90 14.77 -26.41 -15.08
C THR E 90 13.75 -25.76 -15.98
N ALA E 91 13.32 -26.50 -17.00
CA ALA E 91 12.55 -25.90 -18.07
C ALA E 91 12.03 -27.01 -18.96
N MET E 92 11.19 -26.62 -19.91
CA MET E 92 10.81 -27.49 -20.98
C MET E 92 11.87 -27.36 -22.06
N TYR E 93 12.40 -28.48 -22.53
CA TYR E 93 13.44 -28.46 -23.55
C TYR E 93 12.86 -29.02 -24.83
N PHE E 94 12.76 -28.19 -25.86
CA PHE E 94 12.18 -28.52 -27.15
C PHE E 94 13.26 -28.61 -28.20
N CYS E 95 13.07 -29.45 -29.20
CA CYS E 95 13.87 -29.37 -30.41
C CYS E 95 12.94 -29.04 -31.56
N ALA E 96 13.44 -28.29 -32.52
CA ALA E 96 12.64 -27.75 -33.61
C ALA E 96 13.39 -27.96 -34.90
N ARG E 97 12.69 -28.34 -35.95
CA ARG E 97 13.33 -28.70 -37.21
C ARG E 97 13.37 -27.53 -38.20
N ASN E 98 14.48 -27.40 -38.90
CA ASN E 98 14.65 -26.35 -39.91
C ASN E 98 14.34 -24.98 -39.34
N PHE E 99 14.65 -24.78 -38.07
CA PHE E 99 14.39 -23.57 -37.33
C PHE E 99 15.60 -22.63 -37.29
N PRO E 100 15.40 -21.36 -36.91
CA PRO E 100 15.71 -20.22 -37.79
C PRO E 100 15.56 -20.47 -39.28
N TYR E 101 16.56 -21.18 -39.86
CA TYR E 101 16.76 -21.43 -41.27
C TYR E 101 16.56 -22.89 -41.58
N PRO E 102 15.91 -23.23 -42.68
CA PRO E 102 15.38 -22.35 -43.70
C PRO E 102 13.94 -21.97 -43.40
N GLY E 103 13.38 -22.40 -42.28
CA GLY E 103 12.00 -22.06 -41.98
C GLY E 103 11.01 -22.69 -42.93
N ILE E 104 11.50 -23.55 -43.80
CA ILE E 104 10.69 -24.33 -44.70
C ILE E 104 10.66 -25.75 -44.12
N ASN E 105 9.46 -26.30 -43.97
CA ASN E 105 9.25 -27.55 -43.26
C ASN E 105 9.54 -27.38 -41.79
N PHE E 106 9.39 -26.13 -41.37
CA PHE E 106 9.57 -25.77 -39.99
C PHE E 106 8.64 -26.64 -39.20
N ASP E 107 9.15 -27.27 -38.16
CA ASP E 107 8.31 -28.11 -37.32
C ASP E 107 8.91 -28.09 -35.91
N TRP E 108 8.02 -28.17 -34.91
CA TRP E 108 8.37 -27.92 -33.52
C TRP E 108 8.00 -29.10 -32.63
N GLY E 109 8.92 -29.46 -31.77
CA GLY E 109 8.77 -30.65 -30.99
C GLY E 109 7.62 -30.62 -30.01
N GLN E 110 7.83 -31.44 -29.02
CA GLN E 110 6.97 -32.02 -28.05
C GLN E 110 7.48 -31.67 -26.68
N GLY E 111 8.78 -31.66 -26.54
CA GLY E 111 9.34 -31.12 -25.32
C GLY E 111 9.52 -32.19 -24.29
N VAL E 112 10.53 -32.02 -23.43
CA VAL E 112 10.77 -32.91 -22.31
C VAL E 112 10.93 -32.04 -21.08
N MET E 113 10.22 -32.40 -20.00
CA MET E 113 10.38 -31.67 -18.75
C MET E 113 11.67 -32.12 -18.10
N VAL E 114 12.48 -31.15 -17.67
CA VAL E 114 13.75 -31.40 -16.99
C VAL E 114 13.76 -30.55 -15.73
N THR E 115 13.74 -31.18 -14.57
CA THR E 115 13.71 -30.48 -13.30
C THR E 115 15.02 -30.71 -12.59
N VAL E 116 15.71 -29.63 -12.23
CA VAL E 116 17.03 -29.68 -11.61
C VAL E 116 16.86 -29.42 -10.13
N SER E 117 16.95 -30.47 -9.33
CA SER E 117 16.67 -30.31 -7.91
C SER E 117 17.42 -31.35 -7.09
N SER E 118 17.93 -30.91 -5.94
CA SER E 118 18.45 -31.90 -5.02
C SER E 118 17.35 -32.71 -4.38
N ALA E 119 16.08 -32.34 -4.56
CA ALA E 119 15.02 -33.11 -3.91
C ALA E 119 14.85 -34.43 -4.64
N SER E 120 14.25 -35.39 -3.95
CA SER E 120 14.14 -36.70 -4.57
C SER E 120 12.75 -36.90 -5.16
N THR E 121 12.67 -37.84 -6.11
CA THR E 121 11.40 -38.14 -6.75
C THR E 121 10.37 -38.59 -5.73
N LYS E 122 9.09 -38.37 -6.06
CA LYS E 122 8.00 -38.70 -5.16
C LYS E 122 6.76 -39.00 -5.95
N GLY E 123 6.14 -40.15 -5.71
CA GLY E 123 4.98 -40.53 -6.49
C GLY E 123 3.66 -39.91 -6.06
N PRO E 124 2.68 -39.95 -6.96
CA PRO E 124 1.37 -39.35 -6.64
C PRO E 124 0.58 -40.28 -5.73
N SER E 125 -0.45 -39.72 -5.14
CA SER E 125 -1.53 -40.52 -4.56
C SER E 125 -2.79 -40.21 -5.36
N VAL E 126 -3.48 -41.25 -5.84
CA VAL E 126 -4.58 -41.06 -6.78
C VAL E 126 -5.89 -41.26 -6.05
N PHE E 127 -6.54 -40.18 -5.73
CA PHE E 127 -7.81 -40.28 -5.07
C PHE E 127 -8.93 -40.03 -6.08
N PRO E 128 -10.08 -40.66 -5.90
CA PRO E 128 -11.19 -40.52 -6.84
C PRO E 128 -12.09 -39.33 -6.55
N LEU E 129 -12.55 -38.70 -7.63
CA LEU E 129 -13.57 -37.66 -7.57
C LEU E 129 -14.87 -38.29 -8.02
N ALA E 130 -15.57 -38.90 -7.11
CA ALA E 130 -16.70 -39.73 -7.47
C ALA E 130 -17.90 -38.87 -7.86
N PRO E 131 -18.69 -39.33 -8.82
CA PRO E 131 -19.86 -38.59 -9.31
C PRO E 131 -21.02 -38.54 -8.30
N THR E 136 -23.99 -34.70 -11.08
CA THR E 136 -25.04 -34.95 -12.08
C THR E 136 -25.81 -33.65 -12.42
N SER E 137 -25.68 -33.21 -13.69
CA SER E 137 -26.39 -32.02 -14.20
C SER E 137 -26.64 -32.21 -15.68
N GLY E 138 -27.92 -32.24 -16.08
CA GLY E 138 -28.23 -32.37 -17.48
C GLY E 138 -28.33 -33.78 -18.01
N GLY E 139 -28.41 -34.78 -17.12
CA GLY E 139 -28.41 -36.18 -17.51
C GLY E 139 -27.03 -36.73 -17.72
N THR E 140 -26.01 -35.88 -17.59
CA THR E 140 -24.60 -36.22 -17.74
C THR E 140 -23.86 -35.93 -16.44
N ALA E 141 -23.19 -36.95 -15.91
CA ALA E 141 -22.44 -36.84 -14.68
C ALA E 141 -20.96 -36.63 -14.98
N ALA E 142 -20.30 -35.91 -14.10
CA ALA E 142 -18.87 -35.65 -14.20
C ALA E 142 -18.16 -36.44 -13.10
N LEU E 143 -17.02 -37.02 -13.44
CA LEU E 143 -16.23 -37.75 -12.47
C LEU E 143 -14.78 -37.59 -12.84
N GLY E 144 -13.88 -37.97 -11.93
CA GLY E 144 -12.48 -37.76 -12.21
C GLY E 144 -11.56 -38.33 -11.15
N CYS E 145 -10.27 -38.01 -11.32
CA CYS E 145 -9.18 -38.42 -10.45
C CYS E 145 -8.42 -37.21 -9.95
N LEU E 146 -8.00 -37.26 -8.70
CA LEU E 146 -7.19 -36.21 -8.10
C LEU E 146 -5.80 -36.80 -7.90
N VAL E 147 -4.84 -36.39 -8.72
CA VAL E 147 -3.49 -36.95 -8.71
C VAL E 147 -2.63 -36.01 -7.89
N LYS E 148 -2.36 -36.37 -6.65
CA LYS E 148 -1.88 -35.40 -5.67
C LYS E 148 -0.55 -35.78 -5.06
N ASP E 149 0.29 -34.76 -4.83
CA ASP E 149 1.54 -34.80 -4.06
C ASP E 149 2.61 -35.68 -4.73
N TYR E 150 2.97 -35.30 -5.94
CA TYR E 150 4.02 -35.97 -6.68
C TYR E 150 5.10 -34.96 -7.05
N PHE E 151 6.26 -35.46 -7.47
CA PHE E 151 7.36 -34.60 -7.88
C PHE E 151 8.40 -35.44 -8.60
N PRO E 152 9.04 -34.94 -9.67
CA PRO E 152 8.77 -33.68 -10.34
C PRO E 152 7.72 -33.91 -11.42
N GLU E 153 7.49 -32.94 -12.29
CA GLU E 153 6.56 -33.19 -13.35
C GLU E 153 7.25 -34.09 -14.37
N PRO E 154 6.50 -34.60 -15.36
CA PRO E 154 5.05 -34.70 -15.54
C PRO E 154 4.46 -36.02 -15.09
N VAL E 155 3.14 -36.04 -14.97
CA VAL E 155 2.36 -37.26 -14.84
C VAL E 155 1.52 -37.39 -16.09
N THR E 156 1.08 -38.61 -16.38
CA THR E 156 0.14 -38.80 -17.48
C THR E 156 -1.07 -39.54 -16.96
N VAL E 157 -2.24 -39.18 -17.50
CA VAL E 157 -3.52 -39.68 -17.06
C VAL E 157 -4.27 -40.13 -18.29
N SER E 158 -4.80 -41.32 -18.22
CA SER E 158 -5.67 -41.81 -19.29
C SER E 158 -6.88 -42.42 -18.64
N TRP E 159 -7.94 -42.54 -19.42
CA TRP E 159 -9.19 -43.12 -18.93
C TRP E 159 -9.49 -44.38 -19.73
N ASN E 160 -9.80 -45.47 -19.01
CA ASN E 160 -10.12 -46.76 -19.65
C ASN E 160 -9.04 -47.16 -20.64
N SER E 161 -7.79 -46.92 -20.24
CA SER E 161 -6.60 -47.27 -21.00
C SER E 161 -6.59 -46.65 -22.39
N GLY E 162 -7.11 -45.43 -22.51
CA GLY E 162 -7.08 -44.69 -23.73
C GLY E 162 -8.35 -44.80 -24.53
N ALA E 163 -9.17 -45.83 -24.27
CA ALA E 163 -10.39 -46.02 -25.05
C ALA E 163 -11.32 -44.84 -24.89
N LEU E 164 -11.36 -44.26 -23.69
CA LEU E 164 -12.26 -43.16 -23.35
C LEU E 164 -11.50 -41.86 -23.54
N THR E 165 -11.91 -41.07 -24.52
CA THR E 165 -11.28 -39.77 -24.79
C THR E 165 -12.33 -38.69 -24.85
N SER E 166 -13.52 -39.04 -25.33
CA SER E 166 -14.59 -38.06 -25.51
C SER E 166 -15.03 -37.53 -24.14
N GLY E 167 -14.89 -36.23 -23.95
CA GLY E 167 -15.27 -35.58 -22.71
C GLY E 167 -14.20 -35.58 -21.63
N VAL E 168 -12.96 -35.96 -21.94
CA VAL E 168 -11.90 -35.99 -20.95
C VAL E 168 -11.18 -34.65 -20.95
N HIS E 169 -10.99 -34.07 -19.75
CA HIS E 169 -10.16 -32.88 -19.57
C HIS E 169 -9.13 -33.19 -18.48
N THR E 170 -7.85 -33.31 -18.85
CA THR E 170 -6.78 -33.48 -17.87
C THR E 170 -6.15 -32.11 -17.65
N PHE E 171 -6.37 -31.52 -16.49
CA PHE E 171 -5.95 -30.15 -16.30
C PHE E 171 -4.43 -30.06 -16.15
N PRO E 172 -3.84 -28.90 -16.41
CA PRO E 172 -2.42 -28.73 -16.13
C PRO E 172 -2.20 -28.79 -14.64
N ALA E 173 -1.06 -29.35 -14.23
CA ALA E 173 -0.76 -29.52 -12.81
C ALA E 173 -0.63 -28.16 -12.13
N VAL E 174 -0.77 -28.14 -10.81
CA VAL E 174 -0.51 -26.95 -10.02
C VAL E 174 0.59 -27.32 -9.05
N LEU E 175 1.38 -26.32 -8.65
CA LEU E 175 2.50 -26.55 -7.74
C LEU E 175 2.06 -26.07 -6.37
N GLN E 176 1.78 -27.01 -5.47
CA GLN E 176 1.36 -26.59 -4.15
C GLN E 176 2.56 -26.01 -3.42
N SER E 177 2.27 -25.29 -2.33
CA SER E 177 3.34 -24.68 -1.53
C SER E 177 4.24 -25.72 -0.89
N SER E 178 3.78 -26.97 -0.78
CA SER E 178 4.64 -28.01 -0.26
C SER E 178 5.83 -28.27 -1.15
N GLY E 179 5.85 -27.74 -2.36
CA GLY E 179 6.82 -28.12 -3.35
C GLY E 179 6.43 -29.33 -4.15
N LEU E 180 5.29 -29.94 -3.85
CA LEU E 180 4.75 -31.06 -4.60
C LEU E 180 3.65 -30.57 -5.53
N TYR E 181 3.58 -31.19 -6.71
CA TYR E 181 2.52 -30.88 -7.64
C TYR E 181 1.29 -31.72 -7.32
N SER E 182 0.15 -31.22 -7.78
CA SER E 182 -1.08 -31.98 -7.76
C SER E 182 -1.87 -31.55 -8.98
N LEU E 183 -2.61 -32.50 -9.56
CA LEU E 183 -3.23 -32.32 -10.86
C LEU E 183 -4.47 -33.20 -10.89
N SER E 184 -5.49 -32.78 -11.60
CA SER E 184 -6.75 -33.52 -11.61
C SER E 184 -7.24 -33.72 -13.04
N SER E 185 -7.82 -34.87 -13.32
CA SER E 185 -8.37 -35.12 -14.64
C SER E 185 -9.79 -35.64 -14.45
N VAL E 186 -10.75 -35.05 -15.17
CA VAL E 186 -12.15 -35.44 -15.05
C VAL E 186 -12.71 -35.79 -16.41
N VAL E 187 -13.76 -36.62 -16.41
CA VAL E 187 -14.50 -36.96 -17.62
C VAL E 187 -15.98 -36.85 -17.32
N THR E 188 -16.71 -36.25 -18.25
CA THR E 188 -18.17 -36.23 -18.18
C THR E 188 -18.75 -37.35 -19.03
N VAL E 189 -19.77 -38.01 -18.50
CA VAL E 189 -20.41 -39.15 -19.12
C VAL E 189 -21.92 -39.05 -18.89
N PRO E 190 -22.72 -39.69 -19.73
CA PRO E 190 -24.18 -39.73 -19.51
C PRO E 190 -24.47 -40.31 -18.13
N SER E 191 -25.35 -39.67 -17.32
CA SER E 191 -25.34 -40.35 -16.02
C SER E 191 -26.01 -41.70 -16.06
N SER E 192 -26.62 -42.08 -17.18
CA SER E 192 -27.24 -43.38 -17.35
C SER E 192 -26.25 -44.53 -17.37
N SER E 193 -24.94 -44.24 -17.42
CA SER E 193 -23.92 -45.28 -17.53
C SER E 193 -23.31 -45.66 -16.20
N LEU E 194 -23.62 -44.91 -15.15
CA LEU E 194 -22.89 -45.07 -13.91
C LEU E 194 -23.14 -46.45 -13.29
N GLY E 195 -24.31 -47.04 -13.55
CA GLY E 195 -24.53 -48.40 -13.08
C GLY E 195 -23.82 -49.43 -13.92
N THR E 196 -23.71 -49.18 -15.23
CA THR E 196 -23.12 -50.14 -16.14
C THR E 196 -21.62 -49.95 -16.36
N GLN E 197 -21.31 -48.97 -17.22
CA GLN E 197 -19.93 -48.76 -17.64
C GLN E 197 -19.00 -48.53 -16.44
N THR E 198 -17.81 -49.11 -16.51
CA THR E 198 -16.81 -48.98 -15.46
C THR E 198 -15.83 -47.88 -15.85
N TYR E 199 -15.42 -47.08 -14.87
CA TYR E 199 -14.53 -45.95 -15.14
C TYR E 199 -13.25 -46.09 -14.31
N ILE E 200 -12.12 -45.95 -15.00
CA ILE E 200 -10.79 -46.28 -14.50
C ILE E 200 -9.87 -45.15 -14.94
N CYS E 201 -9.12 -44.53 -14.03
CA CYS E 201 -8.07 -43.62 -14.49
C CYS E 201 -6.71 -44.26 -14.34
N ASN E 202 -5.88 -44.12 -15.38
CA ASN E 202 -4.53 -44.68 -15.37
C ASN E 202 -3.56 -43.53 -15.25
N VAL E 203 -2.95 -43.42 -14.09
CA VAL E 203 -1.97 -42.40 -13.79
C VAL E 203 -0.62 -43.08 -13.94
N ASN E 204 0.33 -42.37 -14.52
CA ASN E 204 1.69 -42.87 -14.66
C ASN E 204 2.63 -41.72 -14.38
N HIS E 205 3.46 -41.88 -13.36
CA HIS E 205 4.39 -40.83 -12.98
C HIS E 205 5.79 -41.39 -13.19
N LYS E 206 6.40 -41.03 -14.33
CA LYS E 206 7.53 -41.77 -14.85
C LYS E 206 8.77 -41.60 -13.95
N PRO E 207 9.06 -40.42 -13.41
CA PRO E 207 10.25 -40.28 -12.54
C PRO E 207 10.26 -41.15 -11.31
N SER E 208 9.17 -41.81 -10.95
CA SER E 208 9.15 -42.63 -9.75
C SER E 208 8.73 -44.07 -10.03
N ASN E 209 8.76 -44.50 -11.28
CA ASN E 209 8.26 -45.82 -11.69
C ASN E 209 6.92 -46.19 -11.07
N THR E 210 5.97 -45.27 -10.94
CA THR E 210 4.64 -45.65 -10.47
C THR E 210 3.57 -45.46 -11.56
N LYS E 211 2.89 -46.57 -11.93
CA LYS E 211 1.46 -46.72 -12.29
C LYS E 211 0.49 -46.85 -11.14
N VAL E 212 -0.67 -46.24 -11.37
CA VAL E 212 -1.83 -46.47 -10.54
C VAL E 212 -3.04 -46.53 -11.45
N ASP E 213 -3.98 -47.39 -11.09
CA ASP E 213 -5.32 -47.42 -11.67
C ASP E 213 -6.30 -47.28 -10.51
N LYS E 214 -7.15 -46.25 -10.56
CA LYS E 214 -8.19 -46.05 -9.55
C LYS E 214 -9.55 -46.12 -10.24
N ARG E 215 -10.34 -47.10 -9.81
CA ARG E 215 -11.68 -47.40 -10.31
C ARG E 215 -12.58 -46.36 -9.61
N VAL E 216 -13.14 -45.41 -10.38
CA VAL E 216 -13.90 -44.29 -9.80
C VAL E 216 -15.37 -44.67 -9.83
N GLU E 217 -15.96 -44.95 -8.67
CA GLU E 217 -17.32 -45.45 -8.74
C GLU E 217 -18.30 -44.54 -8.01
N PRO E 218 -19.57 -44.48 -8.45
CA PRO E 218 -20.49 -43.46 -7.94
C PRO E 218 -20.75 -43.63 -6.46
N LYS E 219 -21.24 -42.55 -5.85
CA LYS E 219 -21.59 -42.50 -4.43
C LYS E 219 -20.67 -43.32 -3.53
N ALA F 2 18.45 -6.75 -28.64
CA ALA F 2 17.53 -6.38 -29.73
C ALA F 2 16.21 -6.83 -29.17
N VAL F 3 15.14 -6.03 -29.24
CA VAL F 3 13.89 -6.48 -28.67
C VAL F 3 12.88 -6.61 -29.79
N VAL F 4 12.29 -7.79 -29.90
CA VAL F 4 11.23 -7.99 -30.87
C VAL F 4 9.94 -8.00 -30.07
N THR F 5 9.06 -7.08 -30.44
CA THR F 5 7.81 -6.87 -29.76
C THR F 5 6.68 -7.09 -30.74
N GLN F 6 5.63 -7.73 -30.25
CA GLN F 6 4.42 -7.95 -31.01
C GLN F 6 3.21 -7.42 -30.25
N GLU F 7 2.08 -7.36 -30.96
CA GLU F 7 0.84 -6.90 -30.38
C GLU F 7 0.53 -7.65 -29.10
N SER F 8 0.10 -6.91 -28.08
CA SER F 8 -0.14 -7.52 -26.78
C SER F 8 -1.35 -8.46 -26.79
N ALA F 9 -2.45 -8.04 -27.41
CA ALA F 9 -3.65 -8.85 -27.57
C ALA F 9 -4.42 -8.35 -28.79
N LEU F 10 -5.21 -9.23 -29.41
CA LEU F 10 -6.00 -8.92 -30.60
C LEU F 10 -7.33 -9.64 -30.51
N THR F 11 -8.35 -9.12 -31.21
CA THR F 11 -9.65 -9.78 -31.21
C THR F 11 -10.23 -9.81 -32.60
N THR F 12 -10.87 -10.91 -32.95
CA THR F 12 -11.61 -10.95 -34.19
C THR F 12 -12.82 -11.84 -33.97
N LEU F 13 -13.78 -11.76 -34.89
CA LEU F 13 -14.88 -12.70 -34.91
C LEU F 13 -14.55 -13.85 -35.86
N PRO F 14 -15.21 -14.99 -35.70
CA PRO F 14 -15.06 -16.06 -36.69
C PRO F 14 -15.31 -15.54 -38.09
N GLY F 15 -14.56 -16.08 -39.05
CA GLY F 15 -14.61 -15.60 -40.42
C GLY F 15 -13.91 -14.29 -40.67
N GLY F 16 -13.49 -13.58 -39.63
CA GLY F 16 -12.78 -12.34 -39.81
C GLY F 16 -11.39 -12.52 -40.38
N THR F 17 -10.71 -11.39 -40.55
CA THR F 17 -9.29 -11.38 -40.89
C THR F 17 -8.62 -10.51 -39.87
N VAL F 18 -7.51 -11.00 -39.34
CA VAL F 18 -6.68 -10.29 -38.39
C VAL F 18 -5.27 -10.50 -38.88
N THR F 19 -4.38 -9.55 -38.60
CA THR F 19 -2.97 -9.73 -38.88
C THR F 19 -2.20 -9.43 -37.60
N LEU F 20 -1.43 -10.41 -37.15
CA LEU F 20 -0.47 -10.30 -36.06
C LEU F 20 0.84 -9.87 -36.66
N THR F 21 1.68 -9.29 -35.83
CA THR F 21 2.91 -8.77 -36.37
C THR F 21 4.10 -8.84 -35.42
N CYS F 22 5.27 -8.43 -35.96
CA CYS F 22 6.55 -8.74 -35.37
C CYS F 22 7.54 -7.63 -35.74
N HIS F 23 7.82 -6.72 -34.76
CA HIS F 23 8.58 -5.49 -35.04
C HIS F 23 10.00 -5.73 -34.54
N SER F 24 11.02 -5.31 -35.30
CA SER F 24 12.40 -5.39 -34.79
C SER F 24 12.91 -4.04 -34.32
N SER F 25 13.43 -3.98 -33.09
CA SER F 25 13.99 -2.74 -32.54
C SER F 25 15.20 -2.23 -33.33
N THR F 26 15.78 -3.04 -34.20
CA THR F 26 17.02 -2.71 -34.88
C THR F 26 16.80 -2.34 -36.34
N GLY F 27 15.54 -2.09 -36.74
CA GLY F 27 15.22 -1.67 -38.09
C GLY F 27 14.16 -2.53 -38.74
N ALA F 28 13.89 -2.20 -40.01
CA ALA F 28 12.93 -2.98 -40.77
C ALA F 28 13.34 -4.44 -40.83
N VAL F 29 12.36 -5.33 -40.66
CA VAL F 29 12.66 -6.75 -40.73
C VAL F 29 12.87 -7.09 -42.19
N THR F 30 14.05 -7.59 -42.51
CA THR F 30 14.30 -8.02 -43.88
C THR F 30 13.96 -9.51 -44.03
N THR F 31 13.98 -9.99 -45.28
CA THR F 31 13.78 -11.41 -45.49
C THR F 31 14.84 -12.24 -44.76
N SER F 32 16.02 -11.64 -44.51
CA SER F 32 17.13 -12.29 -43.83
C SER F 32 16.94 -12.46 -42.34
N ASN F 33 15.90 -11.91 -41.72
CA ASN F 33 15.66 -12.24 -40.32
C ASN F 33 14.85 -13.52 -40.15
N TYR F 34 14.44 -14.16 -41.25
CA TYR F 34 13.77 -15.46 -41.24
C TYR F 34 12.66 -15.54 -40.21
N ALA F 35 11.83 -14.48 -40.19
CA ALA F 35 10.72 -14.41 -39.26
C ALA F 35 9.90 -15.69 -39.26
N ASN F 36 9.38 -16.07 -38.09
CA ASN F 36 8.69 -17.33 -37.90
C ASN F 36 7.65 -17.23 -36.79
N TRP F 37 6.66 -18.11 -36.83
CA TRP F 37 5.53 -18.02 -35.94
C TRP F 37 5.20 -19.39 -35.40
N ILE F 38 5.07 -19.49 -34.08
CA ILE F 38 4.57 -20.69 -33.43
C ILE F 38 3.32 -20.34 -32.65
N GLN F 39 2.49 -21.35 -32.47
CA GLN F 39 1.22 -21.20 -31.79
C GLN F 39 1.30 -22.04 -30.54
N GLU F 40 1.06 -21.41 -29.39
CA GLU F 40 1.08 -22.07 -28.08
C GLU F 40 -0.34 -22.28 -27.59
N LYS F 41 -0.72 -23.48 -27.06
CA LYS F 41 -2.00 -23.28 -26.35
C LYS F 41 -2.12 -23.89 -24.97
N ALA F 42 -2.28 -25.20 -24.94
CA ALA F 42 -3.04 -25.82 -23.86
C ALA F 42 -2.29 -25.85 -22.55
N ASP F 43 -1.06 -25.32 -22.54
CA ASP F 43 0.09 -26.05 -21.97
C ASP F 43 1.40 -25.55 -22.58
N HIS F 44 2.44 -26.36 -22.52
CA HIS F 44 3.73 -26.05 -23.14
C HIS F 44 3.83 -26.75 -24.48
N SER F 45 2.80 -26.61 -25.28
CA SER F 45 2.77 -27.17 -26.62
C SER F 45 2.80 -26.03 -27.61
N PHE F 46 3.84 -25.98 -28.40
CA PHE F 46 3.86 -25.04 -29.49
C PHE F 46 3.75 -25.82 -30.79
N THR F 47 2.97 -25.29 -31.72
CA THR F 47 2.81 -25.86 -33.04
C THR F 47 3.48 -24.89 -33.99
N ALA F 48 4.30 -25.39 -34.89
CA ALA F 48 4.93 -24.48 -35.83
C ALA F 48 3.88 -24.02 -36.81
N ILE F 49 3.73 -22.71 -36.95
CA ILE F 49 2.76 -22.16 -37.85
C ILE F 49 3.38 -21.76 -39.17
N LEU F 50 4.46 -20.98 -39.12
CA LEU F 50 5.01 -20.37 -40.32
C LEU F 50 6.46 -20.01 -40.05
N GLY F 51 7.32 -20.20 -41.05
CA GLY F 51 8.72 -19.90 -40.88
C GLY F 51 9.27 -19.37 -42.17
N GLY F 52 10.50 -18.85 -42.11
CA GLY F 52 11.05 -18.20 -43.30
C GLY F 52 10.14 -17.14 -43.86
N THR F 53 9.58 -16.31 -42.98
CA THR F 53 8.74 -15.17 -43.33
C THR F 53 7.37 -15.53 -43.91
N SER F 54 7.32 -16.42 -44.89
CA SER F 54 6.05 -16.65 -45.57
C SER F 54 5.68 -18.11 -45.83
N ASN F 55 6.48 -19.07 -45.39
CA ASN F 55 6.23 -20.48 -45.66
C ASN F 55 5.31 -21.07 -44.61
N ARG F 56 4.12 -21.53 -45.01
CA ARG F 56 3.30 -22.25 -44.04
C ARG F 56 4.07 -23.48 -43.52
N ALA F 57 3.90 -23.77 -42.25
CA ALA F 57 4.47 -25.02 -41.79
C ALA F 57 3.60 -26.18 -42.22
N PRO F 58 4.18 -27.37 -42.31
CA PRO F 58 3.40 -28.57 -42.64
C PRO F 58 2.23 -28.71 -41.69
N GLY F 59 1.04 -28.80 -42.24
CA GLY F 59 -0.18 -28.88 -41.46
C GLY F 59 -0.83 -27.56 -41.18
N THR F 60 -0.14 -26.46 -41.42
CA THR F 60 -0.96 -25.35 -41.00
C THR F 60 -1.86 -24.92 -42.15
N PRO F 61 -3.13 -24.66 -41.86
CA PRO F 61 -4.12 -24.36 -42.90
C PRO F 61 -3.79 -23.15 -43.74
N ALA F 62 -4.49 -23.05 -44.86
CA ALA F 62 -4.22 -22.04 -45.86
C ALA F 62 -4.67 -20.65 -45.42
N ARG F 63 -5.52 -20.55 -44.38
CA ARG F 63 -5.90 -19.22 -43.90
C ARG F 63 -4.74 -18.46 -43.27
N PHE F 64 -3.68 -19.18 -42.88
CA PHE F 64 -2.45 -18.56 -42.38
C PHE F 64 -1.55 -18.20 -43.56
N SER F 65 -1.13 -16.95 -43.59
CA SER F 65 -0.16 -16.50 -44.58
C SER F 65 0.79 -15.56 -43.88
N GLY F 66 1.99 -15.44 -44.43
CA GLY F 66 3.00 -14.59 -43.85
C GLY F 66 3.55 -13.64 -44.88
N SER F 67 3.96 -12.47 -44.40
CA SER F 67 4.49 -11.44 -45.29
C SER F 67 5.29 -10.47 -44.44
N LEU F 68 6.05 -9.63 -45.12
CA LEU F 68 6.69 -8.49 -44.51
C LEU F 68 5.79 -7.31 -44.82
N LEU F 69 5.18 -6.79 -43.79
CA LEU F 69 4.48 -5.55 -44.00
C LEU F 69 4.97 -4.61 -42.95
N GLU F 70 5.16 -3.45 -43.46
CA GLU F 70 5.37 -2.26 -42.76
C GLU F 70 6.59 -2.26 -41.89
N GLY F 71 7.56 -2.93 -42.49
CA GLY F 71 8.83 -3.17 -41.92
C GLY F 71 8.76 -4.19 -40.83
N LYS F 72 7.66 -4.91 -40.72
CA LYS F 72 7.70 -5.85 -39.64
C LYS F 72 7.44 -7.21 -40.29
N ALA F 73 7.52 -8.26 -39.53
CA ALA F 73 6.95 -9.50 -40.05
C ALA F 73 5.50 -9.56 -39.62
N ALA F 74 4.66 -10.17 -40.46
CA ALA F 74 3.24 -10.19 -40.19
C ALA F 74 2.68 -11.58 -40.49
N LEU F 75 1.94 -12.12 -39.52
CA LEU F 75 1.15 -13.32 -39.67
C LEU F 75 -0.31 -12.91 -39.84
N THR F 76 -0.94 -13.39 -40.91
CA THR F 76 -2.30 -12.99 -41.22
C THR F 76 -3.18 -14.24 -41.28
N ILE F 77 -4.08 -14.33 -40.31
CA ILE F 77 -5.18 -15.28 -40.38
C ILE F 77 -6.28 -14.58 -41.14
N THR F 78 -6.73 -15.19 -42.23
CA THR F 78 -7.77 -14.59 -43.06
C THR F 78 -8.93 -15.57 -43.11
N GLY F 79 -10.00 -15.27 -42.38
CA GLY F 79 -11.05 -16.22 -42.17
C GLY F 79 -10.81 -16.95 -40.88
N ALA F 80 -10.64 -16.20 -39.79
CA ALA F 80 -10.30 -16.78 -38.50
C ALA F 80 -11.39 -17.75 -38.05
N GLN F 81 -10.97 -18.83 -37.42
CA GLN F 81 -11.89 -19.83 -36.91
C GLN F 81 -11.73 -19.94 -35.41
N VAL F 82 -12.72 -20.51 -34.74
CA VAL F 82 -12.66 -20.45 -33.28
C VAL F 82 -11.46 -21.22 -32.74
N GLU F 83 -11.00 -22.28 -33.41
CA GLU F 83 -9.82 -22.98 -32.92
C GLU F 83 -8.56 -22.12 -32.93
N ASP F 84 -8.58 -20.96 -33.59
CA ASP F 84 -7.39 -20.12 -33.74
C ASP F 84 -7.15 -19.21 -32.54
N GLU F 85 -8.02 -19.24 -31.53
CA GLU F 85 -7.86 -18.38 -30.37
C GLU F 85 -6.61 -18.79 -29.65
N ALA F 86 -5.62 -17.90 -29.54
CA ALA F 86 -4.29 -18.36 -29.17
C ALA F 86 -3.38 -17.27 -28.63
N THR F 87 -2.24 -17.72 -28.18
CA THR F 87 -1.06 -16.89 -28.06
C THR F 87 -0.12 -17.32 -29.16
N TYR F 88 0.33 -16.36 -29.98
CA TYR F 88 1.25 -16.61 -31.08
C TYR F 88 2.54 -15.87 -30.81
N PHE F 89 3.66 -16.58 -30.88
CA PHE F 89 4.97 -16.01 -30.67
C PHE F 89 5.67 -15.87 -32.00
N CYS F 90 6.38 -14.75 -32.18
CA CYS F 90 7.24 -14.54 -33.32
C CYS F 90 8.69 -14.50 -32.87
N SER F 91 9.60 -14.76 -33.81
CA SER F 91 11.00 -14.71 -33.46
C SER F 91 11.77 -14.21 -34.67
N LEU F 92 12.87 -13.54 -34.42
CA LEU F 92 13.67 -13.05 -35.52
C LEU F 92 15.09 -13.56 -35.37
N TRP F 93 15.75 -13.66 -36.50
CA TRP F 93 17.11 -14.18 -36.60
C TRP F 93 18.03 -13.01 -36.90
N TYR F 94 19.01 -12.80 -36.05
CA TYR F 94 19.92 -11.68 -36.15
C TYR F 94 21.32 -12.22 -36.40
N SER F 95 21.52 -12.85 -37.56
CA SER F 95 22.83 -13.36 -37.99
C SER F 95 23.63 -13.91 -36.83
N GLY F 96 23.16 -15.01 -36.25
CA GLY F 96 23.80 -15.67 -35.14
C GLY F 96 22.99 -15.71 -33.86
N HIS F 97 22.05 -14.78 -33.66
CA HIS F 97 21.24 -14.73 -32.43
C HIS F 97 19.77 -14.72 -32.78
N LEU F 98 18.98 -15.52 -32.05
CA LEU F 98 17.54 -15.64 -32.27
C LEU F 98 16.81 -14.97 -31.10
N ILE F 99 15.91 -14.03 -31.41
CA ILE F 99 15.14 -13.30 -30.40
C ILE F 99 13.67 -13.60 -30.59
N PHE F 100 12.99 -14.00 -29.50
CA PHE F 100 11.56 -14.28 -29.54
C PHE F 100 10.77 -13.05 -29.14
N GLY F 101 9.57 -12.92 -29.68
CA GLY F 101 8.67 -11.88 -29.25
C GLY F 101 7.99 -12.26 -27.95
N GLY F 102 7.09 -11.39 -27.51
CA GLY F 102 6.39 -11.63 -26.26
C GLY F 102 5.11 -12.41 -26.40
N GLY F 103 4.64 -12.56 -27.64
CA GLY F 103 3.40 -13.29 -27.91
C GLY F 103 2.19 -12.39 -27.99
N THR F 104 1.40 -12.56 -29.04
CA THR F 104 0.12 -11.89 -29.17
C THR F 104 -1.00 -12.80 -28.70
N LYS F 105 -1.98 -12.24 -28.00
CA LYS F 105 -3.08 -13.01 -27.41
C LYS F 105 -4.30 -12.76 -28.28
N LEU F 106 -4.45 -13.59 -29.31
CA LEU F 106 -5.55 -13.44 -30.26
C LEU F 106 -6.75 -14.17 -29.71
N THR F 107 -7.83 -13.44 -29.45
CA THR F 107 -9.09 -14.05 -29.09
C THR F 107 -10.01 -13.94 -30.30
N VAL F 108 -10.75 -15.01 -30.57
CA VAL F 108 -11.76 -14.96 -31.61
C VAL F 108 -13.05 -15.43 -30.96
N LYS F 109 -14.04 -14.53 -30.89
CA LYS F 109 -15.21 -14.65 -30.03
C LYS F 109 -16.10 -15.79 -30.46
N ARG F 110 -16.06 -16.87 -29.71
CA ARG F 110 -17.01 -17.93 -29.88
C ARG F 110 -18.35 -17.46 -29.33
N THR F 111 -19.37 -18.29 -29.44
CA THR F 111 -20.65 -17.93 -28.85
C THR F 111 -20.58 -18.18 -27.36
N VAL F 112 -21.17 -17.28 -26.56
CA VAL F 112 -21.05 -17.40 -25.12
C VAL F 112 -21.73 -18.70 -24.68
N ALA F 113 -21.06 -19.45 -23.82
CA ALA F 113 -21.55 -20.73 -23.37
C ALA F 113 -21.28 -20.86 -21.87
N ALA F 114 -22.30 -21.18 -21.10
CA ALA F 114 -22.16 -21.20 -19.65
C ALA F 114 -21.54 -22.52 -19.16
N PRO F 115 -20.83 -22.48 -18.04
CA PRO F 115 -20.20 -23.70 -17.54
C PRO F 115 -21.19 -24.63 -16.88
N SER F 116 -21.01 -25.94 -17.09
CA SER F 116 -21.57 -26.96 -16.21
C SER F 116 -20.71 -27.01 -14.95
N VAL F 117 -21.35 -27.05 -13.78
CA VAL F 117 -20.65 -26.88 -12.51
C VAL F 117 -20.83 -28.13 -11.66
N PHE F 118 -19.74 -28.66 -11.14
CA PHE F 118 -19.78 -29.83 -10.27
C PHE F 118 -18.89 -29.60 -9.05
N ILE F 119 -19.26 -30.22 -7.92
CA ILE F 119 -18.42 -30.18 -6.73
C ILE F 119 -18.20 -31.61 -6.23
N PHE F 120 -16.97 -31.94 -5.85
CA PHE F 120 -16.60 -33.31 -5.42
C PHE F 120 -16.02 -33.30 -4.02
N PRO F 121 -16.65 -33.89 -3.02
CA PRO F 121 -16.12 -33.86 -1.68
C PRO F 121 -14.83 -34.65 -1.63
N PRO F 122 -14.02 -34.47 -0.59
CA PRO F 122 -12.78 -35.23 -0.51
C PRO F 122 -13.08 -36.71 -0.44
N SER F 123 -12.16 -37.51 -0.96
CA SER F 123 -12.35 -38.96 -0.96
C SER F 123 -12.16 -39.47 0.46
N ASP F 124 -12.65 -40.69 0.70
CA ASP F 124 -12.36 -41.28 2.00
C ASP F 124 -10.89 -41.66 2.13
N GLU F 125 -10.28 -42.13 1.05
CA GLU F 125 -8.87 -42.45 1.14
C GLU F 125 -8.08 -41.21 1.52
N GLN F 126 -8.38 -40.07 0.89
CA GLN F 126 -7.56 -38.90 1.15
C GLN F 126 -7.75 -38.47 2.59
N LEU F 127 -8.98 -38.63 3.09
CA LEU F 127 -9.26 -38.31 4.48
C LEU F 127 -8.42 -39.15 5.46
N LYS F 128 -8.14 -40.43 5.14
CA LYS F 128 -7.07 -41.21 5.81
C LYS F 128 -5.65 -40.62 5.71
N SER F 129 -5.35 -39.72 4.77
CA SER F 129 -4.01 -39.14 4.90
C SER F 129 -3.95 -37.89 5.77
N GLY F 130 -5.05 -37.43 6.35
CA GLY F 130 -4.97 -36.26 7.17
C GLY F 130 -5.33 -34.97 6.46
N THR F 131 -5.35 -34.94 5.13
CA THR F 131 -5.82 -33.80 4.38
C THR F 131 -7.14 -34.10 3.70
N ALA F 132 -7.86 -33.04 3.34
CA ALA F 132 -9.08 -33.16 2.58
C ALA F 132 -9.04 -32.06 1.53
N SER F 133 -9.11 -32.43 0.26
CA SER F 133 -9.22 -31.43 -0.78
C SER F 133 -10.57 -31.64 -1.45
N VAL F 134 -11.38 -30.60 -1.43
CA VAL F 134 -12.64 -30.55 -2.14
C VAL F 134 -12.39 -29.80 -3.45
N VAL F 135 -12.91 -30.35 -4.53
CA VAL F 135 -12.62 -29.91 -5.88
C VAL F 135 -13.91 -29.50 -6.53
N CYS F 136 -13.88 -28.40 -7.26
CA CYS F 136 -15.06 -27.88 -7.94
C CYS F 136 -14.68 -27.65 -9.39
N LEU F 137 -15.48 -28.16 -10.31
CA LEU F 137 -15.13 -28.26 -11.72
C LEU F 137 -16.12 -27.46 -12.55
N LEU F 138 -15.61 -26.65 -13.48
CA LEU F 138 -16.41 -25.91 -14.44
C LEU F 138 -16.17 -26.52 -15.81
N ASN F 139 -17.22 -27.01 -16.46
CA ASN F 139 -17.04 -27.85 -17.65
C ASN F 139 -17.58 -27.15 -18.88
N ASN F 140 -16.71 -26.93 -19.87
CA ASN F 140 -17.06 -26.45 -21.20
C ASN F 140 -17.74 -25.09 -21.20
N PHE F 141 -16.97 -24.03 -21.10
CA PHE F 141 -17.56 -22.69 -21.11
C PHE F 141 -16.75 -21.79 -22.04
N TYR F 142 -17.33 -20.64 -22.33
CA TYR F 142 -16.65 -19.60 -23.09
C TYR F 142 -17.43 -18.32 -22.83
N PRO F 143 -16.78 -17.16 -22.64
CA PRO F 143 -15.36 -16.87 -22.77
C PRO F 143 -14.64 -17.40 -21.58
N ARG F 144 -13.31 -17.41 -21.68
CA ARG F 144 -12.53 -18.10 -20.68
C ARG F 144 -12.57 -17.38 -19.34
N GLU F 145 -13.09 -16.15 -19.28
CA GLU F 145 -13.19 -15.43 -18.00
C GLU F 145 -14.26 -16.09 -17.14
N ALA F 146 -13.83 -16.69 -16.04
CA ALA F 146 -14.72 -17.25 -15.03
C ALA F 146 -14.15 -16.91 -13.68
N LYS F 147 -15.00 -16.85 -12.66
CA LYS F 147 -14.42 -16.68 -11.34
C LYS F 147 -15.24 -17.48 -10.33
N VAL F 148 -14.51 -18.09 -9.40
CA VAL F 148 -14.94 -19.16 -8.52
C VAL F 148 -14.71 -18.73 -7.07
N GLN F 149 -15.76 -18.81 -6.26
CA GLN F 149 -15.68 -18.44 -4.85
C GLN F 149 -16.02 -19.64 -3.97
N TRP F 150 -15.18 -19.91 -2.97
CA TRP F 150 -15.39 -21.03 -2.04
C TRP F 150 -16.06 -20.54 -0.76
N LYS F 151 -17.12 -21.21 -0.34
CA LYS F 151 -17.80 -20.89 0.92
C LYS F 151 -17.79 -22.12 1.82
N VAL F 152 -17.33 -21.95 3.05
CA VAL F 152 -17.48 -22.97 4.10
C VAL F 152 -18.43 -22.38 5.12
N ASP F 153 -19.65 -22.90 5.20
CA ASP F 153 -20.63 -22.41 6.17
C ASP F 153 -20.80 -20.88 5.99
N ASN F 154 -21.15 -20.49 4.75
CA ASN F 154 -21.07 -19.09 4.24
C ASN F 154 -19.85 -18.28 4.70
N ALA F 155 -18.71 -18.88 4.96
CA ALA F 155 -17.53 -18.05 5.17
C ALA F 155 -16.74 -18.12 3.88
N LEU F 156 -16.71 -17.02 3.16
CA LEU F 156 -15.95 -16.97 1.92
C LEU F 156 -14.48 -17.22 2.24
N GLN F 157 -13.80 -18.00 1.41
CA GLN F 157 -12.42 -18.41 1.65
C GLN F 157 -11.47 -17.62 0.77
N SER F 158 -10.22 -17.51 1.20
CA SER F 158 -9.26 -16.80 0.38
C SER F 158 -7.85 -17.32 0.64
N GLY F 159 -7.14 -17.68 -0.43
CA GLY F 159 -5.75 -18.07 -0.32
C GLY F 159 -5.52 -19.53 -0.02
N ASN F 160 -6.58 -20.31 0.15
CA ASN F 160 -6.52 -21.75 0.30
C ASN F 160 -7.06 -22.46 -0.93
N SER F 161 -7.16 -21.75 -2.05
CA SER F 161 -7.65 -22.30 -3.31
C SER F 161 -6.53 -22.28 -4.32
N GLN F 162 -6.58 -23.21 -5.27
CA GLN F 162 -5.71 -23.17 -6.43
C GLN F 162 -6.53 -23.62 -7.61
N GLU F 163 -6.43 -22.93 -8.73
CA GLU F 163 -7.15 -23.36 -9.92
C GLU F 163 -6.21 -23.37 -11.12
N SER F 164 -6.72 -23.92 -12.21
CA SER F 164 -5.99 -24.00 -13.46
C SER F 164 -7.02 -24.26 -14.57
N VAL F 165 -6.78 -23.69 -15.75
CA VAL F 165 -7.70 -23.75 -16.88
C VAL F 165 -7.10 -24.61 -17.98
N THR F 166 -7.93 -25.37 -18.67
CA THR F 166 -7.53 -26.11 -19.84
C THR F 166 -8.31 -25.57 -21.02
N GLU F 167 -7.79 -25.81 -22.23
CA GLU F 167 -8.49 -25.34 -23.41
C GLU F 167 -9.57 -26.34 -23.82
N ASP F 172 -14.81 -28.40 -29.78
CA ASP F 172 -15.73 -27.31 -29.47
C ASP F 172 -15.00 -25.97 -29.21
N SER F 173 -13.71 -26.06 -28.90
CA SER F 173 -12.86 -24.90 -28.60
C SER F 173 -13.39 -24.07 -27.42
N THR F 174 -13.79 -24.72 -26.33
CA THR F 174 -14.14 -24.05 -25.09
C THR F 174 -13.16 -24.40 -23.97
N TYR F 175 -13.29 -23.66 -22.88
CA TYR F 175 -12.41 -23.81 -21.73
C TYR F 175 -13.10 -24.64 -20.66
N SER F 176 -12.28 -25.27 -19.82
CA SER F 176 -12.73 -25.90 -18.60
C SER F 176 -11.82 -25.44 -17.48
N LEU F 177 -12.32 -25.50 -16.26
CA LEU F 177 -11.59 -24.94 -15.14
C LEU F 177 -11.77 -25.85 -13.95
N SER F 178 -10.70 -26.08 -13.21
CA SER F 178 -10.78 -26.89 -12.01
C SER F 178 -10.15 -26.13 -10.88
N SER F 179 -10.94 -25.92 -9.82
CA SER F 179 -10.47 -25.26 -8.61
C SER F 179 -10.58 -26.25 -7.47
N THR F 180 -9.53 -26.33 -6.67
CA THR F 180 -9.47 -27.26 -5.55
C THR F 180 -9.14 -26.45 -4.30
N LEU F 181 -9.99 -26.52 -3.29
CA LEU F 181 -9.76 -25.87 -2.02
C LEU F 181 -9.24 -26.95 -1.11
N THR F 182 -8.08 -26.74 -0.52
CA THR F 182 -7.46 -27.84 0.21
C THR F 182 -7.27 -27.45 1.67
N LEU F 183 -7.89 -28.20 2.59
CA LEU F 183 -7.77 -27.93 4.02
C LEU F 183 -7.45 -29.22 4.79
N SER F 184 -6.92 -29.06 6.02
CA SER F 184 -6.57 -30.20 6.86
C SER F 184 -7.82 -30.97 7.22
N LYS F 185 -7.79 -32.30 7.19
CA LYS F 185 -9.02 -32.99 7.57
C LYS F 185 -9.47 -32.67 9.02
N ALA F 186 -8.62 -32.06 9.86
CA ALA F 186 -9.14 -31.49 11.09
C ALA F 186 -10.12 -30.37 10.79
N ASP F 187 -9.65 -29.31 10.12
CA ASP F 187 -10.55 -28.19 9.86
C ASP F 187 -11.70 -28.61 8.96
N TYR F 188 -11.51 -29.64 8.14
CA TYR F 188 -12.58 -30.04 7.23
C TYR F 188 -13.80 -30.47 8.01
N GLU F 189 -13.60 -31.05 9.17
CA GLU F 189 -14.74 -31.59 9.90
C GLU F 189 -15.23 -30.63 10.94
N LYS F 190 -14.54 -29.50 11.09
CA LYS F 190 -14.96 -28.41 11.96
C LYS F 190 -16.20 -27.69 11.41
N HIS F 191 -16.55 -27.90 10.13
CA HIS F 191 -17.63 -27.20 9.43
C HIS F 191 -18.45 -28.18 8.60
N LYS F 192 -19.63 -27.72 8.06
CA LYS F 192 -20.48 -28.78 7.48
C LYS F 192 -20.95 -28.56 6.05
N VAL F 193 -21.22 -27.31 5.63
CA VAL F 193 -21.61 -27.02 4.26
C VAL F 193 -20.41 -26.48 3.48
N TYR F 194 -20.09 -27.14 2.37
CA TYR F 194 -19.00 -26.72 1.49
C TYR F 194 -19.60 -26.34 0.14
N ALA F 195 -19.32 -25.12 -0.29
CA ALA F 195 -19.97 -24.58 -1.46
C ALA F 195 -18.93 -23.95 -2.36
N CYS F 196 -19.12 -24.15 -3.67
CA CYS F 196 -18.33 -23.56 -4.72
C CYS F 196 -19.31 -22.74 -5.54
N GLU F 197 -19.04 -21.44 -5.68
CA GLU F 197 -19.97 -20.51 -6.34
C GLU F 197 -19.35 -19.92 -7.61
N VAL F 198 -19.97 -20.16 -8.75
CA VAL F 198 -19.43 -19.80 -10.06
C VAL F 198 -20.20 -18.61 -10.59
N THR F 199 -19.47 -17.57 -10.99
CA THR F 199 -20.05 -16.45 -11.72
C THR F 199 -19.38 -16.43 -13.09
N HIS F 200 -20.18 -16.31 -14.15
CA HIS F 200 -19.69 -16.36 -15.52
C HIS F 200 -20.72 -15.69 -16.44
N GLN F 201 -20.22 -15.22 -17.60
CA GLN F 201 -21.06 -14.47 -18.52
C GLN F 201 -22.24 -15.30 -19.00
N GLY F 202 -22.07 -16.60 -19.11
CA GLY F 202 -23.22 -17.35 -19.53
C GLY F 202 -24.23 -17.56 -18.43
N LEU F 203 -23.93 -17.11 -17.20
CA LEU F 203 -24.81 -17.31 -16.07
C LEU F 203 -25.61 -16.04 -15.82
N SER F 204 -26.94 -16.19 -15.73
CA SER F 204 -27.80 -15.06 -15.44
C SER F 204 -27.47 -14.47 -14.09
N SER F 205 -27.35 -15.31 -13.07
CA SER F 205 -26.84 -15.01 -11.74
C SER F 205 -25.81 -16.08 -11.41
N PRO F 206 -24.83 -15.80 -10.55
CA PRO F 206 -23.85 -16.84 -10.22
C PRO F 206 -24.56 -18.04 -9.64
N VAL F 207 -24.14 -19.24 -10.08
CA VAL F 207 -24.68 -20.50 -9.59
C VAL F 207 -23.72 -21.09 -8.57
N THR F 208 -24.26 -21.75 -7.56
CA THR F 208 -23.41 -22.43 -6.60
C THR F 208 -23.89 -23.87 -6.46
N LYS F 209 -22.94 -24.79 -6.50
CA LYS F 209 -23.16 -26.17 -6.09
C LYS F 209 -22.51 -26.33 -4.73
N SER F 210 -23.22 -26.98 -3.81
CA SER F 210 -22.75 -27.12 -2.44
C SER F 210 -22.90 -28.58 -2.04
N PHE F 211 -22.39 -28.91 -0.87
CA PHE F 211 -22.62 -30.25 -0.35
C PHE F 211 -22.52 -30.21 1.16
N ASN F 212 -23.01 -31.27 1.79
CA ASN F 212 -23.10 -31.36 3.23
C ASN F 212 -22.19 -32.47 3.70
N ARG F 213 -21.20 -32.14 4.54
CA ARG F 213 -20.28 -33.17 4.98
C ARG F 213 -21.04 -34.27 5.73
N GLY F 214 -20.75 -35.52 5.40
CA GLY F 214 -21.51 -36.58 6.04
C GLY F 214 -22.88 -36.73 5.45
N GLU F 215 -23.03 -36.41 4.16
CA GLU F 215 -24.18 -36.75 3.30
C GLU F 215 -25.53 -36.80 4.00
N ASP G 8 27.96 17.35 8.83
CA ASP G 8 26.91 17.47 9.83
C ASP G 8 27.31 18.46 10.91
N ASP G 9 26.45 18.60 11.93
CA ASP G 9 26.68 19.41 13.12
C ASP G 9 26.70 20.92 12.85
N VAL G 10 25.55 21.50 12.53
CA VAL G 10 25.42 22.95 12.41
C VAL G 10 24.77 23.47 13.69
N TYR G 11 25.44 24.42 14.33
CA TYR G 11 25.20 24.80 15.72
C TYR G 11 24.51 26.16 15.73
N ALA G 12 23.26 26.20 16.18
CA ALA G 12 22.49 27.43 16.16
C ALA G 12 21.68 27.57 17.45
N LEU G 13 21.81 28.72 18.08
CA LEU G 13 21.06 29.07 19.27
C LEU G 13 19.84 29.89 18.89
N PRO G 14 18.80 29.92 19.74
CA PRO G 14 17.54 30.55 19.34
C PRO G 14 17.74 31.97 18.82
N GLY G 15 17.13 32.26 17.67
CA GLY G 15 17.14 33.57 17.06
C GLY G 15 18.05 33.70 15.86
N SER G 16 19.01 32.79 15.69
CA SER G 16 19.98 32.80 14.59
C SER G 16 19.29 32.81 13.23
N ASP G 17 20.10 32.91 12.16
CA ASP G 17 19.61 32.85 10.78
C ASP G 17 20.44 31.91 9.90
N ILE G 18 21.28 31.05 10.48
CA ILE G 18 22.24 30.30 9.69
C ILE G 18 21.51 29.28 8.82
N ASN G 19 21.99 29.12 7.59
CA ASN G 19 21.24 28.53 6.49
C ASN G 19 22.08 27.46 5.78
N LEU G 20 21.48 26.28 5.59
CA LEU G 20 22.20 25.09 5.14
C LEU G 20 22.27 25.03 3.61
N THR G 21 23.50 25.01 3.08
CA THR G 21 23.80 25.01 1.65
C THR G 21 24.31 23.63 1.21
N CYS G 22 24.47 23.46 -0.11
CA CYS G 22 24.51 22.12 -0.69
C CYS G 22 24.80 22.15 -2.19
N GLN G 23 25.91 21.54 -2.66
CA GLN G 23 26.37 21.72 -4.03
C GLN G 23 26.34 20.42 -4.85
N THR G 24 26.68 20.54 -6.13
CA THR G 24 26.78 19.43 -7.11
C THR G 24 27.75 18.32 -6.65
N LEU G 30 20.93 17.07 -13.78
CA LEU G 30 20.22 16.93 -12.51
C LEU G 30 18.71 16.88 -12.68
N VAL G 31 18.05 15.88 -12.09
CA VAL G 31 16.60 15.79 -12.20
C VAL G 31 15.90 16.63 -11.12
N GLN G 32 16.32 16.56 -9.86
CA GLN G 32 15.65 17.31 -8.81
C GLN G 32 16.61 17.66 -7.67
N MET G 33 16.46 18.86 -7.12
CA MET G 33 16.94 19.16 -5.77
C MET G 33 15.78 19.03 -4.80
N GLN G 34 16.02 18.41 -3.66
CA GLN G 34 14.99 18.30 -2.66
C GLN G 34 15.57 18.66 -1.30
N TRP G 35 14.79 19.36 -0.48
CA TRP G 35 15.09 19.64 0.92
C TRP G 35 13.98 19.02 1.77
N SER G 36 14.32 18.54 2.96
CA SER G 36 13.33 17.92 3.83
C SER G 36 13.81 17.98 5.27
N LYS G 37 12.87 18.06 6.20
CA LYS G 37 13.15 17.73 7.59
C LYS G 37 12.65 16.32 7.84
N VAL G 38 13.58 15.42 8.14
CA VAL G 38 13.27 14.01 8.38
C VAL G 38 13.47 13.73 9.85
N THR G 39 12.53 13.00 10.44
CA THR G 39 12.63 12.53 11.82
C THR G 39 12.03 11.13 11.88
N ASP G 40 10.71 11.06 11.93
CA ASP G 40 9.98 9.83 11.66
C ASP G 40 9.39 9.89 10.26
N LYS G 41 8.51 10.86 10.03
CA LYS G 41 8.06 11.18 8.68
C LYS G 41 9.21 11.83 7.91
N ASN G 42 9.35 11.43 6.65
CA ASN G 42 10.18 12.18 5.69
C ASN G 42 9.28 13.29 5.15
N ASP G 43 9.14 14.34 5.95
CA ASP G 43 8.27 15.45 5.58
C ASP G 43 9.09 16.47 4.79
N MET G 44 8.59 16.79 3.61
CA MET G 44 9.37 17.53 2.64
C MET G 44 9.27 19.03 2.93
N ILE G 45 10.30 19.76 2.51
CA ILE G 45 10.35 21.21 2.68
C ILE G 45 10.00 21.85 1.34
N ALA G 46 10.89 21.67 0.36
CA ALA G 46 10.79 22.28 -0.95
C ALA G 46 11.41 21.35 -1.99
N LEU G 47 10.81 21.30 -3.16
CA LEU G 47 11.30 20.47 -4.23
C LEU G 47 11.53 21.35 -5.44
N TYR G 48 12.60 21.06 -6.21
CA TYR G 48 12.93 21.85 -7.40
C TYR G 48 13.25 20.93 -8.56
N HIS G 49 12.41 20.95 -9.57
CA HIS G 49 12.71 20.40 -10.89
C HIS G 49 13.14 21.52 -11.82
N PRO G 50 14.26 21.41 -12.54
CA PRO G 50 14.73 22.55 -13.34
C PRO G 50 13.72 22.97 -14.40
N GLN G 51 13.03 22.00 -15.02
CA GLN G 51 12.01 22.25 -16.04
C GLN G 51 10.62 22.44 -15.46
N TYR G 52 10.31 21.79 -14.35
CA TYR G 52 8.94 21.71 -13.85
C TYR G 52 8.65 22.66 -12.68
N GLY G 53 9.67 23.30 -12.12
CA GLY G 53 9.46 24.41 -11.21
C GLY G 53 9.48 23.98 -9.76
N LEU G 54 9.36 24.97 -8.89
CA LEU G 54 9.39 24.71 -7.46
C LEU G 54 8.05 24.23 -6.96
N TYR G 55 8.07 23.24 -6.05
CA TYR G 55 6.88 22.71 -5.42
C TYR G 55 7.13 22.60 -3.92
N CYS G 56 6.12 22.99 -3.14
CA CYS G 56 6.20 22.93 -1.69
C CYS G 56 5.60 21.63 -1.17
N GLY G 57 6.16 21.14 -0.07
CA GLY G 57 5.42 20.21 0.76
C GLY G 57 4.41 20.98 1.58
N GLN G 58 3.28 20.33 1.87
CA GLN G 58 2.29 20.97 2.73
C GLN G 58 2.94 21.36 4.06
N GLU G 59 2.49 22.48 4.62
CA GLU G 59 2.95 23.12 5.88
C GLU G 59 4.13 24.08 5.70
N HIS G 60 4.72 24.21 4.51
CA HIS G 60 5.96 24.97 4.34
C HIS G 60 5.78 26.04 3.27
N ALA G 61 5.93 27.31 3.67
CA ALA G 61 5.87 28.44 2.75
C ALA G 61 7.16 28.52 1.95
N CYS G 62 7.56 27.40 1.34
CA CYS G 62 8.93 27.22 0.85
C CYS G 62 9.32 28.23 -0.22
N GLU G 63 8.34 28.95 -0.79
CA GLU G 63 8.57 30.10 -1.66
C GLU G 63 9.66 31.00 -1.11
N SER G 64 9.66 31.21 0.20
CA SER G 64 10.52 32.17 0.88
C SER G 64 11.73 31.54 1.56
N GLN G 65 12.03 30.27 1.29
CA GLN G 65 13.00 29.57 2.11
C GLN G 65 14.04 28.74 1.37
N VAL G 66 14.03 28.68 0.04
CA VAL G 66 14.99 27.85 -0.67
C VAL G 66 15.63 28.65 -1.78
N ALA G 67 16.75 28.11 -2.30
CA ALA G 67 17.58 28.83 -3.25
C ALA G 67 18.37 27.83 -4.08
N ALA G 68 18.41 28.04 -5.40
CA ALA G 68 19.15 27.21 -6.34
C ALA G 68 19.96 28.12 -7.25
N THR G 69 21.29 28.06 -7.14
CA THR G 69 22.22 28.90 -7.90
C THR G 69 23.43 28.07 -8.31
N GLU G 70 24.11 28.49 -9.38
CA GLU G 70 25.29 27.77 -9.84
C GLU G 70 26.57 28.59 -9.71
N VAL G 75 28.39 25.56 -11.60
CA VAL G 75 28.07 24.31 -10.91
C VAL G 75 27.23 24.65 -9.67
N THR G 76 26.29 23.76 -9.31
CA THR G 76 25.02 24.13 -8.70
C THR G 76 24.97 23.99 -7.18
N ASN G 77 24.26 24.92 -6.54
CA ASN G 77 23.89 24.91 -5.13
C ASN G 77 22.40 24.69 -4.94
N TRP G 78 22.02 24.48 -3.68
CA TRP G 78 20.63 24.22 -3.30
C TRP G 78 20.58 24.44 -1.79
N THR G 79 20.28 25.67 -1.39
CA THR G 79 20.51 26.14 -0.03
C THR G 79 19.19 26.46 0.66
N LEU G 80 18.99 25.93 1.85
CA LEU G 80 17.85 26.32 2.66
C LEU G 80 18.12 27.68 3.30
N TYR G 81 17.05 28.39 3.67
CA TYR G 81 17.12 29.62 4.43
C TYR G 81 16.24 29.46 5.67
N LEU G 82 16.84 29.35 6.86
CA LEU G 82 16.07 29.45 8.09
C LEU G 82 16.30 30.81 8.73
N ARG G 83 15.26 31.30 9.42
CA ARG G 83 15.27 32.64 9.99
C ARG G 83 14.55 32.61 11.34
N ASN G 84 15.03 33.44 12.28
CA ASN G 84 14.43 33.55 13.62
C ASN G 84 14.33 32.18 14.28
N ILE G 85 15.39 31.38 14.11
CA ILE G 85 15.34 29.95 14.44
C ILE G 85 14.92 29.75 15.89
N SER G 86 13.88 28.97 16.09
CA SER G 86 13.37 28.68 17.43
C SER G 86 13.80 27.30 17.88
N SER G 87 13.61 27.06 19.18
CA SER G 87 13.96 25.79 19.79
C SER G 87 13.38 24.60 19.00
N ALA G 88 12.23 24.79 18.34
CA ALA G 88 11.48 23.72 17.70
C ALA G 88 11.98 23.36 16.29
N LEU G 89 13.05 23.99 15.79
CA LEU G 89 13.57 23.65 14.47
C LEU G 89 14.75 22.69 14.55
N GLY G 90 15.14 22.25 15.75
CA GLY G 90 16.23 21.30 15.87
C GLY G 90 15.82 19.93 15.35
N GLY G 91 16.65 19.35 14.51
CA GLY G 91 16.34 18.06 13.92
C GLY G 91 17.23 17.77 12.73
N LYS G 92 16.85 16.74 11.99
CA LYS G 92 17.68 16.16 10.93
C LYS G 92 17.16 16.59 9.56
N TYR G 93 17.96 17.38 8.85
CA TYR G 93 17.67 17.79 7.48
C TYR G 93 18.46 16.91 6.50
N GLU G 94 18.01 16.86 5.24
CA GLU G 94 18.73 16.12 4.20
C GLU G 94 18.43 16.71 2.83
N CYS G 95 19.48 16.93 2.05
CA CYS G 95 19.41 17.59 0.75
C CYS G 95 19.71 16.57 -0.34
N ILE G 96 18.66 15.98 -0.91
CA ILE G 96 18.77 14.85 -1.83
C ILE G 96 18.74 15.36 -3.27
N PHE G 97 19.88 15.30 -3.96
CA PHE G 97 19.93 15.49 -5.41
C PHE G 97 19.72 14.15 -6.09
N THR G 98 18.71 14.07 -6.96
CA THR G 98 18.53 12.93 -7.86
C THR G 98 18.90 13.38 -9.26
N LEU G 99 20.02 12.90 -9.76
CA LEU G 99 20.51 13.30 -11.07
C LEU G 99 20.17 12.21 -12.08
N TYR G 100 20.34 12.54 -13.36
CA TYR G 100 20.06 11.52 -14.36
C TYR G 100 21.12 10.41 -14.28
N PRO G 101 20.74 9.16 -14.60
CA PRO G 101 21.13 7.99 -13.78
C PRO G 101 22.57 7.99 -13.28
N ILE G 104 21.06 9.29 -6.65
CA ILE G 104 20.96 10.02 -5.40
C ILE G 104 22.32 10.58 -4.98
N LYS G 105 22.32 11.79 -4.39
CA LYS G 105 23.51 12.38 -3.76
C LYS G 105 23.00 13.18 -2.56
N THR G 106 22.93 12.52 -1.40
CA THR G 106 22.49 13.15 -0.17
C THR G 106 23.63 13.97 0.48
N THR G 107 23.24 14.92 1.34
CA THR G 107 24.21 15.80 2.04
C THR G 107 23.52 16.30 3.32
N VAL G 108 23.61 15.51 4.37
CA VAL G 108 22.81 15.74 5.57
C VAL G 108 23.47 16.84 6.42
N TYR G 109 22.62 17.51 7.21
CA TYR G 109 23.04 18.49 8.21
C TYR G 109 22.15 18.29 9.44
N ASN G 110 22.70 18.50 10.64
CA ASN G 110 21.95 18.29 11.87
C ASN G 110 22.04 19.52 12.76
N LEU G 111 20.93 20.26 12.87
CA LEU G 111 20.92 21.59 13.50
C LEU G 111 20.67 21.44 15.00
N ILE G 112 21.69 21.78 15.80
CA ILE G 112 21.67 21.62 17.26
C ILE G 112 21.26 22.96 17.88
N VAL G 113 20.11 22.98 18.54
CA VAL G 113 19.53 24.22 19.08
C VAL G 113 19.73 24.38 20.59
N VAL H 2 -8.83 24.24 0.65
CA VAL H 2 -7.93 23.89 -0.44
C VAL H 2 -8.56 22.91 -1.45
N GLN H 3 -9.57 23.25 -2.27
CA GLN H 3 -9.63 22.30 -3.34
C GLN H 3 -9.90 23.02 -4.67
N LEU H 4 -10.16 22.31 -5.75
CA LEU H 4 -10.22 22.84 -7.09
C LEU H 4 -11.61 22.78 -7.67
N LYS H 5 -12.10 23.92 -8.14
CA LYS H 5 -13.35 23.89 -8.87
C LYS H 5 -13.25 24.59 -10.22
N GLU H 6 -13.59 23.82 -11.27
CA GLU H 6 -13.76 24.23 -12.65
C GLU H 6 -15.18 24.71 -12.92
N SER H 7 -15.27 25.72 -13.79
CA SER H 7 -16.52 26.28 -14.24
C SER H 7 -16.39 26.57 -15.73
N GLY H 8 -17.52 26.50 -16.45
CA GLY H 8 -17.51 26.76 -17.87
C GLY H 8 -18.88 26.53 -18.48
N PRO H 9 -19.02 26.88 -19.76
CA PRO H 9 -20.34 26.74 -20.40
C PRO H 9 -20.74 25.27 -20.43
N GLY H 10 -22.03 25.01 -20.30
CA GLY H 10 -22.47 23.64 -20.37
C GLY H 10 -22.65 23.12 -21.78
N LEU H 11 -23.00 24.01 -22.70
CA LEU H 11 -23.37 23.68 -24.07
C LEU H 11 -22.59 24.61 -24.97
N VAL H 12 -21.91 24.03 -25.95
CA VAL H 12 -20.99 24.77 -26.81
C VAL H 12 -21.24 24.29 -28.23
N GLN H 13 -21.17 25.23 -29.21
CA GLN H 13 -21.51 24.87 -30.57
C GLN H 13 -20.28 24.28 -31.25
N PRO H 14 -20.41 23.39 -32.22
CA PRO H 14 -19.22 22.97 -32.97
C PRO H 14 -18.63 24.19 -33.66
N SER H 15 -17.31 24.20 -33.83
CA SER H 15 -16.58 25.32 -34.42
C SER H 15 -16.45 26.45 -33.42
N GLN H 16 -17.26 26.45 -32.36
CA GLN H 16 -17.12 27.46 -31.33
C GLN H 16 -15.86 27.17 -30.53
N THR H 17 -15.59 28.04 -29.56
CA THR H 17 -14.37 28.00 -28.79
C THR H 17 -14.69 27.84 -27.31
N LEU H 18 -14.11 26.81 -26.69
CA LEU H 18 -14.35 26.49 -25.29
C LEU H 18 -13.37 27.25 -24.39
N SER H 19 -13.90 27.85 -23.32
CA SER H 19 -13.07 28.43 -22.28
C SER H 19 -13.58 27.94 -20.94
N LEU H 20 -12.78 27.12 -20.26
CA LEU H 20 -13.08 26.70 -18.91
C LEU H 20 -12.17 27.44 -17.96
N THR H 21 -12.65 27.63 -16.74
CA THR H 21 -11.82 28.18 -15.70
C THR H 21 -11.86 27.22 -14.53
N CYS H 22 -10.69 26.81 -14.09
CA CYS H 22 -10.54 25.98 -12.91
C CYS H 22 -10.06 26.93 -11.83
N THR H 23 -10.82 27.05 -10.76
CA THR H 23 -10.51 28.04 -9.73
C THR H 23 -9.94 27.27 -8.56
N VAL H 24 -8.65 27.51 -8.29
CA VAL H 24 -7.91 26.78 -7.30
C VAL H 24 -7.77 27.71 -6.12
N SER H 25 -8.32 27.33 -5.01
CA SER H 25 -8.34 28.27 -3.92
C SER H 25 -7.85 27.67 -2.61
N GLY H 26 -7.14 28.50 -1.82
CA GLY H 26 -6.31 28.10 -0.69
C GLY H 26 -4.88 27.69 -0.98
N LEU H 27 -4.30 28.12 -2.11
CA LEU H 27 -2.90 27.79 -2.44
C LEU H 27 -2.46 28.62 -3.64
N SER H 28 -1.15 28.88 -3.74
CA SER H 28 -0.64 29.67 -4.85
C SER H 28 -0.18 28.76 -6.00
N LEU H 29 -0.54 29.16 -7.22
CA LEU H 29 -0.15 28.47 -8.45
C LEU H 29 1.33 28.61 -8.76
N THR H 30 2.10 29.30 -7.92
CA THR H 30 3.53 29.45 -8.14
C THR H 30 4.33 28.25 -7.62
N THR H 31 3.76 27.49 -6.67
CA THR H 31 4.34 26.25 -6.18
C THR H 31 3.42 25.06 -6.38
N ASN H 32 2.44 25.16 -7.28
CA ASN H 32 1.65 24.01 -7.67
C ASN H 32 1.49 23.99 -9.18
N SER H 33 1.29 22.80 -9.73
CA SER H 33 0.98 22.64 -11.15
C SER H 33 -0.45 22.16 -11.25
N VAL H 34 -1.09 22.42 -12.39
CA VAL H 34 -2.47 22.01 -12.61
C VAL H 34 -2.58 21.42 -14.01
N SER H 35 -3.23 20.27 -14.11
CA SER H 35 -3.45 19.56 -15.36
C SER H 35 -4.94 19.55 -15.67
N TRP H 36 -5.24 19.41 -16.95
CA TRP H 36 -6.61 19.30 -17.41
C TRP H 36 -6.78 17.91 -17.97
N ILE H 37 -7.73 17.14 -17.42
CA ILE H 37 -8.00 15.81 -17.91
C ILE H 37 -9.48 15.70 -18.19
N ARG H 38 -9.83 15.02 -19.29
CA ARG H 38 -11.20 14.89 -19.72
C ARG H 38 -11.54 13.43 -19.95
N GLN H 39 -12.84 13.12 -19.88
CA GLN H 39 -13.34 11.77 -20.13
C GLN H 39 -14.69 11.90 -20.79
N PRO H 40 -14.77 11.71 -22.10
CA PRO H 40 -16.05 11.78 -22.77
C PRO H 40 -16.93 10.61 -22.26
N PRO H 41 -18.24 10.79 -22.28
CA PRO H 41 -19.11 9.77 -21.70
C PRO H 41 -19.01 8.49 -22.49
N GLY H 42 -18.92 7.40 -21.75
CA GLY H 42 -18.75 6.13 -22.36
C GLY H 42 -17.35 5.84 -22.83
N LYS H 43 -16.40 6.79 -22.71
CA LYS H 43 -15.18 6.40 -23.39
C LYS H 43 -14.14 6.58 -22.29
N GLY H 44 -12.85 6.39 -22.59
CA GLY H 44 -11.85 6.39 -21.54
C GLY H 44 -11.30 7.77 -21.16
N LEU H 45 -10.47 7.76 -20.12
CA LEU H 45 -9.84 9.00 -19.66
C LEU H 45 -8.73 9.41 -20.63
N GLU H 46 -8.62 10.72 -20.83
CA GLU H 46 -7.62 11.31 -21.74
C GLU H 46 -7.01 12.55 -21.10
N TRP H 47 -5.69 12.57 -20.96
CA TRP H 47 -4.97 13.74 -20.49
C TRP H 47 -4.87 14.82 -21.56
N MET H 48 -4.91 16.07 -21.13
CA MET H 48 -4.94 17.13 -22.12
C MET H 48 -3.76 18.08 -22.05
N GLY H 49 -3.33 18.47 -20.86
CA GLY H 49 -2.20 19.35 -20.76
C GLY H 49 -2.02 19.76 -19.33
N VAL H 50 -0.89 20.41 -19.07
CA VAL H 50 -0.52 20.85 -17.73
C VAL H 50 0.22 22.19 -17.84
N ILE H 51 -0.01 23.05 -16.87
CA ILE H 51 0.77 24.27 -16.71
C ILE H 51 1.50 24.13 -15.38
N TRP H 52 2.83 24.13 -15.42
CA TRP H 52 3.61 23.85 -14.23
C TRP H 52 3.69 25.08 -13.31
N SER H 53 4.23 24.86 -12.11
CA SER H 53 4.44 25.93 -11.13
C SER H 53 5.23 27.11 -11.70
N ASN H 54 6.08 26.87 -12.69
CA ASN H 54 6.96 27.90 -13.22
C ASN H 54 6.36 28.61 -14.42
N GLY H 55 5.09 28.38 -14.71
CA GLY H 55 4.41 28.97 -15.84
C GLY H 55 4.56 28.20 -17.14
N GLY H 56 5.57 27.33 -17.26
CA GLY H 56 5.70 26.52 -18.45
C GLY H 56 4.50 25.64 -18.65
N THR H 57 4.36 25.11 -19.87
CA THR H 57 3.23 24.25 -20.20
C THR H 57 3.69 23.03 -20.98
N ASP H 58 2.91 21.95 -20.88
CA ASP H 58 3.06 20.77 -21.71
C ASP H 58 1.68 20.29 -22.10
N TYR H 59 1.52 19.86 -23.35
CA TYR H 59 0.22 19.44 -23.84
C TYR H 59 0.30 18.02 -24.41
N ASN H 60 -0.85 17.36 -24.45
CA ASN H 60 -0.97 16.13 -25.20
C ASN H 60 -0.76 16.45 -26.68
N SER H 61 0.18 15.76 -27.31
CA SER H 61 0.55 16.13 -28.67
C SER H 61 -0.60 15.94 -29.66
N ASP H 62 -1.57 15.09 -29.35
CA ASP H 62 -2.67 14.81 -30.26
C ASP H 62 -3.75 15.87 -30.29
N ILE H 63 -3.71 16.84 -29.38
CA ILE H 63 -4.78 17.83 -29.42
C ILE H 63 -4.21 19.23 -29.22
N LYS H 64 -2.88 19.34 -29.10
CA LYS H 64 -2.22 20.63 -28.94
C LYS H 64 -2.72 21.65 -29.94
N SER H 65 -2.94 21.23 -31.19
CA SER H 65 -3.24 22.18 -32.25
C SER H 65 -4.47 23.03 -31.89
N ARG H 66 -5.33 22.56 -30.97
CA ARG H 66 -6.52 23.31 -30.58
C ARG H 66 -6.50 23.89 -29.17
N LEU H 67 -5.69 23.39 -28.25
CA LEU H 67 -5.84 23.83 -26.87
C LEU H 67 -4.67 24.70 -26.44
N SER H 68 -5.00 25.67 -25.60
CA SER H 68 -4.04 26.56 -24.99
C SER H 68 -4.36 26.68 -23.51
N ILE H 69 -3.42 26.29 -22.65
CA ILE H 69 -3.61 26.29 -21.20
C ILE H 69 -2.82 27.43 -20.59
N SER H 70 -3.47 28.18 -19.72
CA SER H 70 -2.96 29.40 -19.18
C SER H 70 -3.37 29.50 -17.72
N ARG H 71 -2.86 30.50 -17.01
CA ARG H 71 -3.22 30.71 -15.60
C ARG H 71 -3.26 32.20 -15.30
N ASP H 72 -3.90 32.55 -14.18
CA ASP H 72 -3.82 33.92 -13.64
C ASP H 72 -3.57 33.79 -12.15
N THR H 73 -2.30 33.80 -11.75
CA THR H 73 -1.94 33.58 -10.36
C THR H 73 -2.43 34.68 -9.43
N SER H 74 -2.90 35.81 -9.95
CA SER H 74 -3.34 36.88 -9.05
C SER H 74 -4.72 36.61 -8.45
N LYS H 75 -5.65 36.08 -9.24
CA LYS H 75 -6.92 35.54 -8.74
C LYS H 75 -6.91 34.01 -8.50
N SER H 76 -5.77 33.35 -8.63
CA SER H 76 -5.61 31.89 -8.44
C SER H 76 -6.59 31.10 -9.32
N GLN H 77 -6.37 31.21 -10.62
CA GLN H 77 -7.21 30.54 -11.60
C GLN H 77 -6.33 29.98 -12.71
N VAL H 78 -6.65 28.77 -13.14
CA VAL H 78 -6.01 28.17 -14.31
C VAL H 78 -7.09 28.06 -15.37
N PHE H 79 -6.76 28.44 -16.60
CA PHE H 79 -7.73 28.49 -17.67
C PHE H 79 -7.36 27.51 -18.75
N LEU H 80 -8.36 27.01 -19.45
CA LEU H 80 -8.14 26.26 -20.69
C LEU H 80 -9.03 26.83 -21.79
N LYS H 81 -8.42 27.12 -22.92
CA LYS H 81 -9.12 27.57 -24.13
C LYS H 81 -8.85 26.53 -25.20
N MET H 82 -9.92 26.05 -25.85
CA MET H 82 -9.86 25.02 -26.90
C MET H 82 -10.66 25.49 -28.11
N ASN H 83 -10.00 25.66 -29.25
CA ASN H 83 -10.72 26.14 -30.43
C ASN H 83 -11.24 24.98 -31.29
N SER H 84 -12.19 25.32 -32.18
CA SER H 84 -12.72 24.40 -33.19
C SER H 84 -13.19 23.09 -32.56
N LEU H 85 -14.21 23.21 -31.72
CA LEU H 85 -14.74 22.07 -30.99
C LEU H 85 -15.45 21.06 -31.91
N GLN H 86 -15.22 19.77 -31.65
CA GLN H 86 -15.92 18.71 -32.35
C GLN H 86 -17.10 18.23 -31.52
N THR H 87 -17.99 17.46 -32.14
CA THR H 87 -19.11 16.95 -31.37
C THR H 87 -18.66 15.87 -30.39
N GLU H 88 -17.61 15.14 -30.70
CA GLU H 88 -17.02 14.19 -29.76
C GLU H 88 -16.11 14.86 -28.74
N ASP H 89 -15.93 16.18 -28.83
CA ASP H 89 -15.16 16.90 -27.83
C ASP H 89 -15.97 17.12 -26.57
N THR H 90 -17.25 16.73 -26.58
CA THR H 90 -18.06 16.76 -25.37
C THR H 90 -17.54 15.70 -24.44
N ALA H 91 -17.41 16.06 -23.17
CA ALA H 91 -16.71 15.23 -22.21
C ALA H 91 -16.93 15.84 -20.84
N MET H 92 -16.49 15.12 -19.84
CA MET H 92 -16.31 15.68 -18.52
C MET H 92 -14.92 16.28 -18.46
N TYR H 93 -14.81 17.50 -17.97
CA TYR H 93 -13.53 18.17 -17.90
C TYR H 93 -13.15 18.37 -16.44
N PHE H 94 -12.02 17.77 -16.04
CA PHE H 94 -11.51 17.86 -14.69
C PHE H 94 -10.20 18.61 -14.69
N CYS H 95 -9.92 19.33 -13.60
CA CYS H 95 -8.57 19.83 -13.36
C CYS H 95 -8.04 19.16 -12.11
N ALA H 96 -6.74 18.95 -12.10
CA ALA H 96 -6.07 18.15 -11.09
C ALA H 96 -4.87 18.93 -10.57
N ARG H 97 -4.64 18.89 -9.26
CA ARG H 97 -3.54 19.64 -8.67
C ARG H 97 -2.30 18.75 -8.57
N ASN H 98 -1.15 19.33 -8.92
CA ASN H 98 0.14 18.64 -8.88
C ASN H 98 0.09 17.30 -9.62
N PHE H 99 -0.70 17.25 -10.71
CA PHE H 99 -0.83 16.05 -11.53
C PHE H 99 0.43 15.87 -12.39
N PRO H 100 0.56 14.76 -13.14
CA PRO H 100 1.81 13.96 -13.12
C PRO H 100 2.72 14.24 -11.94
N TYR H 101 3.46 15.35 -12.02
CA TYR H 101 4.51 15.85 -11.14
C TYR H 101 4.07 17.13 -10.41
N PRO H 102 4.35 17.24 -9.11
CA PRO H 102 5.17 16.27 -8.40
C PRO H 102 4.40 15.09 -7.80
N GLY H 103 3.07 15.10 -7.93
CA GLY H 103 2.29 13.99 -7.42
C GLY H 103 2.24 13.85 -5.91
N ILE H 104 2.71 14.85 -5.17
CA ILE H 104 2.61 14.74 -3.72
C ILE H 104 1.21 15.17 -3.33
N ASN H 105 0.96 16.47 -3.39
CA ASN H 105 -0.27 17.07 -2.90
C ASN H 105 -1.42 16.90 -3.87
N PHE H 106 -1.47 15.70 -4.48
CA PHE H 106 -2.45 15.34 -5.50
C PHE H 106 -3.89 15.55 -5.01
N ASP H 107 -4.66 16.23 -5.86
CA ASP H 107 -6.06 16.57 -5.61
C ASP H 107 -6.77 16.59 -6.95
N TRP H 108 -8.04 16.19 -6.97
CA TRP H 108 -8.75 16.06 -8.22
C TRP H 108 -10.04 16.85 -8.16
N GLY H 109 -10.32 17.61 -9.20
CA GLY H 109 -11.48 18.48 -9.19
C GLY H 109 -12.79 17.72 -9.27
N GLN H 110 -13.88 18.49 -9.46
CA GLN H 110 -15.19 17.88 -9.56
C GLN H 110 -15.62 17.59 -10.98
N GLY H 111 -15.23 18.42 -11.93
CA GLY H 111 -15.61 18.23 -13.32
C GLY H 111 -16.72 19.18 -13.73
N VAL H 112 -16.75 19.46 -15.05
CA VAL H 112 -17.83 20.24 -15.67
C VAL H 112 -18.33 19.48 -16.87
N MET H 113 -19.66 19.36 -16.99
CA MET H 113 -20.19 18.72 -18.17
C MET H 113 -20.07 19.72 -19.30
N VAL H 114 -19.51 19.28 -20.43
CA VAL H 114 -19.35 20.14 -21.59
C VAL H 114 -19.94 19.36 -22.75
N THR H 115 -21.06 19.85 -23.29
CA THR H 115 -21.76 19.20 -24.38
C THR H 115 -21.53 20.05 -25.61
N VAL H 116 -20.96 19.46 -26.64
CA VAL H 116 -20.72 20.14 -27.90
C VAL H 116 -21.76 19.65 -28.89
N SER H 117 -22.76 20.46 -29.16
CA SER H 117 -23.82 20.05 -30.04
C SER H 117 -24.44 21.25 -30.70
N SER H 118 -24.79 21.10 -31.96
CA SER H 118 -25.61 22.06 -32.67
C SER H 118 -27.09 21.98 -32.30
N ALA H 119 -27.49 20.99 -31.48
CA ALA H 119 -28.91 20.81 -31.18
C ALA H 119 -29.42 21.90 -30.25
N SER H 120 -30.75 21.98 -30.15
CA SER H 120 -31.38 23.03 -29.35
C SER H 120 -31.67 22.50 -27.96
N THR H 121 -31.65 23.39 -26.99
CA THR H 121 -32.04 22.97 -25.65
C THR H 121 -33.51 22.56 -25.68
N LYS H 122 -33.87 21.61 -24.81
CA LYS H 122 -35.24 21.09 -24.79
C LYS H 122 -35.53 20.70 -23.34
N GLY H 123 -36.59 21.23 -22.79
CA GLY H 123 -36.92 20.95 -21.42
C GLY H 123 -37.58 19.60 -21.31
N PRO H 124 -37.60 19.05 -20.11
CA PRO H 124 -38.16 17.72 -19.93
C PRO H 124 -39.69 17.73 -19.90
N SER H 125 -40.25 16.54 -20.08
CA SER H 125 -41.62 16.23 -19.71
C SER H 125 -41.55 15.36 -18.48
N VAL H 126 -42.29 15.71 -17.46
CA VAL H 126 -42.21 15.04 -16.18
C VAL H 126 -43.46 14.19 -16.03
N PHE H 127 -43.32 12.90 -16.24
CA PHE H 127 -44.48 12.05 -16.02
C PHE H 127 -44.33 11.35 -14.69
N PRO H 128 -45.45 11.06 -14.01
CA PRO H 128 -45.40 10.41 -12.70
C PRO H 128 -45.29 8.89 -12.79
N LEU H 129 -44.47 8.32 -11.91
CA LEU H 129 -44.42 6.88 -11.71
C LEU H 129 -45.20 6.57 -10.44
N ALA H 130 -46.50 6.33 -10.61
CA ALA H 130 -47.43 6.27 -9.51
C ALA H 130 -47.27 4.97 -8.71
N PRO H 131 -47.44 5.02 -7.40
CA PRO H 131 -47.42 3.78 -6.62
C PRO H 131 -48.70 3.00 -6.88
N SER H 132 -48.57 1.68 -6.88
CA SER H 132 -49.72 0.83 -7.09
C SER H 132 -49.47 -0.46 -6.33
N SER H 133 -50.44 -1.36 -6.37
CA SER H 133 -50.18 -2.71 -5.86
C SER H 133 -48.95 -3.32 -6.53
N LYS H 134 -48.58 -2.84 -7.72
CA LYS H 134 -47.38 -3.27 -8.45
C LYS H 134 -46.08 -2.65 -7.92
N SER H 135 -46.17 -1.58 -7.11
CA SER H 135 -44.99 -0.87 -6.61
C SER H 135 -44.91 -0.93 -5.09
N THR H 136 -45.51 -1.97 -4.50
CA THR H 136 -45.58 -2.15 -3.04
C THR H 136 -44.92 -3.48 -2.70
N SER H 137 -43.96 -3.47 -1.76
CA SER H 137 -43.36 -4.72 -1.27
C SER H 137 -43.40 -4.78 0.27
N GLY H 138 -44.59 -4.98 0.84
CA GLY H 138 -44.67 -5.20 2.28
C GLY H 138 -44.61 -3.95 3.15
N GLY H 139 -45.61 -3.09 3.05
CA GLY H 139 -45.60 -1.85 3.79
C GLY H 139 -44.68 -0.78 3.26
N THR H 140 -43.84 -1.08 2.26
CA THR H 140 -42.97 -0.09 1.62
C THR H 140 -43.41 0.05 0.17
N ALA H 141 -43.93 1.23 -0.17
CA ALA H 141 -44.35 1.53 -1.53
C ALA H 141 -43.28 2.37 -2.18
N ALA H 142 -43.11 2.19 -3.48
CA ALA H 142 -42.15 2.93 -4.28
C ALA H 142 -42.92 3.87 -5.18
N LEU H 143 -42.42 5.10 -5.33
CA LEU H 143 -43.04 6.07 -6.21
C LEU H 143 -41.94 6.93 -6.81
N GLY H 144 -42.26 7.69 -7.86
CA GLY H 144 -41.19 8.44 -8.50
C GLY H 144 -41.68 9.27 -9.66
N CYS H 145 -40.69 9.89 -10.33
CA CYS H 145 -40.87 10.77 -11.47
C CYS H 145 -39.99 10.29 -12.61
N LEU H 146 -40.51 10.36 -13.82
CA LEU H 146 -39.77 10.02 -15.02
C LEU H 146 -39.56 11.31 -15.80
N VAL H 147 -38.33 11.82 -15.81
CA VAL H 147 -37.97 13.09 -16.43
C VAL H 147 -37.39 12.78 -17.82
N LYS H 148 -38.16 12.97 -18.88
CA LYS H 148 -37.87 12.35 -20.17
C LYS H 148 -37.73 13.38 -21.29
N ASP H 149 -36.80 13.10 -22.20
CA ASP H 149 -36.63 13.84 -23.46
C ASP H 149 -36.24 15.29 -23.22
N TYR H 150 -35.12 15.48 -22.54
CA TYR H 150 -34.58 16.81 -22.34
C TYR H 150 -33.16 16.85 -22.89
N PHE H 151 -32.65 18.07 -23.05
CA PHE H 151 -31.29 18.28 -23.54
C PHE H 151 -30.84 19.72 -23.32
N PRO H 152 -29.55 19.96 -22.99
CA PRO H 152 -28.56 18.94 -22.69
C PRO H 152 -28.62 18.67 -21.21
N GLU H 153 -27.68 17.90 -20.69
CA GLU H 153 -27.60 17.72 -19.25
C GLU H 153 -26.93 18.90 -18.62
N PRO H 154 -27.16 19.16 -17.33
CA PRO H 154 -27.86 18.53 -16.21
C PRO H 154 -29.30 18.96 -15.98
N VAL H 155 -30.11 18.08 -15.41
CA VAL H 155 -31.38 18.44 -14.81
C VAL H 155 -31.26 18.11 -13.33
N THR H 156 -32.03 18.79 -12.49
CA THR H 156 -31.99 18.53 -11.05
C THR H 156 -33.39 18.28 -10.53
N VAL H 157 -33.51 17.34 -9.58
CA VAL H 157 -34.79 16.84 -9.09
C VAL H 157 -34.80 16.84 -7.56
N SER H 158 -35.88 17.33 -6.96
CA SER H 158 -36.07 17.23 -5.52
C SER H 158 -37.49 16.79 -5.22
N TRP H 159 -37.69 16.27 -4.02
CA TRP H 159 -38.98 15.77 -3.60
C TRP H 159 -39.50 16.61 -2.45
N ASN H 160 -40.75 17.06 -2.57
CA ASN H 160 -41.37 17.90 -1.55
C ASN H 160 -40.47 19.08 -1.22
N SER H 161 -39.87 19.65 -2.26
CA SER H 161 -39.06 20.86 -2.15
C SER H 161 -37.90 20.71 -1.18
N GLY H 162 -37.25 19.55 -1.16
CA GLY H 162 -36.11 19.33 -0.31
C GLY H 162 -36.46 18.67 1.01
N ALA H 163 -37.73 18.75 1.41
CA ALA H 163 -38.14 18.17 2.66
C ALA H 163 -37.89 16.67 2.68
N LEU H 164 -38.02 16.02 1.53
CA LEU H 164 -37.82 14.58 1.39
C LEU H 164 -36.43 14.32 0.83
N THR H 165 -35.62 13.63 1.59
CA THR H 165 -34.29 13.25 1.10
C THR H 165 -33.99 11.78 1.32
N SER H 166 -34.37 11.22 2.47
CA SER H 166 -34.03 9.84 2.79
C SER H 166 -34.81 8.87 1.91
N GLY H 167 -34.08 7.97 1.28
CA GLY H 167 -34.73 6.98 0.45
C GLY H 167 -34.95 7.43 -0.96
N VAL H 168 -34.37 8.53 -1.35
CA VAL H 168 -34.48 9.02 -2.71
C VAL H 168 -33.33 8.47 -3.50
N HIS H 169 -33.61 7.99 -4.71
CA HIS H 169 -32.55 7.65 -5.68
C HIS H 169 -32.85 8.38 -6.98
N THR H 170 -32.04 9.36 -7.31
CA THR H 170 -32.15 10.02 -8.60
C THR H 170 -31.10 9.35 -9.46
N PHE H 171 -31.52 8.51 -10.39
CA PHE H 171 -30.56 7.68 -11.12
C PHE H 171 -29.81 8.50 -12.14
N PRO H 172 -28.65 8.04 -12.58
CA PRO H 172 -27.96 8.75 -13.66
C PRO H 172 -28.80 8.70 -14.91
N ALA H 173 -28.80 9.81 -15.65
CA ALA H 173 -29.56 9.90 -16.88
C ALA H 173 -28.99 8.95 -17.91
N VAL H 174 -29.80 8.59 -18.90
CA VAL H 174 -29.33 7.82 -20.03
C VAL H 174 -29.62 8.59 -21.29
N LEU H 175 -28.86 8.29 -22.32
CA LEU H 175 -28.92 9.01 -23.57
C LEU H 175 -29.72 8.19 -24.55
N GLN H 176 -30.91 8.67 -24.87
CA GLN H 176 -31.76 7.92 -25.78
C GLN H 176 -31.20 7.99 -27.18
N SER H 177 -31.69 7.10 -28.04
CA SER H 177 -31.21 7.11 -29.41
C SER H 177 -31.71 8.33 -30.15
N SER H 178 -32.80 8.94 -29.69
CA SER H 178 -33.22 10.20 -30.29
C SER H 178 -32.22 11.32 -30.07
N GLY H 179 -31.23 11.12 -29.22
CA GLY H 179 -30.34 12.18 -28.79
C GLY H 179 -30.80 12.98 -27.59
N LEU H 180 -31.97 12.72 -27.04
CA LEU H 180 -32.40 13.40 -25.82
C LEU H 180 -32.20 12.50 -24.61
N TYR H 181 -31.81 13.09 -23.49
CA TYR H 181 -31.64 12.31 -22.29
C TYR H 181 -32.98 12.15 -21.62
N SER H 182 -33.08 11.11 -20.80
CA SER H 182 -34.18 10.96 -19.87
C SER H 182 -33.66 10.21 -18.65
N LEU H 183 -34.28 10.46 -17.50
CA LEU H 183 -33.79 9.93 -16.25
C LEU H 183 -34.96 9.83 -15.30
N SER H 184 -34.83 8.95 -14.33
CA SER H 184 -35.91 8.71 -13.40
C SER H 184 -35.36 8.84 -12.00
N SER H 185 -36.17 9.42 -11.11
CA SER H 185 -35.84 9.56 -9.70
C SER H 185 -37.00 8.99 -8.91
N VAL H 186 -36.71 8.07 -7.99
CA VAL H 186 -37.76 7.41 -7.22
C VAL H 186 -37.43 7.51 -5.75
N VAL H 187 -38.47 7.47 -4.94
CA VAL H 187 -38.37 7.44 -3.49
C VAL H 187 -39.25 6.30 -3.00
N THR H 188 -38.73 5.52 -2.05
CA THR H 188 -39.50 4.51 -1.36
C THR H 188 -40.08 5.11 -0.08
N VAL H 189 -41.34 4.79 0.17
CA VAL H 189 -42.15 5.50 1.16
C VAL H 189 -42.99 4.50 1.93
N PRO H 190 -43.31 4.80 3.20
CA PRO H 190 -44.19 3.90 3.94
C PRO H 190 -45.54 3.81 3.25
N SER H 191 -46.01 2.58 3.02
CA SER H 191 -47.21 2.40 2.23
C SER H 191 -48.44 2.98 2.90
N SER H 192 -48.47 3.06 4.23
CA SER H 192 -49.61 3.65 4.91
C SER H 192 -49.72 5.15 4.67
N SER H 193 -48.73 5.73 4.01
CA SER H 193 -48.68 7.17 3.86
C SER H 193 -49.32 7.65 2.57
N LEU H 194 -49.67 6.74 1.66
CA LEU H 194 -50.08 7.17 0.34
C LEU H 194 -51.36 7.99 0.42
N GLY H 195 -52.22 7.69 1.39
CA GLY H 195 -53.44 8.45 1.54
C GLY H 195 -53.26 9.80 2.21
N THR H 196 -52.31 9.92 3.14
CA THR H 196 -52.21 11.15 3.91
C THR H 196 -51.21 12.18 3.37
N GLN H 197 -50.02 11.78 2.91
CA GLN H 197 -49.01 12.75 2.48
C GLN H 197 -48.99 12.91 0.98
N THR H 198 -48.80 14.14 0.52
CA THR H 198 -48.75 14.42 -0.90
C THR H 198 -47.30 14.48 -1.32
N TYR H 199 -47.02 13.98 -2.53
CA TYR H 199 -45.66 13.87 -3.04
C TYR H 199 -45.53 14.69 -4.29
N ILE H 200 -44.51 15.51 -4.33
CA ILE H 200 -44.23 16.38 -5.46
C ILE H 200 -42.75 16.21 -5.73
N CYS H 201 -42.41 15.91 -6.97
CA CYS H 201 -41.02 15.97 -7.36
C CYS H 201 -40.81 17.31 -8.05
N ASN H 202 -39.69 17.95 -7.73
CA ASN H 202 -39.41 19.27 -8.28
C ASN H 202 -38.30 19.12 -9.30
N VAL H 203 -38.66 19.21 -10.56
CA VAL H 203 -37.69 19.09 -11.64
C VAL H 203 -37.32 20.50 -12.06
N ASN H 204 -36.03 20.74 -12.26
CA ASN H 204 -35.55 22.02 -12.73
C ASN H 204 -34.44 21.77 -13.73
N HIS H 205 -34.66 22.18 -14.98
CA HIS H 205 -33.68 21.95 -16.03
C HIS H 205 -33.25 23.31 -16.56
N LYS H 206 -32.12 23.82 -16.05
CA LYS H 206 -31.75 25.21 -16.22
C LYS H 206 -31.31 25.57 -17.63
N PRO H 207 -30.65 24.68 -18.38
CA PRO H 207 -30.28 25.05 -19.76
C PRO H 207 -31.46 25.41 -20.65
N SER H 208 -32.69 25.09 -20.23
CA SER H 208 -33.89 25.44 -20.98
C SER H 208 -34.86 26.25 -20.11
N ASN H 209 -34.40 26.75 -18.96
CA ASN H 209 -35.22 27.50 -18.02
C ASN H 209 -36.58 26.83 -17.85
N THR H 210 -36.55 25.50 -17.70
CA THR H 210 -37.76 24.73 -17.44
C THR H 210 -37.79 24.36 -15.98
N LYS H 211 -38.87 24.76 -15.28
CA LYS H 211 -39.26 24.26 -13.96
C LYS H 211 -40.61 23.57 -14.00
N VAL H 212 -40.71 22.44 -13.30
CA VAL H 212 -41.90 21.61 -13.30
C VAL H 212 -42.11 21.03 -11.91
N ASP H 213 -43.38 20.96 -11.49
CA ASP H 213 -43.80 20.27 -10.29
C ASP H 213 -44.86 19.26 -10.71
N LYS H 214 -44.64 17.98 -10.39
CA LYS H 214 -45.63 16.95 -10.66
C LYS H 214 -46.07 16.26 -9.37
N ARG H 215 -47.39 16.26 -9.15
CA ARG H 215 -48.04 15.60 -8.03
C ARG H 215 -48.04 14.10 -8.31
N VAL H 216 -47.39 13.29 -7.49
CA VAL H 216 -47.34 11.85 -7.75
C VAL H 216 -48.37 11.20 -6.83
N GLU H 217 -49.48 10.74 -7.39
CA GLU H 217 -50.52 10.20 -6.54
C GLU H 217 -50.91 8.80 -6.95
N PRO H 218 -51.42 7.99 -6.02
CA PRO H 218 -51.60 6.55 -6.24
C PRO H 218 -52.54 6.25 -7.41
N LYS H 219 -52.50 4.98 -7.84
CA LYS H 219 -53.22 4.53 -9.03
C LYS H 219 -54.24 3.45 -8.65
N SER H 220 -53.94 2.18 -8.95
CA SER H 220 -54.94 1.08 -8.88
C SER H 220 -54.24 -0.28 -8.60
N ALA I 2 3.13 3.45 -26.14
CA ALA I 2 3.04 3.34 -24.68
C ALA I 2 1.61 2.99 -24.27
N VAL I 3 1.32 1.69 -24.08
CA VAL I 3 0.00 1.19 -23.71
C VAL I 3 0.10 0.64 -22.30
N VAL I 4 -0.79 1.08 -21.42
CA VAL I 4 -0.78 0.71 -20.02
C VAL I 4 -1.86 -0.33 -19.76
N THR I 5 -1.51 -1.42 -19.10
CA THR I 5 -2.50 -2.43 -18.78
C THR I 5 -2.73 -2.46 -17.28
N GLN I 6 -3.99 -2.59 -16.92
CA GLN I 6 -4.38 -2.86 -15.54
C GLN I 6 -5.20 -4.13 -15.51
N GLU I 7 -5.27 -4.70 -14.31
CA GLU I 7 -6.10 -5.87 -14.13
C GLU I 7 -7.54 -5.51 -14.47
N SER I 8 -8.19 -6.40 -15.21
CA SER I 8 -9.55 -6.09 -15.63
C SER I 8 -10.47 -6.02 -14.43
N ALA I 9 -10.49 -7.05 -13.58
CA ALA I 9 -11.29 -6.91 -12.39
C ALA I 9 -10.67 -7.76 -11.29
N LEU I 10 -10.85 -7.32 -10.05
CA LEU I 10 -10.30 -8.03 -8.91
C LEU I 10 -11.30 -7.95 -7.76
N THR I 11 -11.30 -8.98 -6.93
CA THR I 11 -12.21 -8.95 -5.80
C THR I 11 -11.45 -9.42 -4.58
N THR I 12 -11.83 -8.84 -3.46
CA THR I 12 -11.34 -9.19 -2.15
C THR I 12 -12.50 -9.08 -1.20
N LEU I 13 -12.31 -9.63 0.00
CA LEU I 13 -13.22 -9.53 1.14
C LEU I 13 -12.85 -8.37 2.04
N PRO I 14 -13.78 -7.86 2.85
CA PRO I 14 -13.42 -6.87 3.87
C PRO I 14 -12.30 -7.39 4.77
N GLY I 15 -11.45 -6.47 5.22
CA GLY I 15 -10.28 -6.80 6.00
C GLY I 15 -9.16 -7.45 5.21
N GLY I 16 -9.46 -7.91 4.00
CA GLY I 16 -8.46 -8.52 3.16
C GLY I 16 -7.45 -7.49 2.70
N THR I 17 -6.47 -7.96 1.93
CA THR I 17 -5.54 -7.06 1.27
C THR I 17 -5.39 -7.44 -0.21
N VAL I 18 -5.40 -6.42 -1.05
CA VAL I 18 -5.31 -6.59 -2.50
C VAL I 18 -4.27 -5.61 -3.03
N THR I 19 -3.67 -5.97 -4.16
CA THR I 19 -2.71 -5.12 -4.85
C THR I 19 -3.10 -5.02 -6.32
N LEU I 20 -3.29 -3.79 -6.79
CA LEU I 20 -3.51 -3.52 -8.21
C LEU I 20 -2.17 -3.26 -8.85
N THR I 21 -2.07 -3.54 -10.15
CA THR I 21 -0.83 -3.28 -10.87
C THR I 21 -1.10 -2.37 -12.06
N CYS I 22 -0.02 -1.93 -12.69
CA CYS I 22 -0.06 -0.90 -13.73
C CYS I 22 1.19 -1.14 -14.58
N HIS I 23 1.01 -1.75 -15.73
CA HIS I 23 2.13 -2.26 -16.50
C HIS I 23 2.41 -1.38 -17.72
N SER I 24 3.69 -1.11 -17.96
CA SER I 24 4.13 -0.30 -19.08
C SER I 24 4.66 -1.18 -20.21
N SER I 25 4.17 -0.94 -21.42
CA SER I 25 4.72 -1.61 -22.59
C SER I 25 6.17 -1.19 -22.90
N THR I 26 6.67 -0.11 -22.29
CA THR I 26 7.94 0.52 -22.66
C THR I 26 9.06 0.18 -21.67
N GLY I 27 8.84 -0.82 -20.84
CA GLY I 27 9.84 -1.29 -19.90
C GLY I 27 9.28 -1.29 -18.49
N ALA I 28 10.16 -1.65 -17.56
CA ALA I 28 9.78 -1.53 -16.16
C ALA I 28 9.47 -0.08 -15.85
N VAL I 29 8.41 0.17 -15.09
CA VAL I 29 8.11 1.55 -14.72
C VAL I 29 9.05 1.95 -13.60
N THR I 30 9.84 2.99 -13.83
CA THR I 30 10.62 3.53 -12.74
C THR I 30 9.81 4.62 -12.08
N THR I 31 10.32 5.11 -10.95
CA THR I 31 9.70 6.25 -10.28
C THR I 31 9.58 7.46 -11.19
N SER I 32 10.39 7.54 -12.24
CA SER I 32 10.35 8.69 -13.14
C SER I 32 9.11 8.71 -14.01
N ASN I 33 8.33 7.63 -14.07
CA ASN I 33 7.04 7.63 -14.74
C ASN I 33 5.91 8.19 -13.86
N TYR I 34 6.26 8.62 -12.63
CA TYR I 34 5.36 9.31 -11.68
C TYR I 34 4.00 8.63 -11.57
N ALA I 35 4.04 7.31 -11.48
CA ALA I 35 2.82 6.52 -11.38
C ALA I 35 1.90 7.10 -10.31
N ASN I 36 0.59 7.06 -10.58
CA ASN I 36 -0.38 7.65 -9.67
C ASN I 36 -1.72 6.94 -9.83
N TRP I 37 -2.61 7.13 -8.86
CA TRP I 37 -3.87 6.41 -8.81
C TRP I 37 -5.02 7.32 -8.41
N ILE I 38 -6.09 7.31 -9.21
CA ILE I 38 -7.34 7.99 -8.88
C ILE I 38 -8.45 6.94 -8.78
N GLN I 39 -9.45 7.23 -7.94
CA GLN I 39 -10.54 6.31 -7.66
C GLN I 39 -11.84 6.88 -8.22
N GLU I 40 -12.57 6.06 -8.97
CA GLU I 40 -13.85 6.49 -9.54
C GLU I 40 -14.99 5.85 -8.78
N LYS I 41 -15.95 6.68 -8.37
CA LYS I 41 -17.14 6.23 -7.66
C LYS I 41 -18.37 6.34 -8.56
N ALA I 42 -18.85 7.56 -8.85
CA ALA I 42 -19.88 7.77 -9.87
C ALA I 42 -19.25 7.67 -11.25
N ASP I 43 -20.11 7.64 -12.29
CA ASP I 43 -19.57 7.65 -13.65
C ASP I 43 -18.71 8.90 -13.86
N HIS I 44 -18.96 10.08 -13.21
CA HIS I 44 -17.87 11.00 -13.25
C HIS I 44 -17.64 11.65 -11.90
N SER I 45 -17.36 10.84 -10.86
CA SER I 45 -16.83 11.35 -9.59
C SER I 45 -15.46 10.69 -9.36
N PHE I 46 -14.39 11.48 -9.37
CA PHE I 46 -13.05 10.91 -9.11
C PHE I 46 -12.41 11.45 -7.84
N THR I 47 -11.68 10.56 -7.15
CA THR I 47 -10.92 10.86 -5.94
C THR I 47 -9.44 10.56 -6.14
N ALA I 48 -8.56 11.48 -5.72
CA ALA I 48 -7.12 11.26 -5.80
C ALA I 48 -6.65 10.34 -4.67
N ILE I 49 -5.98 9.24 -5.04
CA ILE I 49 -5.45 8.27 -4.07
C ILE I 49 -3.94 8.41 -3.82
N LEU I 50 -3.14 8.38 -4.89
CA LEU I 50 -1.69 8.34 -4.78
C LEU I 50 -1.06 9.02 -5.97
N GLY I 51 0.07 9.66 -5.73
CA GLY I 51 0.85 10.28 -6.78
C GLY I 51 2.32 10.11 -6.44
N GLY I 52 3.16 10.37 -7.42
CA GLY I 52 4.59 10.13 -7.20
C GLY I 52 4.89 8.74 -6.68
N THR I 53 4.25 7.73 -7.25
CA THR I 53 4.51 6.32 -6.96
C THR I 53 4.08 5.92 -5.56
N SER I 54 4.35 6.72 -4.55
CA SER I 54 4.05 6.27 -3.20
C SER I 54 3.41 7.33 -2.31
N ASN I 55 3.19 8.56 -2.81
CA ASN I 55 2.73 9.66 -1.97
C ASN I 55 1.22 9.59 -1.86
N ARG I 56 0.72 9.35 -0.66
CA ARG I 56 -0.72 9.44 -0.47
C ARG I 56 -1.17 10.86 -0.76
N ALA I 57 -2.33 10.96 -1.38
CA ALA I 57 -2.92 12.28 -1.57
C ALA I 57 -3.53 12.73 -0.25
N PRO I 58 -3.64 14.05 -0.02
CA PRO I 58 -4.28 14.53 1.20
C PRO I 58 -5.65 13.89 1.37
N GLY I 59 -5.86 13.27 2.51
CA GLY I 59 -7.13 12.65 2.81
C GLY I 59 -7.24 11.17 2.51
N THR I 60 -6.24 10.57 1.83
CA THR I 60 -6.32 9.16 1.48
C THR I 60 -5.95 8.30 2.68
N PRO I 61 -6.80 7.35 3.06
CA PRO I 61 -6.55 6.58 4.28
C PRO I 61 -5.31 5.70 4.20
N ALA I 62 -4.85 5.28 5.38
CA ALA I 62 -3.54 4.63 5.50
C ALA I 62 -3.51 3.22 4.94
N ARG I 63 -4.67 2.60 4.73
CA ARG I 63 -4.68 1.28 4.13
C ARG I 63 -4.14 1.31 2.71
N PHE I 64 -4.14 2.47 2.08
CA PHE I 64 -3.63 2.65 0.73
C PHE I 64 -2.12 2.91 0.75
N SER I 65 -1.38 2.09 0.02
CA SER I 65 0.03 2.34 -0.16
C SER I 65 0.41 1.98 -1.60
N GLY I 66 1.48 2.60 -2.07
CA GLY I 66 1.94 2.38 -3.43
C GLY I 66 3.40 1.96 -3.43
N SER I 67 3.74 1.18 -4.45
CA SER I 67 5.06 0.56 -4.49
C SER I 67 5.38 0.27 -5.94
N LEU I 68 6.62 -0.13 -6.19
CA LEU I 68 7.05 -0.67 -7.47
C LEU I 68 7.25 -2.18 -7.34
N LEU I 69 6.50 -2.95 -8.13
CA LEU I 69 6.56 -4.40 -8.13
C LEU I 69 6.84 -4.87 -9.54
N GLU I 70 7.77 -5.78 -9.68
CA GLU I 70 7.93 -6.51 -10.92
C GLU I 70 7.99 -5.59 -12.15
N GLY I 71 8.46 -4.33 -11.99
CA GLY I 71 8.55 -3.39 -13.09
C GLY I 71 7.25 -2.70 -13.39
N LYS I 72 6.32 -2.81 -12.46
CA LYS I 72 4.94 -2.37 -12.54
C LYS I 72 4.71 -1.43 -11.36
N ALA I 73 3.67 -0.62 -11.44
CA ALA I 73 3.27 0.17 -10.30
C ALA I 73 2.20 -0.58 -9.56
N ALA I 74 2.19 -0.42 -8.24
CA ALA I 74 1.27 -1.22 -7.46
C ALA I 74 0.65 -0.36 -6.38
N LEU I 75 -0.68 -0.36 -6.37
CA LEU I 75 -1.48 0.19 -5.29
C LEU I 75 -1.89 -0.98 -4.42
N THR I 76 -1.66 -0.88 -3.12
CA THR I 76 -1.98 -1.97 -2.21
C THR I 76 -2.90 -1.48 -1.11
N ILE I 77 -4.14 -1.92 -1.16
CA ILE I 77 -5.09 -1.76 -0.08
C ILE I 77 -4.89 -2.93 0.87
N THR I 78 -4.64 -2.65 2.14
CA THR I 78 -4.40 -3.69 3.14
C THR I 78 -5.37 -3.51 4.29
N GLY I 79 -6.35 -4.40 4.39
CA GLY I 79 -7.45 -4.22 5.33
C GLY I 79 -8.63 -3.56 4.65
N ALA I 80 -9.07 -4.18 3.55
CA ALA I 80 -10.09 -3.63 2.66
C ALA I 80 -11.40 -3.36 3.38
N GLN I 81 -12.06 -2.31 2.95
CA GLN I 81 -13.28 -1.84 3.55
C GLN I 81 -14.33 -1.88 2.46
N VAL I 82 -15.61 -2.07 2.83
CA VAL I 82 -16.54 -2.33 1.74
C VAL I 82 -16.64 -1.09 0.87
N GLU I 83 -16.47 0.08 1.49
CA GLU I 83 -16.44 1.36 0.83
C GLU I 83 -15.31 1.50 -0.17
N ASP I 84 -14.36 0.58 -0.17
CA ASP I 84 -13.26 0.65 -1.14
C ASP I 84 -13.63 0.02 -2.46
N GLU I 85 -14.85 -0.51 -2.58
CA GLU I 85 -15.32 -1.10 -3.82
C GLU I 85 -15.53 0.00 -4.86
N ALA I 86 -14.67 0.05 -5.86
CA ALA I 86 -14.71 1.14 -6.82
C ALA I 86 -13.88 0.75 -8.03
N THR I 87 -13.83 1.64 -9.00
CA THR I 87 -12.91 1.47 -10.12
C THR I 87 -11.71 2.36 -9.88
N TYR I 88 -10.51 1.79 -10.02
CA TYR I 88 -9.25 2.50 -9.79
C TYR I 88 -8.48 2.60 -11.10
N PHE I 89 -8.10 3.81 -11.45
CA PHE I 89 -7.31 4.10 -12.64
C PHE I 89 -5.89 4.46 -12.24
N CYS I 90 -4.91 4.01 -13.01
CA CYS I 90 -3.53 4.44 -12.88
C CYS I 90 -3.13 5.22 -14.12
N SER I 91 -2.08 6.03 -13.99
CA SER I 91 -1.56 6.70 -15.19
C SER I 91 -0.06 6.88 -15.05
N LEU I 92 0.64 6.83 -16.18
CA LEU I 92 2.09 6.96 -16.17
C LEU I 92 2.50 8.11 -17.06
N TRP I 93 3.63 8.73 -16.69
CA TRP I 93 4.14 9.93 -17.34
C TRP I 93 5.35 9.52 -18.18
N TYR I 94 5.27 9.81 -19.47
CA TYR I 94 6.25 9.35 -20.43
C TYR I 94 6.94 10.57 -21.05
N SER I 95 7.74 11.25 -20.23
CA SER I 95 8.56 12.38 -20.68
C SER I 95 7.81 13.30 -21.65
N GLY I 96 6.79 14.00 -21.16
CA GLY I 96 6.03 14.94 -21.94
C GLY I 96 4.59 14.53 -22.19
N HIS I 97 4.28 13.23 -22.12
CA HIS I 97 2.94 12.70 -22.38
C HIS I 97 2.47 11.80 -21.23
N LEU I 98 1.22 11.98 -20.80
CA LEU I 98 0.59 11.18 -19.73
C LEU I 98 -0.43 10.23 -20.34
N ILE I 99 -0.29 8.94 -20.05
CA ILE I 99 -1.15 7.89 -20.61
C ILE I 99 -1.88 7.16 -19.49
N PHE I 100 -3.22 6.99 -19.65
CA PHE I 100 -4.07 6.34 -18.66
C PHE I 100 -4.25 4.84 -18.90
N GLY I 101 -4.43 4.12 -17.81
CA GLY I 101 -4.75 2.72 -17.89
C GLY I 101 -6.22 2.48 -18.14
N GLY I 102 -6.57 1.19 -18.22
CA GLY I 102 -7.93 0.73 -18.47
C GLY I 102 -8.80 0.63 -17.24
N GLY I 103 -8.20 0.75 -16.06
CA GLY I 103 -8.97 0.73 -14.86
C GLY I 103 -9.12 -0.65 -14.29
N THR I 104 -8.84 -0.78 -12.99
CA THR I 104 -9.09 -2.01 -12.27
C THR I 104 -10.44 -1.89 -11.59
N LYS I 105 -11.16 -2.99 -11.59
CA LYS I 105 -12.58 -2.97 -11.35
C LYS I 105 -12.69 -3.75 -10.02
N LEU I 106 -12.42 -3.07 -8.91
CA LEU I 106 -12.25 -3.75 -7.61
C LEU I 106 -13.55 -3.88 -6.83
N THR I 107 -13.95 -5.11 -6.56
CA THR I 107 -15.09 -5.36 -5.72
C THR I 107 -14.65 -5.83 -4.34
N VAL I 108 -15.32 -5.35 -3.29
CA VAL I 108 -15.04 -5.76 -1.92
C VAL I 108 -16.35 -6.27 -1.34
N LYS I 109 -16.42 -7.60 -1.15
CA LYS I 109 -17.66 -8.36 -0.95
C LYS I 109 -18.32 -8.07 0.39
N ARG I 110 -19.32 -7.20 0.39
CA ARG I 110 -20.23 -7.17 1.53
C ARG I 110 -21.21 -8.33 1.37
N THR I 111 -22.13 -8.48 2.33
CA THR I 111 -23.08 -9.58 2.29
C THR I 111 -24.23 -9.28 1.35
N VAL I 112 -24.69 -10.34 0.65
CA VAL I 112 -25.68 -10.18 -0.41
C VAL I 112 -26.96 -9.62 0.16
N ALA I 113 -27.64 -8.80 -0.65
CA ALA I 113 -28.93 -8.22 -0.32
C ALA I 113 -29.76 -8.29 -1.59
N ALA I 114 -30.92 -8.93 -1.51
CA ALA I 114 -31.66 -9.12 -2.74
C ALA I 114 -32.46 -7.86 -3.06
N PRO I 115 -32.63 -7.56 -4.34
CA PRO I 115 -33.33 -6.31 -4.69
C PRO I 115 -34.82 -6.38 -4.41
N SER I 116 -35.38 -5.30 -3.87
CA SER I 116 -36.83 -5.09 -3.93
C SER I 116 -37.17 -4.58 -5.32
N VAL I 117 -38.19 -5.14 -5.93
CA VAL I 117 -38.47 -4.94 -7.35
C VAL I 117 -39.83 -4.31 -7.51
N PHE I 118 -39.90 -3.19 -8.24
CA PHE I 118 -41.18 -2.51 -8.44
C PHE I 118 -41.32 -2.15 -9.91
N ILE I 119 -42.54 -2.19 -10.43
CA ILE I 119 -42.79 -1.88 -11.83
C ILE I 119 -43.85 -0.80 -11.94
N PHE I 120 -43.65 0.14 -12.87
CA PHE I 120 -44.54 1.29 -13.03
C PHE I 120 -45.10 1.33 -14.44
N PRO I 121 -46.40 1.14 -14.62
CA PRO I 121 -46.98 1.16 -15.96
C PRO I 121 -46.94 2.58 -16.50
N PRO I 122 -47.09 2.79 -17.81
CA PRO I 122 -47.00 4.13 -18.34
C PRO I 122 -48.11 5.04 -17.82
N SER I 123 -47.81 6.34 -17.74
CA SER I 123 -48.79 7.30 -17.28
C SER I 123 -49.83 7.61 -18.36
N ASP I 124 -50.94 8.18 -17.93
CA ASP I 124 -51.91 8.66 -18.91
C ASP I 124 -51.37 9.86 -19.66
N GLU I 125 -50.60 10.72 -18.98
CA GLU I 125 -50.02 11.85 -19.68
C GLU I 125 -49.18 11.37 -20.85
N GLN I 126 -48.35 10.35 -20.61
CA GLN I 126 -47.43 9.92 -21.66
C GLN I 126 -48.12 9.14 -22.76
N LEU I 127 -49.15 8.36 -22.44
CA LEU I 127 -49.85 7.62 -23.47
C LEU I 127 -50.46 8.54 -24.53
N LYS I 128 -51.14 9.61 -24.13
CA LYS I 128 -51.65 10.52 -25.10
C LYS I 128 -50.52 11.10 -25.86
N SER I 129 -49.31 11.10 -25.29
CA SER I 129 -48.12 11.74 -25.90
C SER I 129 -47.51 10.94 -27.05
N GLY I 130 -48.01 9.76 -27.35
CA GLY I 130 -47.53 8.95 -28.45
C GLY I 130 -46.44 7.94 -28.12
N THR I 131 -45.74 8.08 -26.99
CA THR I 131 -44.82 7.04 -26.53
C THR I 131 -45.32 6.41 -25.23
N ALA I 132 -44.85 5.21 -24.96
CA ALA I 132 -45.19 4.53 -23.72
C ALA I 132 -43.91 3.94 -23.18
N SER I 133 -43.51 4.38 -21.99
CA SER I 133 -42.31 3.88 -21.34
C SER I 133 -42.69 3.24 -20.02
N VAL I 134 -42.26 2.00 -19.82
CA VAL I 134 -42.43 1.24 -18.59
C VAL I 134 -41.13 1.30 -17.80
N VAL I 135 -41.22 1.52 -16.50
CA VAL I 135 -40.04 1.70 -15.66
C VAL I 135 -40.04 0.57 -14.65
N CYS I 136 -38.87 -0.04 -14.43
CA CYS I 136 -38.75 -1.16 -13.52
C CYS I 136 -37.58 -0.92 -12.58
N LEU I 137 -37.82 -1.01 -11.28
CA LEU I 137 -36.90 -0.54 -10.26
C LEU I 137 -36.46 -1.64 -9.31
N LEU I 138 -35.15 -1.83 -9.16
CA LEU I 138 -34.56 -2.77 -8.21
C LEU I 138 -33.87 -1.98 -7.12
N ASN I 139 -34.31 -2.13 -5.86
CA ASN I 139 -33.85 -1.21 -4.81
C ASN I 139 -32.95 -1.88 -3.80
N ASN I 140 -31.73 -1.32 -3.65
CA ASN I 140 -30.84 -1.62 -2.53
C ASN I 140 -30.43 -3.07 -2.48
N PHE I 141 -29.44 -3.42 -3.28
CA PHE I 141 -28.94 -4.78 -3.34
C PHE I 141 -27.43 -4.77 -3.33
N TYR I 142 -26.88 -5.98 -3.16
CA TYR I 142 -25.47 -6.24 -3.33
C TYR I 142 -25.40 -7.72 -3.64
N PRO I 143 -24.55 -8.16 -4.59
CA PRO I 143 -23.58 -7.41 -5.40
C PRO I 143 -24.21 -6.63 -6.54
N ARG I 144 -23.41 -5.80 -7.21
CA ARG I 144 -23.96 -4.89 -8.19
C ARG I 144 -24.49 -5.60 -9.42
N GLU I 145 -24.08 -6.85 -9.66
CA GLU I 145 -24.57 -7.60 -10.82
C GLU I 145 -26.00 -8.06 -10.60
N ALA I 146 -26.92 -7.48 -11.34
CA ALA I 146 -28.29 -7.93 -11.43
C ALA I 146 -28.63 -7.90 -12.91
N LYS I 147 -29.54 -8.76 -13.34
CA LYS I 147 -29.93 -8.76 -14.73
C LYS I 147 -31.43 -8.55 -14.80
N VAL I 148 -31.86 -7.69 -15.71
CA VAL I 148 -33.25 -7.30 -15.85
C VAL I 148 -33.65 -7.65 -17.26
N GLN I 149 -34.64 -8.51 -17.40
CA GLN I 149 -35.10 -8.96 -18.70
C GLN I 149 -36.53 -8.49 -18.88
N TRP I 150 -36.81 -7.84 -20.01
CA TRP I 150 -38.13 -7.33 -20.33
C TRP I 150 -38.86 -8.30 -21.25
N LYS I 151 -40.09 -8.65 -20.89
CA LYS I 151 -40.92 -9.49 -21.72
C LYS I 151 -42.17 -8.70 -22.07
N VAL I 152 -42.45 -8.57 -23.35
CA VAL I 152 -43.69 -8.01 -23.84
C VAL I 152 -44.46 -9.15 -24.47
N ASP I 153 -45.52 -9.60 -23.81
CA ASP I 153 -46.33 -10.71 -24.31
C ASP I 153 -45.46 -11.94 -24.53
N ASN I 154 -44.74 -12.36 -23.49
CA ASN I 154 -43.89 -13.54 -23.51
C ASN I 154 -42.74 -13.48 -24.54
N ALA I 155 -42.46 -12.32 -25.15
CA ALA I 155 -41.33 -12.22 -26.08
C ALA I 155 -40.24 -11.39 -25.41
N LEU I 156 -39.09 -12.02 -25.14
CA LEU I 156 -37.97 -11.31 -24.52
C LEU I 156 -37.51 -10.17 -25.41
N GLN I 157 -37.28 -9.01 -24.79
CA GLN I 157 -36.85 -7.83 -25.53
C GLN I 157 -35.38 -7.58 -25.27
N SER I 158 -34.72 -6.98 -26.26
CA SER I 158 -33.35 -6.53 -26.06
C SER I 158 -33.12 -5.40 -27.04
N GLY I 159 -32.64 -4.28 -26.53
CA GLY I 159 -32.34 -3.11 -27.33
C GLY I 159 -33.41 -2.04 -27.38
N ASN I 160 -34.56 -2.24 -26.72
CA ASN I 160 -35.50 -1.15 -26.54
C ASN I 160 -35.59 -0.72 -25.08
N SER I 161 -34.61 -1.10 -24.27
CA SER I 161 -34.52 -0.76 -22.86
C SER I 161 -33.25 0.02 -22.61
N GLN I 162 -33.22 0.83 -21.56
CA GLN I 162 -31.99 1.46 -21.11
C GLN I 162 -31.98 1.44 -19.59
N GLU I 163 -30.82 1.20 -18.99
CA GLU I 163 -30.75 1.26 -17.54
C GLU I 163 -29.57 2.08 -17.06
N SER I 164 -29.57 2.33 -15.76
CA SER I 164 -28.55 3.10 -15.09
C SER I 164 -28.57 2.72 -13.63
N VAL I 165 -27.40 2.69 -13.01
CA VAL I 165 -27.24 2.22 -11.64
C VAL I 165 -26.83 3.39 -10.76
N THR I 166 -27.35 3.42 -9.54
CA THR I 166 -26.91 4.43 -8.58
C THR I 166 -25.53 4.11 -8.06
N GLU I 167 -24.97 5.09 -7.38
CA GLU I 167 -23.69 4.94 -6.72
C GLU I 167 -23.90 4.12 -5.47
N GLN I 168 -22.89 3.30 -5.15
CA GLN I 168 -22.90 2.51 -3.93
C GLN I 168 -23.19 3.41 -2.74
N ASP I 169 -24.40 3.36 -2.16
CA ASP I 169 -24.75 4.26 -1.06
C ASP I 169 -23.68 4.29 0.01
N SER I 170 -23.17 5.49 0.31
CA SER I 170 -22.09 5.66 1.29
C SER I 170 -22.40 4.92 2.58
N LYS I 171 -23.66 4.98 3.02
CA LYS I 171 -24.06 4.26 4.23
C LYS I 171 -24.13 2.75 4.00
N ASP I 172 -25.06 2.32 3.14
CA ASP I 172 -25.44 0.92 2.97
C ASP I 172 -24.46 0.12 2.16
N SER I 173 -23.61 0.78 1.39
CA SER I 173 -22.95 0.16 0.24
C SER I 173 -23.87 -0.83 -0.49
N THR I 174 -25.14 -0.48 -0.71
CA THR I 174 -25.98 -1.16 -1.69
C THR I 174 -26.04 -0.33 -2.97
N TYR I 175 -26.46 -0.98 -4.05
CA TYR I 175 -26.71 -0.34 -5.33
C TYR I 175 -28.21 -0.29 -5.56
N SER I 176 -28.62 0.59 -6.46
CA SER I 176 -29.99 0.58 -6.96
C SER I 176 -29.97 0.66 -8.48
N LEU I 177 -31.04 0.18 -9.11
CA LEU I 177 -31.10 0.05 -10.56
C LEU I 177 -32.48 0.44 -11.09
N SER I 178 -32.49 1.16 -12.20
CA SER I 178 -33.72 1.57 -12.85
C SER I 178 -33.58 1.30 -14.34
N SER I 179 -34.49 0.52 -14.89
CA SER I 179 -34.47 0.21 -16.32
C SER I 179 -35.76 0.70 -16.95
N THR I 180 -35.67 1.28 -18.15
CA THR I 180 -36.84 1.84 -18.80
C THR I 180 -37.00 1.23 -20.19
N LEU I 181 -38.18 0.70 -20.47
CA LEU I 181 -38.52 0.18 -21.78
C LEU I 181 -39.37 1.22 -22.47
N THR I 182 -39.01 1.62 -23.68
CA THR I 182 -39.79 2.64 -24.36
C THR I 182 -40.33 2.09 -25.66
N LEU I 183 -41.66 2.18 -25.82
CA LEU I 183 -42.33 1.77 -27.04
C LEU I 183 -43.24 2.89 -27.51
N SER I 184 -43.55 2.83 -28.81
CA SER I 184 -44.54 3.69 -29.42
C SER I 184 -45.92 3.30 -28.94
N LYS I 185 -46.81 4.30 -28.77
CA LYS I 185 -48.16 3.96 -28.34
C LYS I 185 -48.81 2.99 -29.33
N ALA I 186 -48.50 3.10 -30.62
CA ALA I 186 -48.97 2.12 -31.58
C ALA I 186 -48.52 0.73 -31.19
N ASP I 187 -47.22 0.58 -30.92
CA ASP I 187 -46.72 -0.71 -30.45
C ASP I 187 -47.23 -1.08 -29.07
N TYR I 188 -47.49 -0.09 -28.21
CA TYR I 188 -47.98 -0.42 -26.87
C TYR I 188 -49.35 -1.09 -26.93
N GLU I 189 -50.17 -0.80 -27.95
CA GLU I 189 -51.50 -1.42 -28.01
C GLU I 189 -51.47 -2.69 -28.83
N LYS I 190 -50.33 -2.98 -29.46
CA LYS I 190 -50.17 -4.25 -30.13
C LYS I 190 -49.96 -5.41 -29.16
N HIS I 191 -49.73 -5.16 -27.87
CA HIS I 191 -49.45 -6.25 -26.95
C HIS I 191 -50.19 -6.04 -25.63
N LYS I 192 -50.13 -7.05 -24.74
CA LYS I 192 -51.02 -7.04 -23.59
C LYS I 192 -50.31 -7.18 -22.26
N VAL I 193 -49.42 -8.17 -22.09
CA VAL I 193 -48.71 -8.38 -20.84
C VAL I 193 -47.33 -7.76 -20.91
N TYR I 194 -47.01 -6.88 -19.96
CA TYR I 194 -45.68 -6.27 -19.88
C TYR I 194 -45.04 -6.70 -18.56
N ALA I 195 -43.90 -7.36 -18.63
CA ALA I 195 -43.32 -7.97 -17.43
C ALA I 195 -41.86 -7.63 -17.34
N CYS I 196 -41.39 -7.40 -16.11
CA CYS I 196 -40.01 -7.08 -15.80
C CYS I 196 -39.46 -8.23 -14.99
N GLU I 197 -38.43 -8.90 -15.50
CA GLU I 197 -37.93 -10.10 -14.83
C GLU I 197 -36.50 -9.90 -14.35
N VAL I 198 -36.28 -10.04 -13.05
CA VAL I 198 -35.01 -9.73 -12.40
C VAL I 198 -34.31 -11.00 -11.97
N THR I 199 -33.03 -11.10 -12.27
CA THR I 199 -32.21 -12.19 -11.77
C THR I 199 -31.11 -11.63 -10.89
N HIS I 200 -30.88 -12.24 -9.74
CA HIS I 200 -29.84 -11.73 -8.86
C HIS I 200 -29.43 -12.78 -7.85
N GLN I 201 -28.19 -12.66 -7.39
CA GLN I 201 -27.61 -13.65 -6.48
C GLN I 201 -28.36 -13.74 -5.18
N GLY I 202 -28.94 -12.65 -4.73
CA GLY I 202 -29.70 -12.69 -3.52
C GLY I 202 -31.07 -13.24 -3.69
N LEU I 203 -31.47 -13.55 -4.93
CA LEU I 203 -32.79 -14.06 -5.20
C LEU I 203 -32.71 -15.57 -5.38
N SER I 204 -33.55 -16.30 -4.64
CA SER I 204 -33.60 -17.75 -4.79
C SER I 204 -34.06 -18.12 -6.19
N SER I 205 -35.19 -17.55 -6.64
CA SER I 205 -35.67 -17.65 -8.01
C SER I 205 -35.91 -16.27 -8.58
N PRO I 206 -35.72 -16.10 -9.88
CA PRO I 206 -35.91 -14.79 -10.48
C PRO I 206 -37.28 -14.28 -10.10
N VAL I 207 -37.38 -12.97 -9.86
CA VAL I 207 -38.64 -12.32 -9.53
C VAL I 207 -39.20 -11.79 -10.82
N THR I 208 -40.51 -11.80 -10.97
CA THR I 208 -41.13 -11.18 -12.12
C THR I 208 -42.22 -10.25 -11.62
N LYS I 209 -42.15 -8.98 -12.01
CA LYS I 209 -43.25 -8.05 -11.83
C LYS I 209 -43.85 -7.76 -13.20
N SER I 210 -45.17 -7.89 -13.32
CA SER I 210 -45.82 -7.69 -14.62
C SER I 210 -47.12 -6.93 -14.44
N PHE I 211 -47.70 -6.49 -15.56
CA PHE I 211 -49.00 -5.87 -15.55
C PHE I 211 -49.56 -5.97 -16.96
N ASN I 212 -50.86 -5.69 -17.10
CA ASN I 212 -51.56 -5.84 -18.38
C ASN I 212 -52.08 -4.48 -18.84
N ARG I 213 -51.83 -4.14 -20.10
CA ARG I 213 -52.29 -2.85 -20.61
C ARG I 213 -53.77 -2.71 -20.27
N GLY I 214 -54.12 -1.60 -19.63
CA GLY I 214 -55.47 -1.44 -19.11
C GLY I 214 -55.62 -2.17 -17.78
N GLU I 215 -55.04 -1.60 -16.73
CA GLU I 215 -55.09 -2.20 -15.41
C GLU I 215 -55.00 -1.12 -14.33
N GLY J 7 -54.71 -1.02 25.22
CA GLY J 7 -54.36 -0.20 26.38
C GLY J 7 -55.58 0.25 27.14
N ASP J 8 -55.56 0.30 28.48
CA ASP J 8 -56.87 0.27 29.08
C ASP J 8 -56.66 1.60 29.77
N ASP J 9 -56.80 1.56 31.11
CA ASP J 9 -55.95 2.27 32.08
C ASP J 9 -55.33 1.22 33.06
N VAL J 10 -54.03 0.84 32.91
CA VAL J 10 -53.52 -0.46 33.45
C VAL J 10 -53.45 -0.47 34.97
N TYR J 11 -53.99 -1.55 35.56
CA TYR J 11 -54.12 -1.70 37.01
C TYR J 11 -52.96 -2.51 37.55
N ALA J 12 -52.12 -1.86 38.37
CA ALA J 12 -50.87 -2.41 38.85
C ALA J 12 -50.92 -2.63 40.35
N LEU J 13 -50.05 -3.54 40.80
CA LEU J 13 -50.00 -3.94 42.18
C LEU J 13 -48.84 -3.24 42.87
N PRO J 14 -49.08 -2.47 43.93
CA PRO J 14 -47.97 -1.77 44.61
C PRO J 14 -46.88 -2.75 45.02
N GLY J 15 -45.64 -2.41 44.67
CA GLY J 15 -44.49 -3.24 44.98
C GLY J 15 -44.10 -4.26 43.91
N SER J 16 -44.95 -4.53 42.93
CA SER J 16 -44.66 -5.47 41.85
C SER J 16 -43.89 -4.77 40.72
N ASP J 17 -43.54 -5.53 39.69
CA ASP J 17 -42.91 -4.99 38.49
C ASP J 17 -43.84 -5.16 37.30
N ILE J 18 -44.11 -4.06 36.58
CA ILE J 18 -45.02 -4.04 35.43
C ILE J 18 -44.23 -3.58 34.19
N ASN J 19 -44.50 -4.20 33.04
CA ASN J 19 -43.82 -3.94 31.76
C ASN J 19 -44.79 -3.48 30.69
N LEU J 20 -44.83 -2.18 30.47
CA LEU J 20 -45.66 -1.58 29.43
C LEU J 20 -44.92 -1.74 28.10
N THR J 21 -45.48 -2.52 27.18
CA THR J 21 -44.87 -2.79 25.89
C THR J 21 -45.69 -2.17 24.77
N CYS J 22 -44.99 -1.83 23.69
CA CYS J 22 -45.61 -1.18 22.56
C CYS J 22 -44.62 -1.29 21.41
N GLN J 23 -44.90 -2.15 20.45
CA GLN J 23 -44.02 -2.32 19.30
C GLN J 23 -44.79 -1.89 18.07
N THR J 24 -44.05 -1.49 17.06
CA THR J 24 -44.60 -1.20 15.76
C THR J 24 -43.94 -2.11 14.74
N LYS J 25 -44.62 -2.22 13.61
CA LYS J 25 -44.15 -3.15 12.62
C LYS J 25 -43.00 -2.61 11.77
N GLU J 26 -42.93 -1.32 11.43
CA GLU J 26 -42.12 -1.02 10.26
C GLU J 26 -40.81 -0.29 10.56
N LYS J 27 -39.95 -1.10 11.17
CA LYS J 27 -38.51 -1.05 11.26
C LYS J 27 -37.88 -0.30 10.10
N ASN J 28 -38.38 -0.61 8.90
CA ASN J 28 -37.83 -0.15 7.64
C ASN J 28 -37.84 1.37 7.53
N PHE J 29 -38.83 2.02 8.14
CA PHE J 29 -39.02 3.46 7.99
C PHE J 29 -39.08 4.16 9.34
N LEU J 30 -38.73 3.45 10.42
CA LEU J 30 -38.84 3.94 11.78
C LEU J 30 -37.64 4.80 12.15
N VAL J 31 -37.89 6.05 12.49
CA VAL J 31 -36.80 6.96 12.83
C VAL J 31 -36.49 6.95 14.31
N GLN J 32 -37.51 6.94 15.18
CA GLN J 32 -37.24 7.15 16.59
C GLN J 32 -38.30 6.48 17.45
N MET J 33 -37.89 6.09 18.66
CA MET J 33 -38.85 5.65 19.66
C MET J 33 -38.69 6.48 20.93
N GLN J 34 -39.79 6.67 21.62
CA GLN J 34 -39.78 7.50 22.82
C GLN J 34 -40.77 6.94 23.82
N TRP J 35 -40.37 6.96 25.09
CA TRP J 35 -41.24 6.66 26.21
C TRP J 35 -41.38 7.91 27.02
N SER J 36 -42.62 8.30 27.28
CA SER J 36 -42.89 9.53 28.00
C SER J 36 -43.98 9.29 29.02
N LYS J 37 -43.88 9.96 30.15
CA LYS J 37 -44.96 9.98 31.13
C LYS J 37 -45.51 11.39 31.11
N VAL J 38 -46.76 11.54 30.69
CA VAL J 38 -47.40 12.84 30.57
C VAL J 38 -48.20 13.15 31.83
N THR J 39 -47.85 14.26 32.46
CA THR J 39 -48.54 14.74 33.64
C THR J 39 -49.26 16.04 33.28
N ASP J 40 -48.52 17.14 33.06
CA ASP J 40 -49.02 18.25 32.24
C ASP J 40 -48.12 18.62 31.08
N LYS J 41 -46.82 18.34 31.16
CA LYS J 41 -45.89 18.38 30.04
C LYS J 41 -45.31 16.98 29.87
N ASN J 42 -44.72 16.74 28.71
CA ASN J 42 -44.20 15.42 28.44
C ASN J 42 -42.90 15.26 29.20
N ASP J 43 -42.94 14.43 30.23
CA ASP J 43 -41.74 14.17 31.01
C ASP J 43 -41.17 12.99 30.25
N MET J 44 -40.24 13.28 29.36
CA MET J 44 -39.69 12.25 28.50
C MET J 44 -38.66 11.45 29.28
N ILE J 45 -38.82 10.13 29.26
CA ILE J 45 -37.97 9.23 30.01
C ILE J 45 -36.81 8.73 29.17
N ALA J 46 -37.13 8.26 27.97
CA ALA J 46 -36.14 7.62 27.12
C ALA J 46 -36.44 7.95 25.67
N LEU J 47 -35.37 8.13 24.92
CA LEU J 47 -35.40 8.42 23.50
C LEU J 47 -34.48 7.40 22.85
N TYR J 48 -34.96 6.66 21.88
CA TYR J 48 -34.10 5.70 21.20
C TYR J 48 -34.07 5.99 19.71
N HIS J 49 -32.87 6.09 19.18
CA HIS J 49 -32.69 6.27 17.77
C HIS J 49 -31.94 5.07 17.19
N PRO J 50 -32.43 4.44 16.12
CA PRO J 50 -31.83 3.19 15.71
C PRO J 50 -30.40 3.29 15.25
N GLN J 51 -29.85 4.36 14.62
CA GLN J 51 -28.43 4.18 14.94
C GLN J 51 -27.75 5.43 15.45
N TYR J 52 -28.39 6.22 16.31
CA TYR J 52 -27.64 7.14 17.13
C TYR J 52 -27.65 6.72 18.60
N GLY J 53 -28.45 5.73 18.99
CA GLY J 53 -28.37 5.14 20.31
C GLY J 53 -29.47 5.56 21.28
N LEU J 54 -29.23 5.21 22.55
CA LEU J 54 -30.17 5.47 23.63
C LEU J 54 -29.81 6.77 24.32
N TYR J 55 -30.83 7.58 24.61
CA TYR J 55 -30.65 8.89 25.23
C TYR J 55 -31.67 9.06 26.33
N CYS J 56 -31.23 9.52 27.49
CA CYS J 56 -32.09 9.61 28.65
C CYS J 56 -32.70 10.99 28.76
N GLY J 57 -33.97 11.01 29.15
CA GLY J 57 -34.69 12.25 29.31
C GLY J 57 -34.29 13.11 30.51
N GLN J 58 -35.17 14.08 30.75
CA GLN J 58 -35.04 15.10 31.80
C GLN J 58 -34.89 14.55 33.24
N GLU J 59 -33.61 14.43 33.58
CA GLU J 59 -32.84 13.99 34.75
C GLU J 59 -33.36 12.57 35.05
N HIS J 60 -33.01 11.65 34.15
CA HIS J 60 -33.47 10.28 34.27
C HIS J 60 -32.32 9.30 34.16
N ALA J 61 -32.55 8.15 34.78
CA ALA J 61 -31.72 6.95 34.67
C ALA J 61 -32.57 5.98 33.86
N CYS J 62 -32.47 6.09 32.54
CA CYS J 62 -33.27 5.25 31.66
C CYS J 62 -32.55 3.99 31.19
N GLU J 63 -31.22 3.93 31.31
CA GLU J 63 -30.42 2.85 30.73
C GLU J 63 -30.99 1.47 31.09
N SER J 64 -31.38 1.29 32.35
CA SER J 64 -31.94 0.04 32.80
C SER J 64 -33.43 -0.09 32.52
N GLN J 65 -34.12 1.00 32.23
CA GLN J 65 -35.57 0.97 32.21
C GLN J 65 -36.17 0.71 30.84
N VAL J 66 -35.38 0.67 29.78
CA VAL J 66 -35.92 0.49 28.44
C VAL J 66 -35.09 -0.52 27.66
N ALA J 67 -35.74 -1.17 26.69
CA ALA J 67 -35.16 -2.12 25.75
C ALA J 67 -36.19 -2.41 24.66
N ALA J 68 -35.69 -2.74 23.46
CA ALA J 68 -36.57 -3.10 22.35
C ALA J 68 -35.82 -3.96 21.33
N THR J 69 -36.41 -5.09 20.94
CA THR J 69 -35.86 -5.90 19.84
C THR J 69 -37.03 -6.48 19.03
N GLU J 70 -36.69 -7.16 17.94
CA GLU J 70 -37.55 -7.81 16.96
C GLU J 70 -37.94 -9.23 17.36
N THR J 71 -38.78 -9.82 16.52
CA THR J 71 -38.93 -11.27 16.34
C THR J 71 -39.86 -11.52 15.16
N TRP J 78 -40.51 -1.75 21.64
CA TRP J 78 -40.24 -0.69 22.60
C TRP J 78 -40.99 -0.85 23.93
N THR J 79 -40.23 -1.10 25.01
CA THR J 79 -40.75 -1.44 26.33
C THR J 79 -40.13 -0.61 27.43
N LEU J 80 -41.00 -0.30 28.39
CA LEU J 80 -40.66 0.48 29.57
C LEU J 80 -40.84 -0.43 30.77
N TYR J 81 -39.79 -0.54 31.60
CA TYR J 81 -39.81 -1.39 32.78
C TYR J 81 -40.00 -0.50 34.01
N LEU J 82 -41.05 -0.76 34.77
CA LEU J 82 -41.31 -0.02 35.98
C LEU J 82 -40.92 -0.91 37.16
N ARG J 83 -40.02 -0.38 38.02
CA ARG J 83 -39.52 -1.10 39.20
C ARG J 83 -40.38 -0.77 40.42
N ASN J 84 -40.60 -1.78 41.26
CA ASN J 84 -41.08 -1.58 42.64
C ASN J 84 -42.23 -0.57 42.69
N ILE J 85 -43.32 -0.87 41.96
CA ILE J 85 -44.27 0.19 41.61
C ILE J 85 -44.75 0.86 42.90
N SER J 86 -44.55 2.18 42.96
CA SER J 86 -44.98 2.99 44.07
C SER J 86 -46.30 3.66 43.73
N SER J 87 -46.85 4.34 44.74
CA SER J 87 -48.06 5.11 44.54
C SER J 87 -47.85 6.23 43.51
N ALA J 88 -46.64 6.80 43.47
CA ALA J 88 -46.33 7.99 42.68
C ALA J 88 -46.19 7.71 41.19
N LEU J 89 -46.11 6.43 40.81
CA LEU J 89 -45.92 6.00 39.42
C LEU J 89 -47.22 6.01 38.62
N GLY J 90 -48.33 6.41 39.23
CA GLY J 90 -49.57 6.49 38.49
C GLY J 90 -49.51 7.51 37.36
N GLY J 91 -50.57 7.56 36.59
CA GLY J 91 -50.67 8.53 35.50
C GLY J 91 -50.48 7.88 34.15
N LYS J 92 -50.53 8.74 33.13
CA LYS J 92 -50.56 8.32 31.73
C LYS J 92 -49.14 8.26 31.17
N TYR J 93 -48.75 7.07 30.71
CA TYR J 93 -47.52 6.86 29.96
C TYR J 93 -47.88 6.75 28.48
N GLU J 94 -46.97 7.20 27.60
CA GLU J 94 -47.19 6.95 26.18
C GLU J 94 -45.90 6.61 25.46
N CYS J 95 -46.05 5.79 24.43
CA CYS J 95 -44.96 5.28 23.59
C CYS J 95 -45.24 5.77 22.18
N ILE J 96 -44.38 6.63 21.66
CA ILE J 96 -44.58 7.27 20.37
C ILE J 96 -43.41 6.92 19.46
N PHE J 97 -43.71 6.28 18.33
CA PHE J 97 -42.73 6.13 17.26
C PHE J 97 -42.95 7.21 16.23
N THR J 98 -41.85 7.78 15.81
CA THR J 98 -41.79 8.58 14.61
C THR J 98 -41.08 7.81 13.50
N LEU J 99 -41.82 7.50 12.44
CA LEU J 99 -41.26 7.00 11.20
C LEU J 99 -41.37 8.08 10.13
N TYR J 100 -40.46 8.02 9.16
CA TYR J 100 -40.10 8.88 8.03
C TYR J 100 -40.78 8.43 6.75
N PRO J 101 -41.27 9.42 5.96
CA PRO J 101 -41.21 10.75 6.54
C PRO J 101 -42.47 11.24 7.16
N GLU J 102 -43.57 10.48 7.28
CA GLU J 102 -44.83 11.22 7.36
C GLU J 102 -45.31 11.24 8.81
N GLY J 103 -45.86 10.15 9.38
CA GLY J 103 -46.59 10.24 10.63
C GLY J 103 -45.85 9.85 11.92
N ILE J 104 -46.63 9.81 12.99
CA ILE J 104 -46.21 9.33 14.30
C ILE J 104 -47.29 8.34 14.80
N LYS J 105 -46.87 7.34 15.57
CA LYS J 105 -47.75 6.29 16.13
C LYS J 105 -47.74 6.35 17.66
N THR J 106 -48.91 6.63 18.26
CA THR J 106 -49.03 6.83 19.69
C THR J 106 -49.61 5.54 20.28
N THR J 107 -49.21 5.18 21.52
CA THR J 107 -49.96 4.16 22.28
C THR J 107 -49.97 4.59 23.74
N VAL J 108 -51.16 4.86 24.31
CA VAL J 108 -51.27 5.45 25.64
C VAL J 108 -51.79 4.43 26.65
N TYR J 109 -51.10 4.33 27.79
CA TYR J 109 -51.50 3.50 28.92
C TYR J 109 -51.58 4.34 30.20
N ASN J 110 -52.64 4.17 30.99
CA ASN J 110 -52.81 4.86 32.27
C ASN J 110 -52.52 3.89 33.41
N LEU J 111 -51.50 4.17 34.22
CA LEU J 111 -51.16 3.28 35.34
C LEU J 111 -51.81 3.72 36.64
N ILE J 112 -52.65 2.86 37.22
CA ILE J 112 -53.25 3.10 38.53
C ILE J 112 -52.75 2.02 39.52
N VAL J 113 -52.03 2.45 40.59
CA VAL J 113 -51.65 1.61 41.76
C VAL J 113 -52.79 1.12 42.65
N GLU J 114 -53.70 1.96 43.11
CA GLU J 114 -54.84 1.47 43.95
C GLU J 114 -54.44 0.44 45.05
N VAL K 2 -22.46 18.15 34.02
CA VAL K 2 -22.80 19.48 34.48
C VAL K 2 -21.52 20.28 34.16
N GLN K 3 -20.46 19.46 33.89
CA GLN K 3 -19.11 19.67 33.32
C GLN K 3 -19.26 19.67 31.80
N LEU K 4 -18.60 20.57 31.09
CA LEU K 4 -17.88 20.08 29.91
C LEU K 4 -16.54 20.77 29.88
N LYS K 5 -15.46 20.00 29.93
CA LYS K 5 -14.16 20.62 29.93
C LYS K 5 -13.24 20.01 28.90
N GLU K 6 -12.75 20.85 28.01
CA GLU K 6 -11.76 20.48 27.04
C GLU K 6 -10.41 20.67 27.69
N SER K 7 -9.49 19.79 27.39
CA SER K 7 -8.14 19.97 27.88
C SER K 7 -7.21 19.51 26.78
N GLY K 8 -6.12 20.21 26.63
CA GLY K 8 -5.19 19.85 25.61
C GLY K 8 -4.11 20.86 25.49
N PRO K 9 -3.10 20.49 24.75
CA PRO K 9 -1.90 21.31 24.64
C PRO K 9 -2.23 22.62 23.95
N GLY K 10 -1.49 23.66 24.36
CA GLY K 10 -1.69 24.97 23.77
C GLY K 10 -0.99 25.15 22.45
N LEU K 11 0.17 24.49 22.27
CA LEU K 11 0.98 24.67 21.08
C LEU K 11 1.51 23.31 20.66
N VAL K 12 1.04 22.81 19.51
CA VAL K 12 1.32 21.46 19.02
C VAL K 12 1.51 21.59 17.51
N GLN K 13 2.67 21.43 17.09
CA GLN K 13 3.66 21.88 16.13
C GLN K 13 3.50 21.13 14.79
N PRO K 14 3.47 21.83 13.66
CA PRO K 14 2.88 21.27 12.42
C PRO K 14 3.41 19.92 12.00
N SER K 15 2.62 19.16 11.21
CA SER K 15 2.93 17.79 10.80
C SER K 15 2.73 16.84 11.97
N GLN K 16 2.82 17.35 13.21
CA GLN K 16 2.59 16.57 14.43
C GLN K 16 1.10 16.23 14.57
N THR K 17 0.74 15.69 15.72
CA THR K 17 -0.62 15.27 15.99
C THR K 17 -1.17 15.92 17.26
N LEU K 18 -2.36 16.53 17.16
CA LEU K 18 -3.04 17.12 18.31
C LEU K 18 -3.89 16.06 19.02
N SER K 19 -3.87 16.06 20.35
CA SER K 19 -4.75 15.20 21.13
C SER K 19 -5.48 16.06 22.16
N LEU K 20 -6.80 16.16 22.02
CA LEU K 20 -7.64 16.85 22.98
C LEU K 20 -8.42 15.85 23.81
N THR K 21 -8.77 16.27 25.03
CA THR K 21 -9.65 15.49 25.87
C THR K 21 -10.76 16.37 26.39
N CYS K 22 -12.00 15.93 26.18
CA CYS K 22 -13.18 16.57 26.75
C CYS K 22 -13.67 15.68 27.88
N THR K 23 -13.74 16.21 29.10
CA THR K 23 -14.08 15.45 30.29
C THR K 23 -15.45 15.88 30.78
N VAL K 24 -16.40 14.93 30.85
CA VAL K 24 -17.79 15.19 31.25
C VAL K 24 -18.07 14.65 32.65
N SER K 25 -18.74 15.46 33.48
CA SER K 25 -19.14 15.05 34.84
C SER K 25 -20.62 14.90 34.99
N GLY K 26 -21.00 13.88 35.76
CA GLY K 26 -22.37 13.83 36.24
C GLY K 26 -23.27 13.33 35.16
N LEU K 27 -22.72 12.56 34.23
CA LEU K 27 -23.50 11.98 33.16
C LEU K 27 -22.70 10.84 32.56
N SER K 28 -23.42 9.83 32.09
CA SER K 28 -22.80 8.63 31.55
C SER K 28 -22.62 8.76 30.05
N LEU K 29 -21.42 8.40 29.58
CA LEU K 29 -21.16 8.45 28.15
C LEU K 29 -21.91 7.39 27.36
N THR K 30 -22.67 6.52 28.04
CA THR K 30 -23.46 5.49 27.40
C THR K 30 -24.87 5.94 27.00
N THR K 31 -25.36 7.04 27.58
CA THR K 31 -26.65 7.61 27.20
C THR K 31 -26.55 9.07 26.76
N ASN K 32 -25.37 9.54 26.37
CA ASN K 32 -25.22 10.86 25.79
C ASN K 32 -24.27 10.79 24.61
N SER K 33 -24.40 11.77 23.70
CA SER K 33 -23.51 11.94 22.57
C SER K 33 -22.65 13.18 22.72
N VAL K 34 -21.48 13.16 22.11
CA VAL K 34 -20.51 14.24 22.22
C VAL K 34 -19.96 14.56 20.84
N SER K 35 -19.96 15.85 20.47
CA SER K 35 -19.46 16.33 19.19
C SER K 35 -18.26 17.22 19.43
N TRP K 36 -17.38 17.29 18.43
CA TRP K 36 -16.21 18.18 18.48
C TRP K 36 -16.41 19.31 17.46
N ILE K 37 -16.36 20.55 17.94
CA ILE K 37 -16.55 21.73 17.12
C ILE K 37 -15.37 22.67 17.32
N ARG K 38 -14.95 23.33 16.25
CA ARG K 38 -13.84 24.27 16.33
C ARG K 38 -14.20 25.57 15.65
N GLN K 39 -13.49 26.61 16.04
CA GLN K 39 -13.66 27.94 15.44
C GLN K 39 -12.31 28.60 15.42
N PRO K 40 -11.63 28.61 14.26
CA PRO K 40 -10.37 29.34 14.18
C PRO K 40 -10.58 30.77 14.37
N PRO K 41 -9.60 31.52 14.93
CA PRO K 41 -9.84 32.92 15.26
C PRO K 41 -10.10 33.69 13.98
N GLY K 42 -11.10 34.57 14.01
CA GLY K 42 -11.50 35.33 12.85
C GLY K 42 -12.52 34.66 11.98
N LYS K 43 -12.54 33.34 11.95
CA LYS K 43 -13.46 32.56 11.15
C LYS K 43 -14.69 31.99 11.86
N GLY K 44 -15.54 31.31 11.08
CA GLY K 44 -16.81 30.83 11.59
C GLY K 44 -16.69 29.46 12.21
N LEU K 45 -17.79 28.98 12.76
CA LEU K 45 -17.80 27.66 13.38
C LEU K 45 -17.75 26.56 12.32
N GLU K 46 -17.05 25.48 12.64
CA GLU K 46 -16.98 24.31 11.78
C GLU K 46 -17.06 23.04 12.63
N TRP K 47 -18.06 22.21 12.38
CA TRP K 47 -18.20 20.94 13.08
C TRP K 47 -17.21 19.90 12.52
N MET K 48 -16.69 19.05 13.41
CA MET K 48 -15.60 18.14 13.11
C MET K 48 -15.99 16.68 13.18
N GLY K 49 -16.80 16.29 14.16
CA GLY K 49 -17.24 14.92 14.23
C GLY K 49 -18.02 14.69 15.50
N VAL K 50 -18.65 13.53 15.56
CA VAL K 50 -19.51 13.17 16.67
C VAL K 50 -19.35 11.70 17.01
N ILE K 51 -19.42 11.38 18.30
CA ILE K 51 -19.54 10.00 18.74
C ILE K 51 -20.87 9.83 19.45
N TRP K 52 -21.69 8.90 18.97
CA TRP K 52 -23.00 8.75 19.56
C TRP K 52 -22.89 8.00 20.88
N SER K 53 -24.00 8.01 21.63
CA SER K 53 -24.04 7.26 22.89
C SER K 53 -23.65 5.80 22.70
N ASN K 54 -23.82 5.28 21.50
CA ASN K 54 -23.61 3.87 21.22
C ASN K 54 -22.20 3.56 20.73
N GLY K 55 -21.26 4.49 20.84
CA GLY K 55 -19.89 4.23 20.44
C GLY K 55 -19.60 4.43 18.96
N GLY K 56 -20.62 4.42 18.12
CA GLY K 56 -20.43 4.78 16.73
C GLY K 56 -19.95 6.22 16.60
N THR K 57 -19.40 6.53 15.44
CA THR K 57 -18.85 7.84 15.19
C THR K 57 -19.34 8.31 13.83
N ASP K 58 -19.37 9.63 13.64
CA ASP K 58 -19.68 10.24 12.34
C ASP K 58 -18.75 11.43 12.16
N TYR K 59 -18.21 11.62 10.96
CA TYR K 59 -17.20 12.66 10.76
C TYR K 59 -17.52 13.65 9.66
N ASN K 60 -17.04 14.86 9.83
CA ASN K 60 -17.01 15.85 8.74
C ASN K 60 -15.99 15.36 7.71
N SER K 61 -16.43 15.17 6.47
CA SER K 61 -15.58 14.53 5.47
C SER K 61 -14.35 15.35 5.06
N ASP K 62 -14.26 16.64 5.37
CA ASP K 62 -13.08 17.42 4.99
C ASP K 62 -11.85 17.13 5.84
N ILE K 63 -12.02 16.39 6.94
CA ILE K 63 -10.91 16.08 7.84
C ILE K 63 -10.86 14.61 8.20
N LYS K 64 -11.78 13.80 7.63
CA LYS K 64 -12.03 12.43 8.09
C LYS K 64 -10.76 11.55 8.25
N SER K 65 -9.76 11.58 7.33
CA SER K 65 -8.80 10.54 7.76
C SER K 65 -7.77 11.06 8.72
N ARG K 66 -7.90 12.30 9.18
CA ARG K 66 -6.94 12.86 10.10
C ARG K 66 -7.44 12.82 11.53
N LEU K 67 -8.75 12.73 11.79
CA LEU K 67 -9.25 12.82 13.16
C LEU K 67 -9.84 11.50 13.61
N SER K 68 -9.65 11.19 14.88
CA SER K 68 -10.21 10.00 15.50
C SER K 68 -10.91 10.42 16.78
N ILE K 69 -12.20 10.18 16.84
CA ILE K 69 -12.97 10.50 18.02
C ILE K 69 -13.20 9.19 18.76
N SER K 70 -12.85 9.18 20.04
CA SER K 70 -12.80 7.96 20.81
C SER K 70 -13.37 8.26 22.19
N ARG K 71 -13.64 7.20 22.96
CA ARG K 71 -14.19 7.37 24.29
C ARG K 71 -13.83 6.17 25.12
N ASP K 72 -13.99 6.33 26.43
CA ASP K 72 -14.01 5.25 27.42
C ASP K 72 -15.10 5.60 28.42
N THR K 73 -16.20 4.89 28.36
CA THR K 73 -17.42 5.29 29.01
C THR K 73 -17.29 5.45 30.52
N SER K 74 -16.32 4.78 31.14
CA SER K 74 -16.24 4.82 32.60
C SER K 74 -15.47 6.02 33.16
N LYS K 75 -14.35 6.41 32.50
CA LYS K 75 -13.66 7.73 32.78
C LYS K 75 -14.72 8.81 33.02
N SER K 76 -15.58 8.76 32.03
CA SER K 76 -16.31 9.84 31.40
C SER K 76 -15.34 10.88 30.70
N GLN K 77 -14.94 10.62 29.41
CA GLN K 77 -14.13 11.44 28.64
C GLN K 77 -14.28 11.10 27.13
N VAL K 78 -14.20 12.16 26.24
CA VAL K 78 -14.24 11.93 24.77
C VAL K 78 -12.92 12.43 24.16
N PHE K 79 -12.39 11.78 23.10
CA PHE K 79 -11.10 12.24 22.54
C PHE K 79 -11.23 12.72 21.12
N LEU K 80 -10.37 13.65 20.77
CA LEU K 80 -10.13 14.00 19.39
C LEU K 80 -8.64 13.89 19.20
N LYS K 81 -8.24 13.09 18.22
CA LYS K 81 -6.84 12.95 17.83
C LYS K 81 -6.79 13.34 16.37
N MET K 82 -5.90 14.26 16.01
CA MET K 82 -5.84 14.75 14.65
C MET K 82 -4.43 14.63 14.10
N ASN K 83 -4.31 13.94 12.97
CA ASN K 83 -3.07 13.69 12.26
C ASN K 83 -2.77 14.84 11.31
N SER K 84 -1.50 14.92 10.91
CA SER K 84 -1.04 15.84 9.86
C SER K 84 -1.50 17.27 10.14
N LEU K 85 -1.04 17.79 11.26
CA LEU K 85 -1.47 19.11 11.71
C LEU K 85 -0.95 20.21 10.80
N GLN K 86 -1.82 21.11 10.41
CA GLN K 86 -1.37 22.28 9.68
C GLN K 86 -1.59 23.56 10.49
N THR K 87 -1.11 24.67 9.94
CA THR K 87 -1.29 25.97 10.58
C THR K 87 -2.74 26.47 10.53
N GLU K 88 -3.53 26.04 9.56
CA GLU K 88 -4.92 26.48 9.60
C GLU K 88 -5.73 25.79 10.68
N ASP K 89 -5.20 24.77 11.34
CA ASP K 89 -5.96 24.11 12.39
C ASP K 89 -5.91 24.86 13.71
N THR K 90 -5.21 25.99 13.76
CA THR K 90 -5.21 26.80 14.96
C THR K 90 -6.62 27.31 15.16
N ALA K 91 -7.14 27.09 16.36
CA ALA K 91 -8.55 27.37 16.60
C ALA K 91 -8.81 27.13 18.07
N MET K 92 -9.97 27.58 18.50
CA MET K 92 -10.53 27.16 19.76
C MET K 92 -11.31 25.90 19.48
N TYR K 93 -11.11 24.88 20.31
CA TYR K 93 -11.78 23.59 20.14
C TYR K 93 -12.73 23.38 21.29
N PHE K 94 -14.01 23.21 20.99
CA PHE K 94 -15.08 23.00 21.97
C PHE K 94 -15.57 21.57 21.86
N CYS K 95 -16.10 21.04 22.96
CA CYS K 95 -16.88 19.80 22.89
C CYS K 95 -18.31 20.09 23.34
N ALA K 96 -19.28 19.45 22.71
CA ALA K 96 -20.68 19.76 22.96
C ALA K 96 -21.43 18.45 23.14
N ARG K 97 -22.28 18.39 24.16
CA ARG K 97 -22.98 17.18 24.53
C ARG K 97 -24.34 17.12 23.87
N ASN K 98 -24.70 15.92 23.38
CA ASN K 98 -25.96 15.70 22.71
C ASN K 98 -26.16 16.70 21.59
N PHE K 99 -25.07 17.06 20.94
CA PHE K 99 -25.08 17.99 19.83
C PHE K 99 -25.06 17.22 18.52
N PRO K 100 -25.35 17.90 17.40
CA PRO K 100 -26.53 17.58 16.59
C PRO K 100 -27.70 16.96 17.34
N TYR K 101 -27.61 15.66 17.55
CA TYR K 101 -28.67 14.82 18.06
C TYR K 101 -28.35 14.29 19.44
N PRO K 102 -29.33 14.27 20.37
CA PRO K 102 -30.73 14.63 20.18
C PRO K 102 -31.09 16.07 20.47
N GLY K 103 -30.15 16.91 20.89
CA GLY K 103 -30.57 18.29 21.05
C GLY K 103 -31.59 18.56 22.15
N ILE K 104 -31.86 17.60 23.04
CA ILE K 104 -32.83 17.86 24.10
C ILE K 104 -32.08 18.25 25.37
N ASN K 105 -30.87 17.71 25.54
CA ASN K 105 -30.08 17.99 26.73
C ASN K 105 -28.80 18.69 26.30
N PHE K 106 -28.95 19.48 25.24
CA PHE K 106 -27.89 20.17 24.54
C PHE K 106 -27.05 21.02 25.47
N ASP K 107 -25.73 20.93 25.32
CA ASP K 107 -24.85 21.61 26.24
C ASP K 107 -23.56 21.96 25.49
N TRP K 108 -22.92 23.06 25.85
CA TRP K 108 -21.72 23.49 25.12
C TRP K 108 -20.54 23.66 26.06
N GLY K 109 -19.40 23.10 25.69
CA GLY K 109 -18.23 23.19 26.54
C GLY K 109 -17.72 24.61 26.57
N GLN K 110 -16.51 24.79 27.10
CA GLN K 110 -15.90 26.11 27.00
C GLN K 110 -14.89 26.27 25.89
N GLY K 111 -14.15 25.21 25.58
CA GLY K 111 -13.18 25.33 24.53
C GLY K 111 -11.81 25.50 25.11
N VAL K 112 -10.81 25.02 24.39
CA VAL K 112 -9.42 25.16 24.76
C VAL K 112 -8.70 25.64 23.50
N MET K 113 -7.81 26.60 23.65
CA MET K 113 -7.08 27.12 22.49
C MET K 113 -5.93 26.21 22.09
N VAL K 114 -5.78 25.98 20.79
CA VAL K 114 -4.65 25.19 20.25
C VAL K 114 -4.02 25.88 19.04
N THR K 115 -2.77 26.33 19.19
CA THR K 115 -2.07 27.10 18.16
C THR K 115 -0.98 26.24 17.51
N VAL K 116 -1.02 26.16 16.19
CA VAL K 116 -0.04 25.42 15.41
C VAL K 116 0.91 26.43 14.78
N SER K 117 2.09 26.58 15.37
CA SER K 117 3.09 27.50 14.84
C SER K 117 4.45 26.97 15.24
N SER K 118 5.41 27.02 14.31
CA SER K 118 6.76 26.60 14.64
C SER K 118 7.48 27.58 15.56
N ALA K 119 6.94 28.76 15.83
CA ALA K 119 7.66 29.70 16.67
C ALA K 119 7.64 29.22 18.12
N SER K 120 8.52 29.78 18.92
CA SER K 120 8.66 29.35 20.31
C SER K 120 7.85 30.25 21.23
N THR K 121 7.47 29.69 22.37
CA THR K 121 6.71 30.45 23.34
C THR K 121 7.47 31.69 23.77
N LYS K 122 6.72 32.68 24.24
CA LYS K 122 7.27 33.93 24.76
C LYS K 122 6.32 34.42 25.85
N GLY K 123 6.86 34.69 27.02
CA GLY K 123 6.06 35.10 28.14
C GLY K 123 5.74 36.58 28.04
N PRO K 124 4.70 37.02 28.73
CA PRO K 124 4.29 38.42 28.63
C PRO K 124 5.19 39.30 29.44
N SER K 125 5.11 40.60 29.15
CA SER K 125 5.62 41.64 30.03
C SER K 125 4.41 42.28 30.67
N VAL K 126 4.40 42.34 31.99
CA VAL K 126 3.22 42.75 32.73
C VAL K 126 3.50 44.15 33.27
N PHE K 127 2.94 45.20 32.57
CA PHE K 127 3.19 46.56 33.04
C PHE K 127 1.98 47.11 33.75
N PRO K 128 2.16 48.01 34.71
CA PRO K 128 1.01 48.51 35.46
C PRO K 128 0.30 49.67 34.80
N LEU K 129 -1.04 49.62 34.80
CA LEU K 129 -1.86 50.76 34.38
C LEU K 129 -2.26 51.48 35.67
N ALA K 130 -1.36 52.35 36.12
CA ALA K 130 -1.45 52.86 37.47
C ALA K 130 -2.60 53.84 37.60
N PRO K 131 -3.33 53.81 38.73
CA PRO K 131 -4.42 54.77 38.93
C PRO K 131 -3.82 56.14 39.19
N SER K 132 -4.17 57.08 38.34
CA SER K 132 -3.63 58.41 38.39
C SER K 132 -4.81 59.36 38.61
N SER K 133 -4.51 60.65 38.78
CA SER K 133 -5.60 61.63 38.73
C SER K 133 -6.33 61.57 37.40
N LYS K 134 -5.59 61.29 36.31
CA LYS K 134 -6.17 61.13 34.96
C LYS K 134 -6.90 59.79 34.76
N SER K 135 -7.02 58.97 35.82
CA SER K 135 -7.79 57.73 35.81
C SER K 135 -8.83 57.66 36.94
N THR K 136 -9.07 58.76 37.68
CA THR K 136 -10.12 58.82 38.69
C THR K 136 -11.28 59.63 38.15
N SER K 137 -12.51 59.08 38.28
CA SER K 137 -13.77 59.75 37.97
C SER K 137 -14.22 60.68 39.06
N GLY K 138 -13.30 61.24 39.86
CA GLY K 138 -13.68 62.06 40.99
C GLY K 138 -13.81 61.17 42.21
N GLY K 139 -14.69 60.15 42.14
CA GLY K 139 -14.87 59.27 43.27
C GLY K 139 -14.58 57.79 43.07
N THR K 140 -14.39 57.34 41.81
CA THR K 140 -14.03 55.95 41.54
C THR K 140 -12.77 55.91 40.67
N ALA K 141 -11.70 55.27 41.17
CA ALA K 141 -10.45 55.20 40.43
C ALA K 141 -10.35 53.88 39.69
N ALA K 142 -9.75 53.93 38.49
CA ALA K 142 -9.56 52.77 37.62
C ALA K 142 -8.08 52.40 37.60
N LEU K 143 -7.79 51.12 37.71
CA LEU K 143 -6.40 50.68 37.62
C LEU K 143 -6.37 49.32 36.94
N GLY K 144 -5.18 48.89 36.52
CA GLY K 144 -5.12 47.68 35.73
C GLY K 144 -3.70 47.26 35.36
N CYS K 145 -3.64 46.22 34.54
CA CYS K 145 -2.41 45.60 34.05
C CYS K 145 -2.41 45.54 32.53
N LEU K 146 -1.25 45.78 31.92
CA LEU K 146 -1.08 45.65 30.48
C LEU K 146 -0.13 44.48 30.26
N VAL K 147 -0.66 43.33 29.86
CA VAL K 147 0.15 42.14 29.65
C VAL K 147 0.40 42.05 28.16
N LYS K 148 1.65 42.31 27.78
CA LYS K 148 2.04 42.67 26.41
C LYS K 148 3.06 41.68 25.86
N ASP K 149 2.95 41.36 24.58
CA ASP K 149 3.98 40.67 23.82
C ASP K 149 4.25 39.25 24.35
N TYR K 150 3.22 38.41 24.25
CA TYR K 150 3.32 37.00 24.58
C TYR K 150 2.88 36.15 23.38
N PHE K 151 3.20 34.86 23.44
CA PHE K 151 2.79 33.92 22.41
C PHE K 151 3.02 32.51 22.94
N PRO K 152 2.14 31.55 22.66
CA PRO K 152 0.87 31.75 21.97
C PRO K 152 -0.23 32.10 22.95
N GLU K 153 -1.47 32.12 22.51
CA GLU K 153 -2.55 32.29 23.46
C GLU K 153 -2.76 30.98 24.19
N PRO K 154 -3.54 30.98 25.27
CA PRO K 154 -4.19 32.02 26.03
C PRO K 154 -3.29 32.50 27.13
N VAL K 155 -3.49 33.72 27.55
CA VAL K 155 -2.93 34.13 28.83
C VAL K 155 -4.15 34.31 29.73
N THR K 156 -3.94 34.15 31.03
CA THR K 156 -5.03 34.29 31.97
C THR K 156 -4.63 35.25 33.07
N VAL K 157 -5.58 36.07 33.52
CA VAL K 157 -5.35 37.16 34.44
C VAL K 157 -6.40 37.12 35.54
N SER K 158 -5.96 37.22 36.79
CA SER K 158 -6.87 37.36 37.92
C SER K 158 -6.34 38.46 38.83
N TRP K 159 -7.20 38.97 39.70
CA TRP K 159 -6.84 40.09 40.58
C TRP K 159 -6.86 39.65 42.03
N ASN K 160 -5.80 39.99 42.76
CA ASN K 160 -5.68 39.64 44.16
C ASN K 160 -5.86 38.13 44.35
N SER K 161 -5.26 37.36 43.45
CA SER K 161 -5.27 35.90 43.52
C SER K 161 -6.69 35.35 43.52
N GLY K 162 -7.57 35.97 42.75
CA GLY K 162 -8.93 35.53 42.62
C GLY K 162 -9.90 36.26 43.53
N ALA K 163 -9.41 36.89 44.60
CA ALA K 163 -10.30 37.50 45.58
C ALA K 163 -11.12 38.62 44.97
N LEU K 164 -10.54 39.39 44.04
CA LEU K 164 -11.20 40.53 43.43
C LEU K 164 -11.77 40.08 42.11
N THR K 165 -13.09 40.07 42.01
CA THR K 165 -13.72 39.71 40.76
C THR K 165 -14.71 40.81 40.37
N SER K 166 -15.36 41.43 41.35
CA SER K 166 -16.34 42.45 41.03
C SER K 166 -15.65 43.64 40.38
N GLY K 167 -16.08 43.95 39.17
CA GLY K 167 -15.58 45.11 38.47
C GLY K 167 -14.34 44.90 37.65
N VAL K 168 -13.89 43.67 37.44
CA VAL K 168 -12.75 43.44 36.56
C VAL K 168 -13.31 43.23 35.16
N HIS K 169 -12.73 43.92 34.20
CA HIS K 169 -13.06 43.72 32.80
C HIS K 169 -11.71 43.37 32.19
N THR K 170 -11.47 42.09 31.95
CA THR K 170 -10.22 41.67 31.36
C THR K 170 -10.49 41.46 29.87
N PHE K 171 -9.93 42.34 29.03
CA PHE K 171 -10.33 42.45 27.63
C PHE K 171 -9.80 41.30 26.77
N PRO K 172 -10.40 41.06 25.60
CA PRO K 172 -9.85 40.04 24.71
C PRO K 172 -8.52 40.49 24.17
N ALA K 173 -7.61 39.54 23.99
CA ALA K 173 -6.30 39.92 23.51
C ALA K 173 -6.42 40.49 22.10
N VAL K 174 -5.41 41.24 21.68
CA VAL K 174 -5.30 41.69 20.31
C VAL K 174 -3.98 41.16 19.78
N LEU K 175 -3.89 40.99 18.46
CA LEU K 175 -2.69 40.42 17.86
C LEU K 175 -1.91 41.56 17.22
N GLN K 176 -0.78 41.93 17.82
CA GLN K 176 0.00 43.05 17.33
C GLN K 176 0.71 42.69 16.02
N SER K 177 1.17 43.73 15.31
CA SER K 177 1.84 43.50 14.04
C SER K 177 3.14 42.75 14.22
N SER K 178 3.70 42.73 15.43
CA SER K 178 4.86 41.89 15.74
C SER K 178 4.56 40.39 15.65
N GLY K 179 3.30 40.00 15.47
CA GLY K 179 2.89 38.62 15.58
C GLY K 179 2.65 38.18 17.00
N LEU K 180 2.92 39.05 17.98
CA LEU K 180 2.72 38.78 19.38
C LEU K 180 1.41 39.35 19.89
N TYR K 181 0.81 38.67 20.87
CA TYR K 181 -0.40 39.16 21.49
C TYR K 181 -0.06 40.16 22.58
N SER K 182 -1.02 41.03 22.88
CA SER K 182 -0.99 41.90 24.03
C SER K 182 -2.42 42.12 24.48
N LEU K 183 -2.60 42.28 25.79
CA LEU K 183 -3.91 42.26 26.41
C LEU K 183 -3.87 43.09 27.68
N SER K 184 -4.97 43.73 28.01
CA SER K 184 -5.01 44.58 29.18
C SER K 184 -6.24 44.22 29.99
N SER K 185 -6.11 44.26 31.31
CA SER K 185 -7.20 43.95 32.21
C SER K 185 -7.30 45.05 33.25
N VAL K 186 -8.48 45.62 33.42
CA VAL K 186 -8.66 46.71 34.36
C VAL K 186 -9.75 46.35 35.34
N VAL K 187 -9.66 46.95 36.52
CA VAL K 187 -10.69 46.86 37.54
C VAL K 187 -10.92 48.25 38.09
N THR K 188 -12.19 48.58 38.34
CA THR K 188 -12.57 49.78 39.08
C THR K 188 -12.75 49.49 40.57
N VAL K 189 -12.28 50.42 41.39
CA VAL K 189 -12.32 50.28 42.84
C VAL K 189 -12.72 51.61 43.43
N PRO K 190 -13.29 51.61 44.63
CA PRO K 190 -13.58 52.88 45.30
C PRO K 190 -12.30 53.69 45.41
N SER K 191 -12.36 54.96 44.97
CA SER K 191 -11.15 55.75 44.96
C SER K 191 -10.61 55.98 46.36
N SER K 192 -11.50 55.97 47.36
CA SER K 192 -11.06 56.15 48.73
C SER K 192 -10.23 54.99 49.23
N SER K 193 -10.12 53.92 48.45
CA SER K 193 -9.47 52.71 48.92
C SER K 193 -8.03 52.55 48.46
N LEU K 194 -7.52 53.41 47.59
CA LEU K 194 -6.21 53.12 47.00
C LEU K 194 -5.10 53.12 48.05
N GLY K 195 -5.22 53.95 49.10
CA GLY K 195 -4.23 53.93 50.17
C GLY K 195 -4.44 52.80 51.16
N THR K 196 -5.69 52.40 51.37
CA THR K 196 -6.07 51.43 52.38
C THR K 196 -5.95 49.99 51.89
N GLN K 197 -5.69 49.76 50.60
CA GLN K 197 -5.62 48.38 50.15
C GLN K 197 -4.75 48.26 48.90
N THR K 198 -3.98 47.17 48.84
CA THR K 198 -3.07 46.90 47.75
C THR K 198 -3.75 45.95 46.76
N TYR K 199 -3.51 46.19 45.47
CA TYR K 199 -4.13 45.48 44.35
C TYR K 199 -3.03 44.86 43.52
N ILE K 200 -3.20 43.59 43.15
CA ILE K 200 -2.15 42.84 42.47
C ILE K 200 -2.79 42.04 41.35
N CYS K 201 -2.26 42.16 40.14
CA CYS K 201 -2.77 41.29 39.07
C CYS K 201 -1.91 40.06 38.96
N ASN K 202 -2.57 38.93 38.79
CA ASN K 202 -1.91 37.63 38.71
C ASN K 202 -1.98 37.18 37.26
N VAL K 203 -0.86 37.21 36.58
CA VAL K 203 -0.81 36.76 35.20
C VAL K 203 -0.20 35.37 35.17
N ASN K 204 -0.78 34.49 34.38
CA ASN K 204 -0.31 33.12 34.25
C ASN K 204 -0.38 32.78 32.77
N HIS K 205 0.78 32.50 32.18
CA HIS K 205 0.87 32.16 30.77
C HIS K 205 1.36 30.72 30.69
N LYS K 206 0.44 29.76 30.51
CA LYS K 206 0.81 28.38 30.76
C LYS K 206 1.71 27.82 29.66
N PRO K 207 1.52 28.16 28.38
CA PRO K 207 2.45 27.63 27.36
C PRO K 207 3.91 27.98 27.60
N SER K 208 4.22 28.94 28.47
CA SER K 208 5.60 29.26 28.78
C SER K 208 5.88 29.16 30.27
N ASN K 209 4.95 28.56 31.01
CA ASN K 209 5.03 28.41 32.47
C ASN K 209 5.58 29.66 33.15
N THR K 210 5.02 30.80 32.74
CA THR K 210 5.32 32.10 33.30
C THR K 210 4.17 32.50 34.21
N LYS K 211 4.47 32.77 35.47
CA LYS K 211 3.54 33.42 36.36
C LYS K 211 4.14 34.73 36.78
N VAL K 212 3.33 35.78 36.79
CA VAL K 212 3.79 37.13 37.15
C VAL K 212 2.71 37.76 38.00
N ASP K 213 3.14 38.46 39.04
CA ASP K 213 2.24 39.27 39.84
C ASP K 213 2.82 40.67 39.83
N LYS K 214 2.02 41.64 39.40
CA LYS K 214 2.44 43.03 39.41
C LYS K 214 1.53 43.76 40.37
N ARG K 215 2.11 44.33 41.41
CA ARG K 215 1.33 45.16 42.30
C ARG K 215 1.16 46.49 41.60
N VAL K 216 -0.08 46.86 41.34
CA VAL K 216 -0.38 48.07 40.60
C VAL K 216 -0.65 49.15 41.64
N GLU K 217 0.25 50.10 41.75
CA GLU K 217 0.05 51.10 42.79
C GLU K 217 0.01 52.50 42.19
N PRO K 218 -0.75 53.42 42.79
CA PRO K 218 -1.06 54.69 42.12
C PRO K 218 0.14 55.61 41.93
N LYS K 219 -0.04 56.53 40.97
CA LYS K 219 0.93 57.57 40.63
C LYS K 219 0.97 58.60 41.74
N ALA L 2 -24.01 21.95 1.27
CA ALA L 2 -25.15 22.74 1.72
C ALA L 2 -24.72 23.97 2.49
N VAL L 3 -25.29 25.13 2.21
CA VAL L 3 -24.97 26.32 2.99
C VAL L 3 -26.24 26.88 3.61
N VAL L 4 -26.20 27.05 4.94
CA VAL L 4 -27.31 27.56 5.72
C VAL L 4 -27.00 29.01 6.08
N THR L 5 -27.93 29.92 5.78
CA THR L 5 -27.76 31.34 6.06
C THR L 5 -28.84 31.86 7.00
N GLN L 6 -28.44 32.77 7.89
CA GLN L 6 -29.33 33.47 8.80
C GLN L 6 -29.30 34.96 8.50
N GLU L 7 -30.30 35.68 9.00
CA GLU L 7 -30.35 37.13 8.84
C GLU L 7 -29.07 37.77 9.37
N SER L 8 -28.60 38.79 8.67
CA SER L 8 -27.32 39.38 9.04
C SER L 8 -27.40 40.01 10.42
N ALA L 9 -28.43 40.83 10.65
CA ALA L 9 -28.63 41.40 11.98
C ALA L 9 -30.10 41.80 12.15
N LEU L 10 -30.54 41.80 13.40
CA LEU L 10 -31.88 42.17 13.79
C LEU L 10 -31.79 42.95 15.09
N THR L 11 -32.76 43.83 15.32
CA THR L 11 -32.80 44.59 16.56
C THR L 11 -34.22 44.63 17.10
N THR L 12 -34.34 44.62 18.43
CA THR L 12 -35.64 44.69 19.09
C THR L 12 -35.53 45.64 20.27
N LEU L 13 -36.70 46.06 20.78
CA LEU L 13 -36.66 46.80 22.02
C LEU L 13 -36.66 45.82 23.18
N PRO L 14 -36.20 46.23 24.38
CA PRO L 14 -36.40 45.37 25.54
C PRO L 14 -37.88 45.11 25.64
N GLY L 15 -38.27 43.89 26.01
CA GLY L 15 -39.67 43.56 26.00
C GLY L 15 -40.29 43.30 24.64
N GLY L 16 -39.57 43.54 23.54
CA GLY L 16 -40.07 43.24 22.21
C GLY L 16 -40.17 41.73 21.91
N THR L 17 -40.56 41.43 20.67
CA THR L 17 -40.52 40.06 20.14
C THR L 17 -39.77 40.07 18.81
N VAL L 18 -38.82 39.14 18.66
CA VAL L 18 -38.01 39.03 17.46
C VAL L 18 -37.95 37.55 17.05
N THR L 19 -37.81 37.30 15.74
CA THR L 19 -37.61 35.94 15.26
C THR L 19 -36.40 35.87 14.35
N LEU L 20 -35.41 35.12 14.78
CA LEU L 20 -34.29 34.81 13.92
C LEU L 20 -34.65 33.54 13.19
N THR L 21 -34.25 33.45 11.91
CA THR L 21 -34.52 32.26 11.15
C THR L 21 -33.21 31.73 10.61
N CYS L 22 -33.31 30.56 9.98
CA CYS L 22 -32.16 29.74 9.65
C CYS L 22 -32.57 28.90 8.44
N HIS L 23 -32.11 29.31 7.27
CA HIS L 23 -32.58 28.81 5.99
C HIS L 23 -31.52 27.91 5.37
N SER L 24 -31.94 26.78 4.81
CA SER L 24 -31.03 25.85 4.16
C SER L 24 -31.10 26.03 2.65
N SER L 25 -29.93 26.15 2.01
CA SER L 25 -29.91 26.31 0.56
C SER L 25 -30.52 25.11 -0.16
N THR L 26 -30.73 24.00 0.52
CA THR L 26 -31.12 22.78 -0.17
C THR L 26 -32.60 22.52 -0.08
N GLY L 27 -33.39 23.49 0.36
CA GLY L 27 -34.82 23.30 0.49
C GLY L 27 -35.32 23.59 1.88
N ALA L 28 -36.60 23.30 2.09
CA ALA L 28 -37.22 23.48 3.38
C ALA L 28 -36.49 22.68 4.45
N VAL L 29 -36.29 23.29 5.61
CA VAL L 29 -35.74 22.59 6.77
C VAL L 29 -36.86 21.81 7.40
N THR L 30 -36.70 20.50 7.46
CA THR L 30 -37.64 19.66 8.17
C THR L 30 -37.15 19.45 9.60
N THR L 31 -37.99 18.83 10.41
CA THR L 31 -37.53 18.49 11.75
C THR L 31 -36.32 17.55 11.71
N SER L 32 -36.16 16.79 10.64
CA SER L 32 -35.06 15.84 10.55
C SER L 32 -33.69 16.48 10.37
N ASN L 33 -33.61 17.81 10.14
CA ASN L 33 -32.34 18.52 10.13
C ASN L 33 -31.86 18.92 11.53
N TYR L 34 -32.62 18.59 12.58
CA TYR L 34 -32.25 18.79 13.99
C TYR L 34 -31.66 20.16 14.28
N ALA L 35 -32.26 21.20 13.69
CA ALA L 35 -31.79 22.57 13.86
C ALA L 35 -31.58 22.91 15.34
N ASN L 36 -30.59 23.76 15.59
CA ASN L 36 -30.22 24.14 16.96
C ASN L 36 -29.62 25.54 16.94
N TRP L 37 -29.57 26.16 18.12
CA TRP L 37 -29.12 27.53 18.22
C TRP L 37 -28.18 27.67 19.41
N ILE L 38 -27.01 28.27 19.18
CA ILE L 38 -26.09 28.62 20.25
C ILE L 38 -25.82 30.12 20.23
N GLN L 39 -25.49 30.68 21.40
CA GLN L 39 -25.33 32.11 21.58
C GLN L 39 -23.94 32.47 22.04
N GLU L 40 -23.31 33.39 21.33
CA GLU L 40 -21.99 33.91 21.66
C GLU L 40 -22.18 35.34 22.18
N LYS L 41 -21.55 35.66 23.30
CA LYS L 41 -21.57 37.04 23.80
C LYS L 41 -20.17 37.64 23.62
N ALA L 42 -19.98 38.91 24.08
CA ALA L 42 -18.75 39.63 23.65
C ALA L 42 -17.42 39.10 24.30
N ASP L 43 -17.38 37.92 24.93
CA ASP L 43 -16.14 37.31 25.40
C ASP L 43 -15.75 36.06 24.60
N HIS L 44 -16.42 35.80 23.47
CA HIS L 44 -16.15 34.64 22.61
C HIS L 44 -16.43 33.32 23.36
N SER L 45 -17.55 33.34 24.08
CA SER L 45 -18.11 32.26 24.90
C SER L 45 -19.44 31.84 24.31
N PHE L 46 -19.63 30.55 24.05
CA PHE L 46 -20.89 30.05 23.50
C PHE L 46 -21.74 29.31 24.52
N THR L 47 -23.04 29.61 24.51
CA THR L 47 -24.02 28.99 25.38
C THR L 47 -25.08 28.27 24.54
N ALA L 48 -25.41 27.04 24.93
CA ALA L 48 -26.43 26.30 24.21
C ALA L 48 -27.80 26.88 24.52
N ILE L 49 -28.56 27.24 23.49
CA ILE L 49 -29.90 27.80 23.69
C ILE L 49 -30.99 26.75 23.54
N LEU L 50 -31.07 26.12 22.37
CA LEU L 50 -32.12 25.12 22.11
C LEU L 50 -31.68 24.25 20.94
N GLY L 51 -32.10 22.99 20.97
CA GLY L 51 -31.71 22.04 19.96
C GLY L 51 -32.84 21.10 19.58
N GLY L 52 -32.60 20.32 18.53
CA GLY L 52 -33.66 19.47 18.01
C GLY L 52 -34.91 20.24 17.65
N THR L 53 -34.73 21.39 17.00
CA THR L 53 -35.79 22.28 16.50
C THR L 53 -36.50 23.04 17.61
N SER L 54 -36.88 22.39 18.70
CA SER L 54 -37.66 23.12 19.68
C SER L 54 -37.33 22.85 21.15
N ASN L 55 -36.39 21.96 21.47
CA ASN L 55 -36.10 21.60 22.85
C ASN L 55 -35.10 22.59 23.46
N ARG L 56 -35.55 23.35 24.46
CA ARG L 56 -34.68 24.27 25.16
C ARG L 56 -33.52 23.55 25.83
N ALA L 57 -32.37 24.22 25.82
CA ALA L 57 -31.18 23.73 26.52
C ALA L 57 -31.41 23.89 28.02
N PRO L 58 -30.72 23.08 28.85
CA PRO L 58 -30.91 23.21 30.30
C PRO L 58 -30.56 24.63 30.71
N GLY L 59 -31.50 25.30 31.37
CA GLY L 59 -31.20 26.65 31.75
C GLY L 59 -31.64 27.70 30.74
N THR L 60 -32.16 27.32 29.59
CA THR L 60 -32.52 28.35 28.64
C THR L 60 -33.86 28.95 29.05
N PRO L 61 -33.98 30.27 29.14
CA PRO L 61 -35.23 30.86 29.61
C PRO L 61 -36.39 30.47 28.70
N ALA L 62 -37.60 30.59 29.24
CA ALA L 62 -38.77 30.12 28.51
C ALA L 62 -39.19 31.07 27.39
N ARG L 63 -38.66 32.30 27.35
CA ARG L 63 -38.93 33.20 26.22
C ARG L 63 -38.30 32.68 24.94
N PHE L 64 -37.30 31.84 25.05
CA PHE L 64 -36.70 31.25 23.87
C PHE L 64 -37.55 30.06 23.43
N SER L 65 -37.98 30.07 22.17
CA SER L 65 -38.70 28.93 21.64
C SER L 65 -38.23 28.73 20.21
N GLY L 66 -38.35 27.48 19.75
CA GLY L 66 -37.91 27.13 18.42
C GLY L 66 -39.04 26.44 17.68
N SER L 67 -39.02 26.60 16.35
CA SER L 67 -40.08 26.09 15.49
C SER L 67 -39.56 26.00 14.07
N LEU L 68 -40.34 25.35 13.21
CA LEU L 68 -40.11 25.40 11.77
C LEU L 68 -41.12 26.40 11.21
N LEU L 69 -40.61 27.46 10.59
CA LEU L 69 -41.47 28.47 9.99
C LEU L 69 -41.09 28.70 8.52
N GLU L 70 -42.12 28.83 7.67
CA GLU L 70 -41.92 29.01 6.23
C GLU L 70 -41.01 27.84 5.82
N GLY L 71 -39.90 28.08 5.13
CA GLY L 71 -39.04 26.98 4.75
C GLY L 71 -37.85 26.81 5.66
N LYS L 72 -37.85 27.44 6.82
CA LYS L 72 -36.66 27.46 7.64
C LYS L 72 -36.94 27.05 9.09
N ALA L 73 -35.87 26.90 9.85
CA ALA L 73 -35.95 26.80 11.30
C ALA L 73 -35.83 28.19 11.89
N ALA L 74 -36.48 28.41 13.02
CA ALA L 74 -36.53 29.75 13.59
C ALA L 74 -36.48 29.71 15.10
N LEU L 75 -35.60 30.53 15.68
CA LEU L 75 -35.59 30.80 17.11
C LEU L 75 -36.35 32.09 17.35
N THR L 76 -37.28 32.05 18.29
CA THR L 76 -38.11 33.20 18.58
C THR L 76 -37.85 33.58 20.02
N ILE L 77 -37.24 34.75 20.21
CA ILE L 77 -37.16 35.36 21.53
C ILE L 77 -38.42 36.18 21.67
N THR L 78 -39.21 35.92 22.69
CA THR L 78 -40.46 36.63 22.83
C THR L 78 -40.52 37.27 24.22
N GLY L 79 -40.34 38.59 24.24
CA GLY L 79 -40.08 39.39 25.43
C GLY L 79 -38.58 39.53 25.59
N ALA L 80 -37.88 39.95 24.52
CA ALA L 80 -36.41 39.93 24.51
C ALA L 80 -35.86 40.84 25.57
N GLN L 81 -34.83 40.38 26.30
CA GLN L 81 -34.32 41.22 27.38
C GLN L 81 -32.86 41.56 27.20
N VAL L 82 -32.45 42.63 27.88
CA VAL L 82 -31.22 43.32 27.50
C VAL L 82 -30.02 42.37 27.50
N GLU L 83 -30.05 41.32 28.34
CA GLU L 83 -28.99 40.31 28.30
C GLU L 83 -28.97 39.53 27.00
N ASP L 84 -30.04 39.56 26.22
CA ASP L 84 -30.15 38.71 25.05
C ASP L 84 -29.50 39.31 23.82
N GLU L 85 -28.99 40.55 23.93
CA GLU L 85 -28.22 41.12 22.85
C GLU L 85 -26.90 40.34 22.76
N ALA L 86 -26.76 39.58 21.68
CA ALA L 86 -25.63 38.69 21.45
C ALA L 86 -25.68 38.32 19.97
N THR L 87 -24.73 37.50 19.52
CA THR L 87 -24.86 36.89 18.20
C THR L 87 -25.31 35.44 18.36
N TYR L 88 -26.30 35.04 17.57
CA TYR L 88 -26.90 33.71 17.64
C TYR L 88 -26.56 32.92 16.37
N PHE L 89 -26.01 31.73 16.56
CA PHE L 89 -25.63 30.82 15.48
C PHE L 89 -26.62 29.67 15.40
N CYS L 90 -27.01 29.31 14.18
CA CYS L 90 -27.79 28.12 13.94
C CYS L 90 -26.94 27.10 13.20
N SER L 91 -27.38 25.86 13.27
CA SER L 91 -26.70 24.82 12.52
C SER L 91 -27.73 23.78 12.10
N LEU L 92 -27.49 23.18 10.95
CA LEU L 92 -28.37 22.14 10.42
C LEU L 92 -27.59 20.85 10.19
N TRP L 93 -28.30 19.74 10.29
CA TRP L 93 -27.76 18.39 10.19
C TRP L 93 -28.19 17.76 8.88
N TYR L 94 -27.21 17.32 8.09
CA TYR L 94 -27.49 16.72 6.80
C TYR L 94 -27.01 15.27 6.82
N SER L 95 -27.64 14.43 7.66
CA SER L 95 -27.32 13.01 7.75
C SER L 95 -25.82 12.74 7.64
N GLY L 96 -25.04 13.17 8.65
CA GLY L 96 -23.62 12.92 8.71
C GLY L 96 -22.75 14.17 8.65
N HIS L 97 -23.26 15.26 8.07
CA HIS L 97 -22.51 16.50 7.93
C HIS L 97 -23.32 17.60 8.60
N LEU L 98 -22.67 18.36 9.47
CA LEU L 98 -23.31 19.46 10.21
C LEU L 98 -22.77 20.76 9.66
N ILE L 99 -23.65 21.64 9.20
CA ILE L 99 -23.23 22.90 8.64
C ILE L 99 -23.77 24.01 9.50
N PHE L 100 -22.91 24.97 9.84
CA PHE L 100 -23.29 26.09 10.68
C PHE L 100 -23.78 27.28 9.87
N GLY L 101 -24.65 28.06 10.47
CA GLY L 101 -25.02 29.32 9.88
C GLY L 101 -23.97 30.36 10.14
N GLY L 102 -24.22 31.56 9.62
CA GLY L 102 -23.29 32.66 9.73
C GLY L 102 -23.46 33.51 10.97
N GLY L 103 -24.55 33.34 11.70
CA GLY L 103 -24.75 34.10 12.90
C GLY L 103 -25.52 35.38 12.66
N THR L 104 -26.56 35.63 13.46
CA THR L 104 -27.30 36.87 13.49
C THR L 104 -26.79 37.73 14.64
N LYS L 105 -26.77 39.05 14.44
CA LYS L 105 -26.30 40.00 15.47
C LYS L 105 -27.56 40.66 16.03
N LEU L 106 -28.08 40.06 17.11
CA LEU L 106 -29.30 40.54 17.72
C LEU L 106 -28.96 41.69 18.66
N THR L 107 -29.58 42.85 18.45
CA THR L 107 -29.49 44.00 19.33
C THR L 107 -30.78 44.14 20.13
N VAL L 108 -30.67 44.47 21.40
CA VAL L 108 -31.84 44.77 22.22
C VAL L 108 -31.60 46.16 22.77
N LYS L 109 -32.27 47.17 22.19
CA LYS L 109 -31.86 48.55 22.47
C LYS L 109 -32.25 48.90 23.90
N ARG L 110 -31.34 48.72 24.85
CA ARG L 110 -31.59 49.26 26.18
C ARG L 110 -31.30 50.77 26.17
N THR L 111 -31.47 51.41 27.32
CA THR L 111 -31.29 52.86 27.36
C THR L 111 -29.82 53.21 27.37
N VAL L 112 -29.47 54.27 26.64
CA VAL L 112 -28.06 54.62 26.40
C VAL L 112 -27.37 54.97 27.70
N ALA L 113 -26.10 54.56 27.82
CA ALA L 113 -25.29 54.78 29.02
C ALA L 113 -23.92 55.25 28.57
N ALA L 114 -23.46 56.38 29.12
CA ALA L 114 -22.24 57.01 28.63
C ALA L 114 -20.99 56.36 29.21
N PRO L 115 -19.88 56.34 28.45
CA PRO L 115 -18.67 55.71 28.96
C PRO L 115 -18.00 56.61 29.97
N SER L 116 -17.52 56.00 31.05
CA SER L 116 -16.49 56.65 31.82
C SER L 116 -15.20 56.38 31.10
N VAL L 117 -14.38 57.40 30.93
CA VAL L 117 -13.17 57.24 30.13
C VAL L 117 -11.95 57.64 30.97
N PHE L 118 -10.95 56.76 30.97
CA PHE L 118 -9.72 56.90 31.76
C PHE L 118 -8.54 56.70 30.83
N ILE L 119 -7.44 57.38 31.14
CA ILE L 119 -6.22 57.27 30.34
C ILE L 119 -5.05 56.97 31.27
N PHE L 120 -4.13 56.12 30.80
CA PHE L 120 -2.98 55.67 31.59
C PHE L 120 -1.67 55.96 30.86
N PRO L 121 -0.76 56.76 31.40
CA PRO L 121 0.48 57.02 30.69
C PRO L 121 1.29 55.74 30.65
N PRO L 122 2.29 55.62 29.77
CA PRO L 122 3.08 54.40 29.73
C PRO L 122 3.83 54.23 31.04
N SER L 123 4.09 52.97 31.40
CA SER L 123 4.72 52.70 32.68
C SER L 123 6.18 53.09 32.66
N ASP L 124 6.72 53.22 33.86
CA ASP L 124 8.12 53.49 34.03
C ASP L 124 8.96 52.30 33.59
N GLU L 125 8.52 51.09 33.98
CA GLU L 125 9.24 49.87 33.59
C GLU L 125 9.25 49.71 32.07
N GLN L 126 8.11 49.95 31.43
CA GLN L 126 8.01 49.65 30.02
C GLN L 126 8.86 50.61 29.21
N LEU L 127 8.91 51.86 29.63
CA LEU L 127 9.68 52.85 28.90
C LEU L 127 11.16 52.48 28.83
N LYS L 128 11.73 52.00 29.93
CA LYS L 128 13.14 51.57 29.89
C LYS L 128 13.39 50.47 28.86
N SER L 129 12.35 49.84 28.33
CA SER L 129 12.50 48.81 27.32
C SER L 129 12.43 49.33 25.89
N GLY L 130 12.25 50.63 25.68
CA GLY L 130 12.22 51.13 24.32
C GLY L 130 10.85 51.21 23.68
N THR L 131 9.82 50.59 24.24
CA THR L 131 8.48 50.86 23.74
C THR L 131 7.68 51.66 24.78
N ALA L 132 6.67 52.36 24.27
CA ALA L 132 5.76 53.12 25.11
C ALA L 132 4.39 52.88 24.57
N SER L 133 3.51 52.31 25.39
CA SER L 133 2.12 52.11 25.01
C SER L 133 1.26 52.93 25.94
N VAL L 134 0.42 53.76 25.36
CA VAL L 134 -0.57 54.53 26.10
C VAL L 134 -1.90 53.82 26.00
N VAL L 135 -2.63 53.72 27.10
CA VAL L 135 -3.85 52.94 27.19
C VAL L 135 -5.00 53.86 27.53
N CYS L 136 -6.14 53.66 26.87
CA CYS L 136 -7.30 54.48 27.10
C CYS L 136 -8.50 53.57 27.31
N LEU L 137 -9.26 53.80 28.40
CA LEU L 137 -10.34 52.90 28.81
C LEU L 137 -11.69 53.59 28.83
N LEU L 138 -12.67 53.00 28.12
CA LEU L 138 -14.05 53.45 28.14
C LEU L 138 -14.88 52.40 28.87
N ASN L 139 -15.48 52.76 29.99
CA ASN L 139 -16.05 51.76 30.89
C ASN L 139 -17.56 51.87 30.98
N ASN L 140 -18.25 50.77 30.68
CA ASN L 140 -19.68 50.59 30.92
C ASN L 140 -20.54 51.55 30.15
N PHE L 141 -20.75 51.27 28.87
CA PHE L 141 -21.55 52.14 28.05
C PHE L 141 -22.51 51.31 27.21
N TYR L 142 -23.49 51.99 26.61
CA TYR L 142 -24.40 51.38 25.65
C TYR L 142 -24.95 52.49 24.79
N PRO L 143 -25.03 52.30 23.48
CA PRO L 143 -24.69 51.08 22.73
C PRO L 143 -23.20 50.87 22.51
N ARG L 144 -22.83 49.69 21.98
CA ARG L 144 -21.44 49.27 21.82
C ARG L 144 -20.70 50.12 20.78
N GLU L 145 -21.42 50.90 19.98
CA GLU L 145 -20.78 51.79 19.03
C GLU L 145 -20.20 53.01 19.74
N ALA L 146 -18.87 53.10 19.76
CA ALA L 146 -18.13 54.27 20.21
C ALA L 146 -16.92 54.43 19.31
N LYS L 147 -16.42 55.66 19.20
CA LYS L 147 -15.23 55.90 18.44
C LYS L 147 -14.21 56.63 19.30
N VAL L 148 -12.96 56.19 19.21
CA VAL L 148 -11.87 56.70 20.02
C VAL L 148 -10.80 57.19 19.07
N GLN L 149 -10.49 58.48 19.11
CA GLN L 149 -9.46 59.03 18.23
C GLN L 149 -8.34 59.57 19.06
N TRP L 150 -7.11 59.12 18.77
CA TRP L 150 -5.94 59.51 19.53
C TRP L 150 -5.28 60.73 18.89
N LYS L 151 -4.98 61.74 19.70
CA LYS L 151 -4.26 62.92 19.26
C LYS L 151 -2.98 62.98 20.07
N VAL L 152 -1.84 63.05 19.40
CA VAL L 152 -0.56 63.29 20.03
C VAL L 152 -0.13 64.68 19.62
N ASP L 153 -0.19 65.65 20.53
CA ASP L 153 0.28 67.01 20.25
C ASP L 153 -0.41 67.61 19.03
N ASN L 154 -1.74 67.65 19.02
CA ASN L 154 -2.45 68.18 17.84
C ASN L 154 -2.16 67.35 16.59
N ALA L 155 -1.70 66.12 16.72
CA ALA L 155 -1.56 65.25 15.55
C ALA L 155 -2.57 64.11 15.69
N LEU L 156 -3.61 64.13 14.88
CA LEU L 156 -4.58 63.04 14.87
C LEU L 156 -3.83 61.77 14.47
N GLN L 157 -4.02 60.68 15.21
CA GLN L 157 -3.29 59.46 14.88
C GLN L 157 -4.25 58.42 14.31
N SER L 158 -3.74 57.60 13.40
CA SER L 158 -4.56 56.54 12.85
C SER L 158 -3.64 55.42 12.40
N GLY L 159 -3.94 54.20 12.84
CA GLY L 159 -3.14 53.07 12.43
C GLY L 159 -2.02 52.68 13.38
N ASN L 160 -1.85 53.39 14.49
CA ASN L 160 -0.95 52.94 15.56
C ASN L 160 -1.70 52.55 16.84
N SER L 161 -3.02 52.37 16.74
CA SER L 161 -3.89 52.00 17.86
C SER L 161 -4.55 50.66 17.55
N GLN L 162 -4.94 49.95 18.61
CA GLN L 162 -5.77 48.75 18.50
C GLN L 162 -6.82 48.78 19.61
N GLU L 163 -8.02 48.31 19.33
CA GLU L 163 -9.09 48.34 20.30
C GLU L 163 -9.50 46.93 20.68
N SER L 164 -10.33 46.86 21.71
CA SER L 164 -10.84 45.59 22.18
C SER L 164 -12.09 45.88 23.00
N VAL L 165 -13.14 45.08 22.80
CA VAL L 165 -14.41 45.30 23.48
C VAL L 165 -14.66 44.09 24.35
N THR L 166 -15.22 44.30 25.56
CA THR L 166 -15.70 43.17 26.35
C THR L 166 -17.09 43.46 26.90
N GLU L 167 -17.84 42.40 27.20
CA GLU L 167 -19.13 42.51 27.86
C GLU L 167 -19.00 42.40 29.38
N GLN L 168 -20.11 42.67 30.07
CA GLN L 168 -20.31 42.25 31.45
C GLN L 168 -21.82 42.10 31.67
N ASP L 169 -22.21 40.93 32.17
CA ASP L 169 -23.51 40.64 32.79
C ASP L 169 -24.10 41.77 33.66
N SER L 173 -25.70 44.87 31.71
CA SER L 173 -25.25 44.38 30.39
C SER L 173 -24.76 45.47 29.42
N THR L 174 -23.75 46.22 29.85
CA THR L 174 -23.08 47.24 29.04
C THR L 174 -21.71 46.75 28.61
N TYR L 175 -21.10 47.51 27.70
CA TYR L 175 -19.79 47.21 27.14
C TYR L 175 -18.72 48.07 27.77
N SER L 176 -17.49 47.60 27.65
CA SER L 176 -16.34 48.43 27.92
C SER L 176 -15.38 48.22 26.77
N LEU L 177 -14.56 49.24 26.53
CA LEU L 177 -13.71 49.27 25.36
C LEU L 177 -12.37 49.80 25.85
N SER L 178 -11.30 49.18 25.37
CA SER L 178 -9.96 49.60 25.75
C SER L 178 -9.16 49.70 24.47
N SER L 179 -8.56 50.87 24.23
CA SER L 179 -7.69 51.08 23.09
C SER L 179 -6.31 51.49 23.55
N THR L 180 -5.29 50.99 22.85
CA THR L 180 -3.88 51.18 23.18
C THR L 180 -3.17 51.86 22.03
N LEU L 181 -2.51 52.97 22.31
CA LEU L 181 -1.69 53.65 21.32
C LEU L 181 -0.25 53.25 21.60
N THR L 182 0.45 52.77 20.58
CA THR L 182 1.81 52.27 20.78
C THR L 182 2.78 53.05 19.91
N LEU L 183 3.79 53.59 20.58
CA LEU L 183 4.88 54.40 20.06
C LEU L 183 6.21 53.89 20.56
N SER L 184 7.27 54.16 19.80
CA SER L 184 8.60 53.91 20.28
C SER L 184 8.93 54.89 21.38
N LYS L 185 9.70 54.44 22.37
CA LYS L 185 10.03 55.35 23.47
C LYS L 185 10.71 56.60 22.94
N ALA L 186 11.46 56.45 21.84
CA ALA L 186 12.06 57.59 21.15
C ALA L 186 11.00 58.57 20.68
N ASP L 187 10.03 58.11 19.89
CA ASP L 187 8.97 59.00 19.44
C ASP L 187 8.13 59.49 20.60
N TYR L 188 8.08 58.71 21.69
CA TYR L 188 7.25 59.08 22.82
C TYR L 188 7.72 60.39 23.43
N GLU L 189 9.01 60.69 23.32
CA GLU L 189 9.54 61.87 24.00
C GLU L 189 9.69 63.08 23.09
N LYS L 190 9.41 62.96 21.80
CA LYS L 190 9.48 64.14 20.95
C LYS L 190 8.30 65.04 21.27
N HIS L 191 7.26 64.45 21.88
CA HIS L 191 5.96 65.10 22.12
C HIS L 191 5.54 64.84 23.56
N LYS L 192 4.44 65.54 23.97
CA LYS L 192 4.09 65.36 25.36
C LYS L 192 2.67 65.77 25.76
N VAL L 193 1.79 66.19 24.85
CA VAL L 193 0.37 66.07 25.13
C VAL L 193 -0.12 64.82 24.45
N TYR L 194 -0.62 63.88 25.23
CA TYR L 194 -1.21 62.65 24.73
C TYR L 194 -2.67 62.69 25.10
N ALA L 195 -3.54 62.59 24.11
CA ALA L 195 -4.94 62.81 24.34
C ALA L 195 -5.71 61.66 23.70
N CYS L 196 -6.78 61.27 24.38
CA CYS L 196 -7.72 60.24 23.95
C CYS L 196 -9.06 60.95 23.81
N GLU L 197 -9.62 60.97 22.60
CA GLU L 197 -10.85 61.72 22.36
C GLU L 197 -11.97 60.74 22.04
N VAL L 198 -12.97 60.66 22.93
CA VAL L 198 -14.02 59.65 22.86
C VAL L 198 -15.29 60.34 22.42
N THR L 199 -15.92 59.78 21.39
CA THR L 199 -17.23 60.20 20.90
C THR L 199 -18.20 59.05 21.10
N HIS L 200 -19.40 59.35 21.61
CA HIS L 200 -20.35 58.28 21.85
C HIS L 200 -21.75 58.85 22.02
N GLN L 201 -22.75 58.01 21.80
CA GLN L 201 -24.12 58.51 21.83
C GLN L 201 -24.48 59.13 23.18
N GLY L 202 -23.93 58.62 24.27
CA GLY L 202 -24.22 59.15 25.58
C GLY L 202 -23.48 60.41 26.01
N LEU L 203 -22.57 60.90 25.19
CA LEU L 203 -21.83 62.11 25.48
C LEU L 203 -22.45 63.21 24.64
N SER L 204 -22.76 64.36 25.26
CA SER L 204 -23.34 65.46 24.50
C SER L 204 -22.43 65.87 23.36
N SER L 205 -21.18 66.17 23.71
CA SER L 205 -20.06 66.50 22.85
C SER L 205 -18.90 65.61 23.24
N PRO L 206 -17.99 65.30 22.32
CA PRO L 206 -16.89 64.37 22.65
C PRO L 206 -16.13 64.77 23.91
N VAL L 207 -15.80 63.78 24.74
CA VAL L 207 -14.96 64.05 25.90
C VAL L 207 -13.53 63.67 25.54
N THR L 208 -12.57 64.44 26.05
CA THR L 208 -11.16 64.14 25.86
C THR L 208 -10.47 64.12 27.21
N LYS L 209 -9.82 63.00 27.52
CA LYS L 209 -8.92 62.88 28.65
C LYS L 209 -7.52 62.82 28.08
N SER L 210 -6.62 63.61 28.65
CA SER L 210 -5.28 63.71 28.12
C SER L 210 -4.30 63.79 29.29
N PHE L 211 -3.01 63.80 28.99
CA PHE L 211 -2.00 64.01 30.02
C PHE L 211 -0.75 64.55 29.34
N ASN L 212 0.22 64.93 30.16
CA ASN L 212 1.47 65.50 29.69
C ASN L 212 2.65 64.64 30.13
N ARG L 213 3.52 64.29 29.19
CA ARG L 213 4.62 63.38 29.47
C ARG L 213 5.47 63.81 30.67
N GLY L 214 5.08 63.45 31.89
CA GLY L 214 5.81 63.84 33.10
C GLY L 214 4.96 64.66 34.06
#